data_6XKC
#
_entry.id   6XKC
#
_cell.length_a   97.003
_cell.length_b   97.003
_cell.length_c   148.341
_cell.angle_alpha   90.000
_cell.angle_beta   90.000
_cell.angle_gamma   120.000
#
_symmetry.space_group_name_H-M   'P 31'
#
loop_
_entity.id
_entity.type
_entity.pdbx_description
1 polymer 'Protein fem-1 homolog C'
2 water water
#
_entity_poly.entity_id   1
_entity_poly.type   'polypeptide(L)'
_entity_poly.pdbx_seq_one_letter_code
;GSMDLKTAVFNAARDGKLRLLTKLLASKSKEEVSSLISEKTNGATPLLMAARYGHLDMVEFLLEQCSASIEVGGSVNFDG
ETIEGAPPLWAASAAGHLKVVQSLLNHGASVNNTTLTNSTPLRAACFDGHLEIVKYLVEHKADLEVSNRHGHTCLMISCY
KGHKEIAQYLLEKGADVNRKSVKGNTALHDCAESGSLDIMKMLLMYCAKMEKDGYGMTPLLSASVTGHTNIVDFLTHHAQ
TSKTER
;
_entity_poly.pdbx_strand_id   A,B,C,D,E,F
#
# COMPACT_ATOMS: atom_id res chain seq x y z
N ASP A 4 -23.21 -40.56 52.15
CA ASP A 4 -22.97 -41.42 50.98
C ASP A 4 -21.51 -41.85 50.90
N LEU A 5 -21.28 -43.16 50.61
CA LEU A 5 -19.94 -43.75 50.43
C LEU A 5 -19.27 -43.16 49.19
N LYS A 6 -20.05 -42.91 48.12
CA LYS A 6 -19.59 -42.30 46.86
C LYS A 6 -18.92 -40.94 47.14
N THR A 7 -19.50 -40.14 48.06
CA THR A 7 -18.99 -38.84 48.50
C THR A 7 -17.68 -39.02 49.31
N ALA A 8 -17.66 -40.01 50.25
CA ALA A 8 -16.50 -40.34 51.10
C ALA A 8 -15.28 -40.78 50.26
N VAL A 9 -15.54 -41.54 49.17
CA VAL A 9 -14.56 -42.04 48.19
C VAL A 9 -13.99 -40.83 47.41
N PHE A 10 -14.87 -39.89 47.01
CA PHE A 10 -14.51 -38.69 46.27
C PHE A 10 -13.56 -37.79 47.09
N ASN A 11 -13.94 -37.46 48.35
CA ASN A 11 -13.13 -36.62 49.25
C ASN A 11 -11.74 -37.21 49.48
N ALA A 12 -11.67 -38.53 49.74
CA ALA A 12 -10.43 -39.28 49.97
C ALA A 12 -9.50 -39.21 48.75
N ALA A 13 -10.05 -39.35 47.53
CA ALA A 13 -9.25 -39.27 46.30
C ALA A 13 -8.74 -37.83 46.10
N ARG A 14 -9.59 -36.82 46.33
CA ARG A 14 -9.28 -35.40 46.22
C ARG A 14 -8.17 -34.98 47.21
N ASP A 15 -8.28 -35.44 48.47
CA ASP A 15 -7.31 -35.12 49.54
C ASP A 15 -6.10 -36.06 49.53
N GLY A 16 -6.11 -37.07 48.64
CA GLY A 16 -5.03 -38.04 48.50
C GLY A 16 -4.88 -39.01 49.66
N LYS A 17 -5.95 -39.17 50.46
CA LYS A 17 -6.00 -40.06 51.62
C LYS A 17 -6.20 -41.51 51.15
N LEU A 18 -5.11 -42.15 50.70
CA LEU A 18 -5.11 -43.51 50.17
C LEU A 18 -5.44 -44.56 51.26
N ARG A 19 -5.05 -44.30 52.51
CA ARG A 19 -5.30 -45.17 53.65
C ARG A 19 -6.80 -45.32 53.94
N LEU A 20 -7.53 -44.18 54.04
CA LEU A 20 -8.97 -44.13 54.32
C LEU A 20 -9.83 -44.75 53.19
N LEU A 21 -9.43 -44.54 51.92
CA LEU A 21 -10.15 -45.03 50.74
C LEU A 21 -10.23 -46.56 50.69
N THR A 22 -9.14 -47.25 51.07
CA THR A 22 -9.06 -48.71 51.06
C THR A 22 -9.93 -49.32 52.18
N LYS A 23 -10.14 -48.59 53.29
CA LYS A 23 -11.02 -49.02 54.38
C LYS A 23 -12.47 -48.84 53.93
N LEU A 24 -12.72 -47.87 53.04
CA LEU A 24 -14.02 -47.59 52.45
C LEU A 24 -14.37 -48.64 51.38
N LEU A 25 -13.37 -49.03 50.54
CA LEU A 25 -13.55 -50.04 49.47
C LEU A 25 -13.12 -51.45 49.97
N ALA A 26 -13.30 -51.70 51.27
CA ALA A 26 -12.92 -52.94 51.94
C ALA A 26 -13.75 -54.15 51.48
N SER A 27 -15.05 -54.22 51.84
CA SER A 27 -15.92 -55.37 51.53
C SER A 27 -16.64 -55.28 50.17
N LYS A 28 -16.28 -54.27 49.34
CA LYS A 28 -16.89 -54.07 48.03
C LYS A 28 -16.17 -54.88 46.95
N SER A 29 -16.93 -55.55 46.06
CA SER A 29 -16.38 -56.32 44.95
C SER A 29 -15.74 -55.39 43.90
N LYS A 30 -14.86 -55.96 43.03
CA LYS A 30 -14.20 -55.23 41.93
C LYS A 30 -15.20 -54.49 41.03
N GLU A 31 -16.43 -55.03 40.90
CA GLU A 31 -17.54 -54.45 40.12
C GLU A 31 -18.10 -53.21 40.83
N GLU A 32 -18.26 -53.30 42.17
CA GLU A 32 -18.76 -52.22 43.02
C GLU A 32 -17.74 -51.10 43.09
N VAL A 33 -16.45 -51.44 43.27
CA VAL A 33 -15.34 -50.47 43.30
C VAL A 33 -15.31 -49.70 41.99
N SER A 34 -15.32 -50.42 40.84
CA SER A 34 -15.31 -49.88 39.48
C SER A 34 -16.40 -48.82 39.27
N SER A 35 -17.65 -49.12 39.67
CA SER A 35 -18.80 -48.23 39.57
C SER A 35 -18.68 -47.01 40.49
N LEU A 36 -18.15 -47.20 41.71
CA LEU A 36 -17.98 -46.13 42.71
C LEU A 36 -16.87 -45.13 42.35
N ILE A 37 -15.72 -45.65 41.85
CA ILE A 37 -14.52 -44.89 41.50
C ILE A 37 -14.72 -44.12 40.17
N SER A 38 -15.75 -44.48 39.37
CA SER A 38 -16.04 -43.84 38.09
C SER A 38 -17.17 -42.81 38.19
N GLU A 39 -17.88 -42.76 39.35
CA GLU A 39 -19.01 -41.85 39.58
C GLU A 39 -18.56 -40.41 39.77
N LYS A 40 -19.39 -39.46 39.33
CA LYS A 40 -19.12 -38.02 39.45
C LYS A 40 -19.78 -37.39 40.67
N THR A 41 -19.04 -36.48 41.31
CA THR A 41 -19.46 -35.67 42.46
C THR A 41 -18.94 -34.26 42.17
N ASN A 42 -19.83 -33.25 42.25
CA ASN A 42 -19.55 -31.83 41.95
C ASN A 42 -19.08 -31.66 40.48
N GLY A 43 -19.57 -32.56 39.62
CA GLY A 43 -19.26 -32.59 38.20
C GLY A 43 -17.89 -33.15 37.87
N ALA A 44 -17.22 -33.80 38.84
CA ALA A 44 -15.88 -34.37 38.67
C ALA A 44 -15.77 -35.80 39.23
N THR A 45 -14.86 -36.59 38.65
CA THR A 45 -14.57 -37.97 39.07
C THR A 45 -13.44 -37.97 40.12
N PRO A 46 -13.31 -39.03 40.95
CA PRO A 46 -12.20 -39.09 41.92
C PRO A 46 -10.81 -38.99 41.25
N LEU A 47 -10.61 -39.63 40.08
CA LEU A 47 -9.34 -39.61 39.33
C LEU A 47 -8.98 -38.19 38.85
N LEU A 48 -9.97 -37.43 38.36
CA LEU A 48 -9.73 -36.05 37.91
C LEU A 48 -9.22 -35.19 39.07
N MET A 49 -9.83 -35.35 40.27
CA MET A 49 -9.47 -34.63 41.49
C MET A 49 -8.09 -35.06 42.01
N ALA A 50 -7.76 -36.37 41.93
CA ALA A 50 -6.44 -36.88 42.34
C ALA A 50 -5.35 -36.32 41.42
N ALA A 51 -5.64 -36.22 40.10
CA ALA A 51 -4.74 -35.69 39.06
C ALA A 51 -4.53 -34.19 39.20
N ARG A 52 -5.63 -33.44 39.42
CA ARG A 52 -5.64 -32.00 39.61
C ARG A 52 -4.79 -31.56 40.83
N TYR A 53 -4.80 -32.34 41.94
CA TYR A 53 -4.05 -31.97 43.13
C TYR A 53 -2.75 -32.80 43.32
N GLY A 54 -2.30 -33.43 42.24
CA GLY A 54 -1.04 -34.15 42.15
C GLY A 54 -0.72 -35.22 43.17
N HIS A 55 -1.69 -36.09 43.44
CA HIS A 55 -1.51 -37.21 44.36
C HIS A 55 -1.16 -38.43 43.50
N LEU A 56 0.15 -38.61 43.21
CA LEU A 56 0.70 -39.69 42.37
C LEU A 56 0.33 -41.12 42.88
N ASP A 57 0.37 -41.38 44.21
CA ASP A 57 0.00 -42.71 44.73
C ASP A 57 -1.48 -42.99 44.46
N MET A 58 -2.35 -42.00 44.72
CA MET A 58 -3.80 -42.06 44.50
C MET A 58 -4.14 -42.35 43.03
N VAL A 59 -3.52 -41.61 42.07
CA VAL A 59 -3.75 -41.76 40.63
C VAL A 59 -3.47 -43.23 40.20
N GLU A 60 -2.29 -43.76 40.59
CA GLU A 60 -1.85 -45.14 40.31
C GLU A 60 -2.89 -46.16 40.77
N PHE A 61 -3.44 -45.96 41.99
CA PHE A 61 -4.44 -46.83 42.61
C PHE A 61 -5.78 -46.81 41.87
N LEU A 62 -6.32 -45.61 41.58
CA LEU A 62 -7.61 -45.44 40.92
C LEU A 62 -7.59 -46.00 39.50
N LEU A 63 -6.46 -45.82 38.78
CA LEU A 63 -6.27 -46.35 37.43
C LEU A 63 -6.14 -47.88 37.45
N GLU A 64 -5.63 -48.45 38.56
CA GLU A 64 -5.48 -49.91 38.73
C GLU A 64 -6.85 -50.56 38.96
N GLN A 65 -7.85 -49.76 39.40
CA GLN A 65 -9.22 -50.18 39.68
C GLN A 65 -10.13 -49.97 38.45
N CYS A 66 -9.98 -48.82 37.77
CA CYS A 66 -10.76 -48.47 36.57
C CYS A 66 -9.88 -47.67 35.58
N SER A 67 -9.61 -48.27 34.40
CA SER A 67 -8.79 -47.68 33.34
C SER A 67 -9.57 -46.72 32.43
N ALA A 68 -10.87 -47.01 32.18
CA ALA A 68 -11.74 -46.21 31.29
C ALA A 68 -11.97 -44.77 31.78
N SER A 69 -11.79 -44.52 33.08
CA SER A 69 -11.95 -43.22 33.74
C SER A 69 -10.89 -42.18 33.30
N ILE A 70 -9.76 -42.65 32.72
CA ILE A 70 -8.59 -41.86 32.29
C ILE A 70 -8.95 -40.70 31.32
N GLU A 71 -10.04 -40.80 30.54
CA GLU A 71 -10.39 -39.73 29.59
C GLU A 71 -11.62 -38.92 30.01
N VAL A 72 -12.29 -39.30 31.11
CA VAL A 72 -13.51 -38.61 31.55
C VAL A 72 -13.19 -37.17 32.00
N GLY A 73 -13.79 -36.21 31.29
CA GLY A 73 -13.65 -34.79 31.58
C GLY A 73 -14.68 -34.34 32.61
N GLY A 74 -14.27 -33.42 33.47
CA GLY A 74 -15.13 -32.86 34.51
C GLY A 74 -14.78 -31.45 34.94
N SER A 75 -15.49 -30.94 35.98
CA SER A 75 -15.27 -29.57 36.49
C SER A 75 -14.05 -29.49 37.41
N VAL A 76 -13.20 -28.49 37.17
CA VAL A 76 -12.01 -28.20 37.98
C VAL A 76 -11.94 -26.71 38.27
N ASN A 77 -11.37 -26.33 39.41
CA ASN A 77 -11.22 -24.93 39.80
C ASN A 77 -9.77 -24.47 39.61
N PHE A 78 -9.60 -23.35 38.90
CA PHE A 78 -8.31 -22.71 38.64
C PHE A 78 -8.48 -21.21 38.73
N ASP A 79 -7.80 -20.57 39.72
CA ASP A 79 -7.78 -19.12 39.97
C ASP A 79 -9.21 -18.52 40.09
N GLY A 80 -10.08 -19.23 40.83
CA GLY A 80 -11.46 -18.85 41.04
C GLY A 80 -12.40 -19.45 40.00
N GLU A 81 -12.01 -19.37 38.70
CA GLU A 81 -12.77 -19.86 37.55
C GLU A 81 -12.90 -21.39 37.53
N THR A 82 -14.07 -21.89 37.08
CA THR A 82 -14.39 -23.31 36.97
C THR A 82 -14.30 -23.75 35.49
N ILE A 83 -13.30 -24.58 35.15
CA ILE A 83 -13.07 -25.13 33.80
C ILE A 83 -13.91 -26.41 33.65
N GLU A 84 -14.62 -26.56 32.52
CA GLU A 84 -15.51 -27.72 32.30
C GLU A 84 -14.95 -28.70 31.27
N GLY A 85 -15.24 -29.98 31.47
CA GLY A 85 -14.81 -31.05 30.57
C GLY A 85 -13.31 -31.27 30.50
N ALA A 86 -12.60 -30.92 31.57
CA ALA A 86 -11.15 -31.11 31.67
C ALA A 86 -10.81 -32.57 31.97
N PRO A 87 -10.07 -33.30 31.10
CA PRO A 87 -9.68 -34.68 31.46
C PRO A 87 -8.54 -34.65 32.49
N PRO A 88 -8.24 -35.77 33.19
CA PRO A 88 -7.15 -35.76 34.20
C PRO A 88 -5.80 -35.22 33.70
N LEU A 89 -5.40 -35.57 32.47
CA LEU A 89 -4.13 -35.17 31.88
C LEU A 89 -4.04 -33.65 31.74
N TRP A 90 -5.15 -32.99 31.36
CA TRP A 90 -5.20 -31.53 31.23
C TRP A 90 -4.97 -30.84 32.58
N ALA A 91 -5.71 -31.27 33.62
CA ALA A 91 -5.68 -30.73 34.98
C ALA A 91 -4.29 -30.85 35.63
N ALA A 92 -3.64 -32.03 35.48
CA ALA A 92 -2.28 -32.31 35.99
C ALA A 92 -1.23 -31.44 35.27
N SER A 93 -1.44 -31.17 33.96
CA SER A 93 -0.57 -30.33 33.13
C SER A 93 -0.65 -28.89 33.59
N ALA A 94 -1.89 -28.39 33.79
CA ALA A 94 -2.19 -27.02 34.20
C ALA A 94 -1.66 -26.73 35.61
N ALA A 95 -1.81 -27.69 36.54
CA ALA A 95 -1.37 -27.57 37.94
C ALA A 95 0.14 -27.85 38.12
N GLY A 96 0.81 -28.28 37.04
CA GLY A 96 2.24 -28.54 37.02
C GLY A 96 2.75 -29.77 37.74
N HIS A 97 1.96 -30.85 37.77
CA HIS A 97 2.33 -32.11 38.41
C HIS A 97 2.93 -33.07 37.36
N LEU A 98 4.28 -33.00 37.20
CA LEU A 98 5.04 -33.76 36.19
C LEU A 98 4.93 -35.27 36.38
N LYS A 99 5.17 -35.80 37.61
CA LYS A 99 5.06 -37.24 37.86
C LYS A 99 3.67 -37.78 37.50
N VAL A 100 2.61 -36.98 37.80
CA VAL A 100 1.22 -37.35 37.54
C VAL A 100 0.98 -37.33 36.02
N VAL A 101 1.56 -36.35 35.29
CA VAL A 101 1.46 -36.25 33.82
C VAL A 101 2.14 -37.47 33.19
N GLN A 102 3.37 -37.79 33.65
CA GLN A 102 4.17 -38.94 33.21
C GLN A 102 3.44 -40.26 33.44
N SER A 103 2.81 -40.42 34.62
CA SER A 103 2.05 -41.61 35.00
C SER A 103 0.83 -41.82 34.09
N LEU A 104 0.07 -40.74 33.84
CA LEU A 104 -1.13 -40.80 33.01
C LEU A 104 -0.78 -41.18 31.57
N LEU A 105 0.32 -40.65 31.00
CA LEU A 105 0.78 -41.00 29.65
C LEU A 105 1.30 -42.46 29.60
N ASN A 106 1.97 -42.93 30.68
CA ASN A 106 2.46 -44.32 30.77
C ASN A 106 1.26 -45.30 30.85
N HIS A 107 0.10 -44.80 31.31
CA HIS A 107 -1.14 -45.56 31.44
C HIS A 107 -2.03 -45.45 30.17
N GLY A 108 -1.50 -44.80 29.12
CA GLY A 108 -2.18 -44.64 27.84
C GLY A 108 -3.11 -43.46 27.64
N ALA A 109 -2.94 -42.37 28.43
CA ALA A 109 -3.80 -41.18 28.27
C ALA A 109 -3.58 -40.49 26.93
N SER A 110 -4.66 -39.95 26.35
CA SER A 110 -4.61 -39.24 25.08
C SER A 110 -3.98 -37.85 25.26
N VAL A 111 -2.79 -37.67 24.67
CA VAL A 111 -1.97 -36.45 24.74
C VAL A 111 -2.71 -35.22 24.16
N ASN A 112 -3.67 -35.42 23.25
CA ASN A 112 -4.39 -34.31 22.61
C ASN A 112 -5.88 -34.21 23.02
N ASN A 113 -6.28 -34.88 24.13
CA ASN A 113 -7.67 -34.77 24.61
C ASN A 113 -7.82 -33.40 25.28
N THR A 114 -8.81 -32.64 24.85
CA THR A 114 -9.00 -31.26 25.26
C THR A 114 -10.14 -31.03 26.26
N THR A 115 -10.22 -29.78 26.80
CA THR A 115 -11.33 -29.34 27.65
C THR A 115 -12.50 -29.07 26.70
N LEU A 116 -13.63 -28.53 27.21
CA LEU A 116 -14.78 -28.20 26.36
C LEU A 116 -14.52 -26.94 25.52
N THR A 117 -13.43 -26.17 25.82
CA THR A 117 -13.05 -24.96 25.07
C THR A 117 -11.82 -25.24 24.15
N ASN A 118 -11.57 -26.52 23.83
CA ASN A 118 -10.54 -27.06 22.92
C ASN A 118 -9.10 -26.73 23.43
N SER A 119 -8.91 -26.67 24.76
CA SER A 119 -7.57 -26.44 25.32
C SER A 119 -6.87 -27.77 25.54
N THR A 120 -5.68 -27.93 24.93
CA THR A 120 -4.88 -29.16 25.10
C THR A 120 -4.09 -29.14 26.42
N PRO A 121 -3.62 -30.33 26.91
CA PRO A 121 -2.72 -30.33 28.07
C PRO A 121 -1.46 -29.51 27.79
N LEU A 122 -0.98 -29.49 26.52
CA LEU A 122 0.18 -28.70 26.11
C LEU A 122 -0.06 -27.21 26.35
N ARG A 123 -1.27 -26.71 26.00
CA ARG A 123 -1.64 -25.30 26.20
C ARG A 123 -1.79 -25.02 27.71
N ALA A 124 -2.41 -25.95 28.44
CA ALA A 124 -2.61 -25.93 29.89
C ALA A 124 -1.28 -25.71 30.62
N ALA A 125 -0.22 -26.46 30.24
CA ALA A 125 1.12 -26.38 30.83
C ALA A 125 1.85 -25.07 30.49
N CYS A 126 1.61 -24.54 29.28
CA CYS A 126 2.16 -23.29 28.75
C CYS A 126 1.67 -22.07 29.54
N PHE A 127 0.39 -22.06 29.96
CA PHE A 127 -0.22 -20.93 30.69
C PHE A 127 0.60 -20.55 31.93
N ASP A 128 0.81 -21.49 32.87
CA ASP A 128 1.55 -21.20 34.10
C ASP A 128 3.07 -21.41 33.97
N GLY A 129 3.53 -21.84 32.81
CA GLY A 129 4.95 -22.01 32.53
C GLY A 129 5.64 -23.20 33.17
N HIS A 130 5.14 -24.42 32.92
CA HIS A 130 5.73 -25.67 33.41
C HIS A 130 6.54 -26.30 32.27
N LEU A 131 7.81 -25.85 32.11
CA LEU A 131 8.73 -26.21 31.02
C LEU A 131 8.93 -27.73 30.86
N GLU A 132 9.16 -28.46 31.96
CA GLU A 132 9.40 -29.91 31.91
C GLU A 132 8.17 -30.66 31.38
N ILE A 133 6.96 -30.23 31.77
CA ILE A 133 5.72 -30.83 31.30
C ILE A 133 5.55 -30.54 29.79
N VAL A 134 5.89 -29.30 29.37
CA VAL A 134 5.83 -28.87 27.97
C VAL A 134 6.73 -29.78 27.11
N LYS A 135 7.99 -29.99 27.52
CA LYS A 135 8.94 -30.85 26.81
C LYS A 135 8.51 -32.31 26.78
N TYR A 136 7.97 -32.84 27.91
CA TYR A 136 7.51 -34.23 28.02
C TYR A 136 6.32 -34.49 27.08
N LEU A 137 5.32 -33.58 27.08
CA LEU A 137 4.13 -33.68 26.23
C LEU A 137 4.51 -33.62 24.75
N VAL A 138 5.38 -32.65 24.35
CA VAL A 138 5.87 -32.50 22.97
C VAL A 138 6.60 -33.78 22.53
N GLU A 139 7.43 -34.38 23.41
CA GLU A 139 8.16 -35.61 23.11
C GLU A 139 7.24 -36.84 23.17
N HIS A 140 6.00 -36.66 23.68
CA HIS A 140 4.98 -37.70 23.69
C HIS A 140 3.82 -37.35 22.71
N LYS A 141 4.23 -36.76 21.55
CA LYS A 141 3.47 -36.45 20.33
C LYS A 141 2.31 -35.43 20.49
N ALA A 142 2.44 -34.44 21.41
CA ALA A 142 1.44 -33.38 21.55
C ALA A 142 1.46 -32.48 20.31
N ASP A 143 0.27 -32.22 19.75
CA ASP A 143 0.09 -31.35 18.59
C ASP A 143 0.29 -29.89 19.04
N LEU A 144 1.33 -29.23 18.52
CA LEU A 144 1.66 -27.83 18.85
C LEU A 144 0.64 -26.85 18.27
N GLU A 145 -0.11 -27.26 17.22
CA GLU A 145 -0.97 -26.35 16.47
C GLU A 145 -2.48 -26.38 16.86
N VAL A 146 -2.89 -27.19 17.85
CA VAL A 146 -4.29 -27.18 18.29
C VAL A 146 -4.45 -25.93 19.17
N SER A 147 -5.32 -25.02 18.76
CA SER A 147 -5.60 -23.76 19.48
C SER A 147 -6.92 -23.88 20.22
N ASN A 148 -7.14 -23.04 21.24
CA ASN A 148 -8.39 -23.07 22.02
C ASN A 148 -9.53 -22.44 21.20
N ARG A 149 -10.75 -22.29 21.76
CA ARG A 149 -11.91 -21.74 21.05
C ARG A 149 -11.68 -20.30 20.52
N HIS A 150 -10.75 -19.52 21.10
CA HIS A 150 -10.48 -18.17 20.60
C HIS A 150 -9.37 -18.15 19.51
N GLY A 151 -8.84 -19.32 19.16
CA GLY A 151 -7.77 -19.45 18.17
C GLY A 151 -6.41 -19.12 18.75
N HIS A 152 -6.30 -19.05 20.09
CA HIS A 152 -5.05 -18.75 20.80
C HIS A 152 -4.21 -20.02 20.96
N THR A 153 -2.99 -20.02 20.39
CA THR A 153 -2.07 -21.16 20.39
C THR A 153 -1.19 -21.21 21.63
N CYS A 154 -0.44 -22.31 21.79
CA CYS A 154 0.54 -22.52 22.85
C CYS A 154 1.62 -21.49 22.74
N LEU A 155 2.08 -21.21 21.49
CA LEU A 155 3.09 -20.18 21.24
C LEU A 155 2.58 -18.83 21.67
N MET A 156 1.31 -18.51 21.36
CA MET A 156 0.71 -17.22 21.71
C MET A 156 0.67 -16.99 23.23
N ILE A 157 0.11 -17.95 24.02
CA ILE A 157 -0.01 -17.80 25.47
C ILE A 157 1.40 -17.74 26.10
N SER A 158 2.37 -18.55 25.58
CA SER A 158 3.76 -18.53 26.05
C SER A 158 4.35 -17.14 25.88
N CYS A 159 4.12 -16.51 24.71
CA CYS A 159 4.56 -15.16 24.39
C CYS A 159 3.87 -14.11 25.28
N TYR A 160 2.59 -14.29 25.56
CA TYR A 160 1.79 -13.40 26.40
C TYR A 160 2.22 -13.43 27.87
N LYS A 161 2.57 -14.62 28.40
CA LYS A 161 2.94 -14.77 29.81
C LYS A 161 4.44 -14.54 30.03
N GLY A 162 5.19 -14.29 28.97
CA GLY A 162 6.63 -14.04 29.01
C GLY A 162 7.48 -15.26 29.31
N HIS A 163 7.04 -16.45 28.90
CA HIS A 163 7.83 -17.69 29.12
C HIS A 163 8.84 -17.86 27.98
N LYS A 164 10.04 -17.26 28.18
CA LYS A 164 11.15 -17.23 27.23
C LYS A 164 11.62 -18.62 26.81
N GLU A 165 11.98 -19.49 27.79
CA GLU A 165 12.46 -20.84 27.52
C GLU A 165 11.38 -21.67 26.80
N ILE A 166 10.10 -21.58 27.23
CA ILE A 166 9.00 -22.33 26.61
C ILE A 166 8.79 -21.89 25.16
N ALA A 167 8.77 -20.56 24.88
CA ALA A 167 8.62 -20.02 23.52
C ALA A 167 9.76 -20.51 22.62
N GLN A 168 11.01 -20.47 23.14
CA GLN A 168 12.23 -20.94 22.49
C GLN A 168 12.13 -22.43 22.11
N TYR A 169 11.62 -23.26 23.03
CA TYR A 169 11.45 -24.70 22.79
C TYR A 169 10.38 -24.95 21.73
N LEU A 170 9.25 -24.22 21.78
CA LEU A 170 8.15 -24.37 20.84
C LEU A 170 8.58 -24.04 19.41
N LEU A 171 9.35 -22.94 19.23
CA LEU A 171 9.91 -22.53 17.93
C LEU A 171 10.88 -23.57 17.39
N GLU A 172 11.79 -24.09 18.25
CA GLU A 172 12.78 -25.09 17.85
C GLU A 172 12.09 -26.40 17.45
N LYS A 173 10.89 -26.67 18.02
CA LYS A 173 10.11 -27.87 17.71
C LYS A 173 9.16 -27.64 16.52
N GLY A 174 9.25 -26.46 15.91
CA GLY A 174 8.53 -26.10 14.69
C GLY A 174 7.14 -25.52 14.77
N ALA A 175 6.82 -24.79 15.87
CA ALA A 175 5.52 -24.11 16.02
C ALA A 175 5.38 -23.00 14.96
N ASP A 176 4.20 -22.88 14.33
CA ASP A 176 3.98 -21.86 13.29
C ASP A 176 3.85 -20.46 13.91
N VAL A 177 4.83 -19.60 13.64
CA VAL A 177 4.91 -18.21 14.11
C VAL A 177 3.82 -17.33 13.53
N ASN A 178 3.23 -17.72 12.39
CA ASN A 178 2.29 -16.86 11.70
C ASN A 178 0.82 -17.24 11.92
N ARG A 179 0.52 -18.10 12.91
CA ARG A 179 -0.87 -18.42 13.21
C ARG A 179 -1.61 -17.16 13.66
N LYS A 180 -2.89 -17.07 13.33
CA LYS A 180 -3.74 -15.97 13.72
C LYS A 180 -4.90 -16.53 14.52
N SER A 181 -5.31 -15.80 15.57
CA SER A 181 -6.48 -16.20 16.35
C SER A 181 -7.71 -15.74 15.55
N VAL A 182 -8.89 -16.00 16.09
CA VAL A 182 -10.17 -15.61 15.51
C VAL A 182 -10.24 -14.06 15.46
N LYS A 183 -9.63 -13.36 16.44
CA LYS A 183 -9.60 -11.89 16.46
C LYS A 183 -8.32 -11.34 15.80
N GLY A 184 -7.69 -12.17 14.97
CA GLY A 184 -6.51 -11.80 14.20
C GLY A 184 -5.23 -11.61 14.97
N ASN A 185 -5.19 -12.09 16.25
CA ASN A 185 -4.01 -12.00 17.10
C ASN A 185 -2.95 -12.95 16.63
N THR A 186 -1.69 -12.49 16.61
CA THR A 186 -0.50 -13.28 16.26
C THR A 186 0.40 -13.30 17.49
N ALA A 187 1.35 -14.26 17.56
CA ALA A 187 2.32 -14.33 18.67
C ALA A 187 3.09 -12.99 18.86
N LEU A 188 3.36 -12.24 17.77
CA LEU A 188 4.02 -10.92 17.86
C LEU A 188 3.20 -9.92 18.66
N HIS A 189 1.86 -10.00 18.57
CA HIS A 189 0.95 -9.14 19.32
C HIS A 189 1.02 -9.51 20.82
N ASP A 190 1.11 -10.81 21.14
CA ASP A 190 1.23 -11.28 22.54
C ASP A 190 2.50 -10.74 23.19
N CYS A 191 3.61 -10.70 22.40
CA CYS A 191 4.90 -10.15 22.81
C CYS A 191 4.77 -8.67 23.09
N ALA A 192 4.21 -7.92 22.12
CA ALA A 192 4.02 -6.47 22.20
C ALA A 192 3.13 -6.06 23.39
N GLU A 193 2.07 -6.84 23.69
CA GLU A 193 1.14 -6.56 24.80
C GLU A 193 1.74 -6.83 26.19
N SER A 194 2.77 -7.69 26.28
CA SER A 194 3.41 -8.05 27.55
C SER A 194 4.82 -7.44 27.71
N GLY A 195 5.30 -6.75 26.68
CA GLY A 195 6.63 -6.14 26.66
C GLY A 195 7.76 -7.17 26.61
N SER A 196 7.48 -8.34 26.00
CA SER A 196 8.42 -9.45 25.89
C SER A 196 9.30 -9.25 24.64
N LEU A 197 10.25 -8.29 24.73
CA LEU A 197 11.15 -7.92 23.62
C LEU A 197 12.11 -9.04 23.27
N ASP A 198 12.56 -9.85 24.26
CA ASP A 198 13.45 -10.98 24.02
C ASP A 198 12.74 -12.02 23.13
N ILE A 199 11.48 -12.32 23.45
CA ILE A 199 10.67 -13.32 22.73
C ILE A 199 10.32 -12.78 21.32
N MET A 200 10.08 -11.46 21.19
CA MET A 200 9.77 -10.84 19.89
C MET A 200 10.94 -11.01 18.92
N LYS A 201 12.18 -10.76 19.41
CA LYS A 201 13.42 -10.91 18.65
C LYS A 201 13.54 -12.33 18.14
N MET A 202 13.13 -13.29 18.96
CA MET A 202 13.10 -14.72 18.66
C MET A 202 12.14 -15.02 17.52
N LEU A 203 10.94 -14.42 17.56
CA LEU A 203 9.91 -14.63 16.55
C LEU A 203 10.34 -14.11 15.19
N LEU A 204 11.05 -12.97 15.18
CA LEU A 204 11.55 -12.33 13.96
C LEU A 204 12.69 -13.12 13.33
N MET A 205 13.39 -13.97 14.12
CA MET A 205 14.45 -14.88 13.64
C MET A 205 13.78 -16.00 12.83
N TYR A 206 12.50 -16.30 13.15
CA TYR A 206 11.67 -17.30 12.47
C TYR A 206 10.77 -16.63 11.41
N CYS A 207 11.11 -15.39 11.02
CA CYS A 207 10.47 -14.57 9.99
C CYS A 207 8.95 -14.34 10.26
N ALA A 208 8.57 -14.10 11.55
CA ALA A 208 7.18 -13.80 11.93
C ALA A 208 6.81 -12.47 11.27
N LYS A 209 5.66 -12.42 10.58
CA LYS A 209 5.26 -11.23 9.85
C LYS A 209 4.40 -10.30 10.70
N MET A 210 4.65 -8.99 10.57
CA MET A 210 3.92 -7.91 11.22
C MET A 210 2.61 -7.80 10.46
N GLU A 211 1.48 -7.90 11.17
CA GLU A 211 0.14 -7.85 10.58
C GLU A 211 -0.78 -7.09 11.52
N LYS A 212 -1.86 -6.50 10.99
CA LYS A 212 -2.86 -5.85 11.81
C LYS A 212 -3.80 -6.93 12.36
N ASP A 213 -4.29 -6.77 13.60
CA ASP A 213 -5.23 -7.73 14.19
C ASP A 213 -6.67 -7.26 13.84
N GLY A 214 -7.69 -7.85 14.47
CA GLY A 214 -9.10 -7.51 14.24
C GLY A 214 -9.50 -6.15 14.76
N TYR A 215 -8.65 -5.55 15.61
CA TYR A 215 -8.84 -4.23 16.18
C TYR A 215 -8.05 -3.18 15.38
N GLY A 216 -7.47 -3.61 14.24
CA GLY A 216 -6.68 -2.77 13.32
C GLY A 216 -5.29 -2.43 13.83
N MET A 217 -4.77 -3.26 14.74
CA MET A 217 -3.50 -2.97 15.37
C MET A 217 -2.38 -3.88 14.93
N THR A 218 -1.22 -3.28 14.63
CA THR A 218 0.01 -4.02 14.33
C THR A 218 0.66 -4.26 15.69
N PRO A 219 1.65 -5.17 15.84
CA PRO A 219 2.30 -5.33 17.15
C PRO A 219 2.87 -3.99 17.68
N LEU A 220 3.45 -3.12 16.81
CA LEU A 220 3.97 -1.79 17.18
C LEU A 220 2.88 -0.89 17.82
N LEU A 221 1.68 -0.84 17.23
CA LEU A 221 0.60 -0.02 17.77
C LEU A 221 0.04 -0.63 19.08
N SER A 222 -0.04 -1.96 19.16
CA SER A 222 -0.47 -2.67 20.38
C SER A 222 0.48 -2.30 21.56
N ALA A 223 1.80 -2.27 21.31
CA ALA A 223 2.82 -1.91 22.30
C ALA A 223 2.72 -0.44 22.71
N SER A 224 2.46 0.45 21.73
CA SER A 224 2.32 1.89 21.97
C SER A 224 1.12 2.21 22.88
N VAL A 225 -0.05 1.58 22.66
CA VAL A 225 -1.25 1.84 23.46
C VAL A 225 -1.18 1.14 24.84
N THR A 226 -0.34 0.08 24.99
CA THR A 226 -0.20 -0.64 26.27
C THR A 226 1.05 -0.14 27.05
N GLY A 227 1.69 0.92 26.55
CA GLY A 227 2.83 1.57 27.18
C GLY A 227 4.17 0.84 27.19
N HIS A 228 4.30 -0.27 26.45
CA HIS A 228 5.56 -1.02 26.38
C HIS A 228 6.51 -0.35 25.39
N THR A 229 7.15 0.76 25.86
CA THR A 229 8.07 1.59 25.09
C THR A 229 9.30 0.81 24.60
N ASN A 230 9.71 -0.26 25.31
CA ASN A 230 10.85 -1.10 24.91
C ASN A 230 10.62 -1.67 23.51
N ILE A 231 9.38 -2.18 23.24
CA ILE A 231 8.95 -2.74 21.95
C ILE A 231 8.87 -1.62 20.91
N VAL A 232 8.24 -0.47 21.28
CA VAL A 232 8.07 0.70 20.40
C VAL A 232 9.44 1.20 19.93
N ASP A 233 10.36 1.45 20.88
CA ASP A 233 11.72 1.92 20.61
C ASP A 233 12.45 0.95 19.69
N PHE A 234 12.22 -0.37 19.83
CA PHE A 234 12.85 -1.38 18.99
C PHE A 234 12.34 -1.35 17.56
N LEU A 235 11.01 -1.43 17.38
CA LEU A 235 10.37 -1.50 16.08
C LEU A 235 10.48 -0.22 15.27
N THR A 236 10.43 0.96 15.93
CA THR A 236 10.58 2.24 15.23
C THR A 236 12.03 2.36 14.76
N HIS A 237 12.99 2.06 15.67
CA HIS A 237 14.44 2.07 15.41
C HIS A 237 14.81 1.10 14.30
N HIS A 238 14.17 -0.10 14.27
CA HIS A 238 14.37 -1.14 13.25
C HIS A 238 13.83 -0.67 11.89
N ALA A 239 12.63 -0.10 11.85
CA ALA A 239 12.01 0.42 10.62
C ALA A 239 12.69 1.73 10.15
N GLN A 240 13.51 2.38 11.03
CA GLN A 240 14.22 3.65 10.75
C GLN A 240 15.75 3.49 10.65
N THR A 241 16.31 2.27 10.87
CA THR A 241 17.76 2.02 10.85
C THR A 241 18.34 2.23 9.44
N SER A 242 17.56 1.99 8.34
CA SER A 242 18.02 2.21 6.95
C SER A 242 18.31 3.68 6.68
N LYS A 243 17.62 4.56 7.41
CA LYS A 243 17.69 6.00 7.30
C LYS A 243 18.83 6.63 8.13
N THR A 244 19.76 5.79 8.67
CA THR A 244 20.97 6.26 9.37
C THR A 244 22.11 6.31 8.33
N GLU A 245 21.96 5.52 7.26
CA GLU A 245 22.90 5.29 6.16
C GLU A 245 23.01 6.51 5.23
N ARG A 246 24.23 7.06 5.08
CA ARG A 246 24.54 8.21 4.22
C ARG A 246 24.51 7.87 2.73
N ASP B 4 -36.40 51.21 0.35
CA ASP B 4 -36.21 51.36 1.79
C ASP B 4 -37.30 50.64 2.60
N LEU B 5 -38.53 50.53 2.08
CA LEU B 5 -39.64 49.84 2.76
C LEU B 5 -39.32 48.35 2.98
N LYS B 6 -38.72 47.68 1.97
CA LYS B 6 -38.27 46.27 1.98
C LYS B 6 -37.26 46.05 3.12
N THR B 7 -36.31 47.01 3.26
CA THR B 7 -35.27 47.02 4.29
C THR B 7 -35.92 47.25 5.65
N ALA B 8 -36.83 48.24 5.76
CA ALA B 8 -37.55 48.54 7.00
C ALA B 8 -38.34 47.29 7.48
N VAL B 9 -39.01 46.57 6.54
CA VAL B 9 -39.78 45.35 6.79
C VAL B 9 -38.85 44.25 7.33
N PHE B 10 -37.73 43.97 6.62
CA PHE B 10 -36.71 42.99 7.02
C PHE B 10 -36.14 43.28 8.41
N ASN B 11 -35.79 44.55 8.69
CA ASN B 11 -35.24 44.99 9.97
C ASN B 11 -36.24 44.82 11.10
N ALA B 12 -37.54 45.10 10.86
CA ALA B 12 -38.58 44.91 11.87
C ALA B 12 -38.77 43.41 12.16
N ALA B 13 -38.76 42.56 11.10
CA ALA B 13 -38.94 41.11 11.21
C ALA B 13 -37.77 40.45 11.91
N ARG B 14 -36.53 40.85 11.56
CA ARG B 14 -35.30 40.28 12.14
C ARG B 14 -35.22 40.51 13.67
N ASP B 15 -35.65 41.70 14.14
CA ASP B 15 -35.63 42.06 15.56
C ASP B 15 -36.99 41.81 16.27
N GLY B 16 -37.92 41.12 15.60
CA GLY B 16 -39.24 40.78 16.14
C GLY B 16 -40.17 41.91 16.51
N LYS B 17 -39.92 43.14 16.00
CA LYS B 17 -40.75 44.35 16.27
C LYS B 17 -42.07 44.26 15.49
N LEU B 18 -43.03 43.47 16.02
CA LEU B 18 -44.30 43.21 15.37
C LEU B 18 -45.19 44.44 15.29
N ARG B 19 -45.19 45.29 16.34
CA ARG B 19 -45.97 46.52 16.38
C ARG B 19 -45.58 47.42 15.20
N LEU B 20 -44.27 47.65 15.03
CA LEU B 20 -43.69 48.44 13.94
C LEU B 20 -44.02 47.86 12.55
N LEU B 21 -43.83 46.53 12.35
CA LEU B 21 -44.10 45.86 11.08
C LEU B 21 -45.56 45.98 10.66
N THR B 22 -46.49 45.87 11.62
CA THR B 22 -47.93 46.00 11.39
C THR B 22 -48.24 47.40 10.82
N LYS B 23 -47.60 48.44 11.40
CA LYS B 23 -47.72 49.84 10.98
C LYS B 23 -47.08 50.08 9.61
N LEU B 24 -45.97 49.41 9.29
CA LEU B 24 -45.30 49.59 7.99
C LEU B 24 -46.08 48.94 6.84
N LEU B 25 -46.91 47.91 7.14
CA LEU B 25 -47.71 47.18 6.14
C LEU B 25 -49.18 47.58 6.14
N ALA B 26 -49.56 48.44 7.10
CA ALA B 26 -50.89 48.97 7.42
C ALA B 26 -51.91 48.97 6.27
N SER B 27 -51.63 49.62 5.13
CA SER B 27 -52.67 49.69 4.08
C SER B 27 -52.22 49.08 2.74
N LYS B 28 -51.39 48.03 2.81
CA LYS B 28 -50.88 47.37 1.61
C LYS B 28 -51.74 46.17 1.21
N SER B 29 -51.76 45.89 -0.10
CA SER B 29 -52.49 44.77 -0.70
C SER B 29 -51.76 43.44 -0.41
N LYS B 30 -52.39 42.30 -0.77
CA LYS B 30 -51.83 40.95 -0.59
C LYS B 30 -50.54 40.85 -1.40
N GLU B 31 -50.59 41.25 -2.69
CA GLU B 31 -49.46 41.25 -3.62
C GLU B 31 -48.27 42.02 -3.05
N GLU B 32 -48.53 43.26 -2.54
CA GLU B 32 -47.55 44.17 -1.94
C GLU B 32 -46.92 43.57 -0.69
N VAL B 33 -47.74 43.10 0.30
CA VAL B 33 -47.27 42.47 1.54
C VAL B 33 -46.43 41.21 1.22
N SER B 34 -46.95 40.31 0.37
CA SER B 34 -46.27 39.06 -0.03
C SER B 34 -44.92 39.34 -0.66
N SER B 35 -44.84 40.34 -1.56
CA SER B 35 -43.60 40.76 -2.21
C SER B 35 -42.57 41.23 -1.17
N LEU B 36 -43.00 42.14 -0.27
CA LEU B 36 -42.17 42.72 0.78
C LEU B 36 -41.65 41.66 1.76
N ILE B 37 -42.53 40.74 2.17
CA ILE B 37 -42.22 39.67 3.13
C ILE B 37 -41.40 38.50 2.47
N SER B 38 -41.48 38.29 1.14
CA SER B 38 -40.76 37.18 0.51
C SER B 38 -39.37 37.59 -0.09
N GLU B 39 -39.06 38.90 -0.12
CA GLU B 39 -37.78 39.39 -0.65
C GLU B 39 -36.62 39.05 0.32
N LYS B 40 -35.40 38.98 -0.22
CA LYS B 40 -34.18 38.72 0.56
C LYS B 40 -33.43 40.02 0.80
N THR B 41 -32.87 40.18 2.02
CA THR B 41 -32.01 41.30 2.39
C THR B 41 -30.77 40.64 2.94
N ASN B 42 -29.59 40.93 2.33
CA ASN B 42 -28.29 40.35 2.70
C ASN B 42 -28.34 38.82 2.70
N GLY B 43 -29.00 38.26 1.69
CA GLY B 43 -29.13 36.82 1.52
C GLY B 43 -30.13 36.12 2.43
N ALA B 44 -30.87 36.86 3.29
CA ALA B 44 -31.87 36.26 4.18
C ALA B 44 -33.25 36.88 4.02
N THR B 45 -34.31 36.07 4.17
CA THR B 45 -35.71 36.55 4.12
C THR B 45 -36.16 36.99 5.53
N PRO B 46 -37.23 37.83 5.68
CA PRO B 46 -37.72 38.18 7.03
C PRO B 46 -38.10 36.97 7.87
N LEU B 47 -38.76 35.95 7.26
CA LEU B 47 -39.17 34.71 7.94
C LEU B 47 -37.99 33.92 8.48
N LEU B 48 -36.95 33.73 7.65
CA LEU B 48 -35.76 33.03 8.06
C LEU B 48 -35.13 33.67 9.30
N MET B 49 -35.03 35.00 9.33
CA MET B 49 -34.45 35.73 10.45
C MET B 49 -35.34 35.63 11.69
N ALA B 50 -36.67 35.83 11.52
CA ALA B 50 -37.62 35.68 12.62
C ALA B 50 -37.47 34.26 13.23
N ALA B 51 -37.37 33.21 12.39
CA ALA B 51 -37.22 31.82 12.80
C ALA B 51 -35.88 31.54 13.49
N ARG B 52 -34.77 32.04 12.91
CA ARG B 52 -33.39 31.89 13.42
C ARG B 52 -33.24 32.51 14.81
N TYR B 53 -33.86 33.67 15.05
CA TYR B 53 -33.75 34.36 16.35
C TYR B 53 -34.96 34.07 17.28
N GLY B 54 -35.83 33.16 16.87
CA GLY B 54 -36.95 32.67 17.67
C GLY B 54 -38.05 33.62 18.07
N HIS B 55 -38.38 34.57 17.18
CA HIS B 55 -39.46 35.52 17.43
C HIS B 55 -40.75 34.81 16.96
N LEU B 56 -41.38 34.03 17.85
CA LEU B 56 -42.57 33.22 17.55
C LEU B 56 -43.75 34.03 16.99
N ASP B 57 -44.14 35.12 17.68
CA ASP B 57 -45.26 35.97 17.23
C ASP B 57 -44.97 36.52 15.83
N MET B 58 -43.72 36.98 15.60
CA MET B 58 -43.28 37.46 14.30
C MET B 58 -43.40 36.34 13.23
N VAL B 59 -42.92 35.11 13.54
CA VAL B 59 -43.02 33.93 12.65
C VAL B 59 -44.50 33.67 12.30
N GLU B 60 -45.37 33.64 13.33
CA GLU B 60 -46.82 33.44 13.19
C GLU B 60 -47.45 34.50 12.30
N PHE B 61 -47.06 35.78 12.48
CA PHE B 61 -47.62 36.87 11.69
C PHE B 61 -47.26 36.75 10.20
N LEU B 62 -45.96 36.54 9.91
CA LEU B 62 -45.44 36.40 8.55
C LEU B 62 -46.05 35.21 7.82
N LEU B 63 -46.19 34.06 8.50
CA LEU B 63 -46.80 32.86 7.91
C LEU B 63 -48.30 33.06 7.63
N GLU B 64 -49.01 33.84 8.47
CA GLU B 64 -50.44 34.13 8.28
C GLU B 64 -50.66 35.16 7.15
N GLN B 65 -49.63 35.95 6.80
CA GLN B 65 -49.70 36.91 5.69
C GLN B 65 -49.40 36.14 4.38
N CYS B 66 -48.28 35.37 4.35
CA CYS B 66 -47.86 34.59 3.19
C CYS B 66 -46.84 33.49 3.59
N SER B 67 -47.04 32.27 3.07
CA SER B 67 -46.18 31.12 3.36
C SER B 67 -45.23 30.78 2.19
N ALA B 68 -45.21 31.63 1.15
CA ALA B 68 -44.37 31.45 -0.05
C ALA B 68 -42.90 31.21 0.27
N SER B 69 -42.36 31.84 1.34
CA SER B 69 -40.94 31.72 1.70
C SER B 69 -40.65 30.62 2.76
N ILE B 70 -41.64 29.77 3.11
CA ILE B 70 -41.47 28.73 4.15
C ILE B 70 -40.34 27.73 3.78
N GLU B 71 -40.04 27.53 2.48
CA GLU B 71 -38.99 26.58 2.08
C GLU B 71 -37.75 27.28 1.49
N VAL B 72 -37.72 28.62 1.48
CA VAL B 72 -36.61 29.38 0.91
C VAL B 72 -35.43 29.43 1.88
N GLY B 73 -34.32 28.87 1.42
CA GLY B 73 -33.07 28.86 2.17
C GLY B 73 -32.32 30.16 1.98
N GLY B 74 -31.67 30.61 3.03
CA GLY B 74 -30.91 31.86 3.01
C GLY B 74 -29.68 31.81 3.90
N SER B 75 -29.04 32.96 4.06
CA SER B 75 -27.80 33.12 4.81
C SER B 75 -28.05 33.30 6.31
N VAL B 76 -27.46 32.44 7.14
CA VAL B 76 -27.56 32.51 8.60
C VAL B 76 -26.16 32.36 9.20
N ASN B 77 -25.96 32.78 10.45
CA ASN B 77 -24.66 32.68 11.08
C ASN B 77 -24.72 31.92 12.40
N PHE B 78 -23.85 30.91 12.53
CA PHE B 78 -23.68 30.08 13.72
C PHE B 78 -22.19 29.86 13.90
N ASP B 79 -21.73 29.97 15.17
CA ASP B 79 -20.32 29.80 15.61
C ASP B 79 -19.35 30.68 14.79
N GLY B 80 -19.79 31.87 14.41
CA GLY B 80 -19.03 32.82 13.59
C GLY B 80 -18.99 32.53 12.10
N GLU B 81 -19.53 31.37 11.67
CA GLU B 81 -19.54 30.91 10.27
C GLU B 81 -20.88 31.15 9.59
N THR B 82 -20.84 31.48 8.30
CA THR B 82 -22.02 31.71 7.48
C THR B 82 -22.50 30.38 6.89
N ILE B 83 -23.80 30.07 7.07
CA ILE B 83 -24.43 28.87 6.53
C ILE B 83 -25.40 29.35 5.44
N GLU B 84 -25.17 28.89 4.20
CA GLU B 84 -25.95 29.29 3.03
C GLU B 84 -27.07 28.32 2.74
N GLY B 85 -28.15 28.83 2.16
CA GLY B 85 -29.31 28.03 1.77
C GLY B 85 -30.05 27.31 2.89
N ALA B 86 -29.97 27.85 4.13
CA ALA B 86 -30.65 27.30 5.29
C ALA B 86 -32.13 27.72 5.33
N PRO B 87 -33.10 26.78 5.26
CA PRO B 87 -34.53 27.17 5.33
C PRO B 87 -34.96 27.54 6.77
N PRO B 88 -36.14 28.22 7.01
CA PRO B 88 -36.49 28.60 8.39
C PRO B 88 -36.53 27.44 9.40
N LEU B 89 -37.04 26.25 9.01
CA LEU B 89 -37.11 25.11 9.92
C LEU B 89 -35.73 24.66 10.40
N TRP B 90 -34.74 24.58 9.51
CA TRP B 90 -33.38 24.20 9.88
C TRP B 90 -32.77 25.19 10.89
N ALA B 91 -32.89 26.51 10.61
CA ALA B 91 -32.36 27.59 11.44
C ALA B 91 -32.97 27.57 12.85
N ALA B 92 -34.29 27.35 12.92
CA ALA B 92 -35.00 27.30 14.20
C ALA B 92 -34.56 26.07 15.00
N SER B 93 -34.34 24.95 14.28
CA SER B 93 -33.95 23.68 14.88
C SER B 93 -32.52 23.78 15.41
N ALA B 94 -31.65 24.44 14.64
CA ALA B 94 -30.24 24.63 14.99
C ALA B 94 -30.11 25.59 16.17
N ALA B 95 -30.96 26.63 16.22
CA ALA B 95 -30.88 27.63 17.28
C ALA B 95 -31.62 27.23 18.55
N GLY B 96 -32.37 26.14 18.50
CA GLY B 96 -33.12 25.59 19.63
C GLY B 96 -34.45 26.22 19.97
N HIS B 97 -35.15 26.80 18.96
CA HIS B 97 -36.45 27.44 19.19
C HIS B 97 -37.60 26.45 18.92
N LEU B 98 -37.98 25.69 19.95
CA LEU B 98 -38.97 24.61 19.86
C LEU B 98 -40.34 25.10 19.39
N LYS B 99 -40.89 26.20 19.97
CA LYS B 99 -42.20 26.72 19.59
C LYS B 99 -42.17 27.19 18.11
N VAL B 100 -41.04 27.71 17.64
CA VAL B 100 -40.91 28.15 16.23
C VAL B 100 -40.92 26.90 15.32
N VAL B 101 -40.19 25.83 15.71
CA VAL B 101 -40.15 24.54 15.00
C VAL B 101 -41.60 24.00 14.84
N GLN B 102 -42.39 24.03 15.94
CA GLN B 102 -43.77 23.56 15.97
C GLN B 102 -44.67 24.41 15.08
N SER B 103 -44.47 25.75 15.08
CA SER B 103 -45.24 26.68 14.26
C SER B 103 -44.99 26.47 12.76
N LEU B 104 -43.73 26.26 12.39
CA LEU B 104 -43.32 26.03 11.01
C LEU B 104 -43.91 24.73 10.50
N LEU B 105 -43.87 23.66 11.32
CA LEU B 105 -44.43 22.36 10.94
C LEU B 105 -45.95 22.42 10.87
N ASN B 106 -46.61 23.15 11.81
CA ASN B 106 -48.07 23.33 11.80
C ASN B 106 -48.49 24.07 10.52
N HIS B 107 -47.61 24.90 9.93
CA HIS B 107 -47.87 25.68 8.72
C HIS B 107 -47.43 24.97 7.42
N GLY B 108 -47.06 23.68 7.53
CA GLY B 108 -46.68 22.86 6.39
C GLY B 108 -45.23 22.83 5.95
N ALA B 109 -44.29 23.12 6.86
CA ALA B 109 -42.87 23.04 6.52
C ALA B 109 -42.43 21.60 6.26
N SER B 110 -41.51 21.41 5.31
CA SER B 110 -40.93 20.11 4.97
C SER B 110 -39.88 19.77 6.02
N VAL B 111 -40.15 18.73 6.79
CA VAL B 111 -39.29 18.23 7.88
C VAL B 111 -37.89 17.79 7.37
N ASN B 112 -37.77 17.33 6.11
CA ASN B 112 -36.47 16.87 5.62
C ASN B 112 -35.78 17.86 4.66
N ASN B 113 -36.31 19.09 4.52
CA ASN B 113 -35.68 20.10 3.66
C ASN B 113 -34.36 20.59 4.30
N THR B 114 -33.28 20.41 3.54
CA THR B 114 -31.91 20.63 4.00
C THR B 114 -31.30 21.97 3.59
N THR B 115 -30.13 22.28 4.19
CA THR B 115 -29.29 23.43 3.78
C THR B 115 -28.64 22.98 2.45
N LEU B 116 -27.83 23.85 1.83
CA LEU B 116 -27.15 23.50 0.59
C LEU B 116 -26.15 22.33 0.76
N THR B 117 -25.66 22.07 2.00
CA THR B 117 -24.72 20.98 2.31
C THR B 117 -25.45 19.68 2.76
N ASN B 118 -26.77 19.59 2.51
CA ASN B 118 -27.64 18.44 2.81
C ASN B 118 -27.79 18.14 4.32
N SER B 119 -27.66 19.18 5.16
CA SER B 119 -27.89 19.01 6.59
C SER B 119 -29.41 19.22 6.85
N THR B 120 -30.06 18.23 7.47
CA THR B 120 -31.49 18.28 7.79
C THR B 120 -31.75 19.04 9.10
N PRO B 121 -32.99 19.54 9.34
CA PRO B 121 -33.31 20.12 10.65
C PRO B 121 -33.05 19.15 11.81
N LEU B 122 -33.19 17.81 11.61
CA LEU B 122 -32.90 16.83 12.66
C LEU B 122 -31.43 16.87 13.01
N ARG B 123 -30.56 16.90 11.97
CA ARG B 123 -29.11 17.02 12.15
C ARG B 123 -28.76 18.36 12.82
N ALA B 124 -29.50 19.45 12.49
CA ALA B 124 -29.32 20.78 13.07
C ALA B 124 -29.54 20.76 14.59
N ALA B 125 -30.62 20.09 15.04
CA ALA B 125 -30.98 19.98 16.46
C ALA B 125 -29.98 19.13 17.26
N CYS B 126 -29.40 18.10 16.63
CA CYS B 126 -28.44 17.17 17.26
C CYS B 126 -27.08 17.84 17.60
N PHE B 127 -26.68 18.93 16.88
CA PHE B 127 -25.38 19.60 17.06
C PHE B 127 -25.25 20.26 18.45
N ASP B 128 -26.17 21.17 18.84
CA ASP B 128 -26.13 21.80 20.16
C ASP B 128 -26.95 21.01 21.19
N GLY B 129 -27.49 19.87 20.78
CA GLY B 129 -28.22 18.95 21.66
C GLY B 129 -29.59 19.35 22.14
N HIS B 130 -30.47 19.77 21.22
CA HIS B 130 -31.85 20.17 21.57
C HIS B 130 -32.76 18.92 21.55
N LEU B 131 -32.79 18.18 22.69
CA LEU B 131 -33.49 16.90 22.81
C LEU B 131 -35.00 16.97 22.41
N GLU B 132 -35.76 17.93 22.96
CA GLU B 132 -37.21 18.09 22.69
C GLU B 132 -37.49 18.33 21.19
N ILE B 133 -36.63 19.12 20.52
CA ILE B 133 -36.73 19.38 19.08
C ILE B 133 -36.46 18.05 18.30
N VAL B 134 -35.42 17.30 18.68
CA VAL B 134 -35.08 16.01 18.08
C VAL B 134 -36.32 15.07 18.13
N LYS B 135 -36.94 14.94 19.33
CA LYS B 135 -38.14 14.13 19.53
C LYS B 135 -39.30 14.65 18.66
N TYR B 136 -39.54 15.98 18.65
CA TYR B 136 -40.64 16.56 17.84
C TYR B 136 -40.45 16.27 16.36
N LEU B 137 -39.24 16.45 15.85
CA LEU B 137 -38.90 16.19 14.46
C LEU B 137 -39.09 14.72 14.10
N VAL B 138 -38.56 13.79 14.92
CA VAL B 138 -38.69 12.33 14.71
C VAL B 138 -40.17 11.97 14.72
N GLU B 139 -40.96 12.53 15.68
CA GLU B 139 -42.40 12.32 15.76
C GLU B 139 -43.12 12.84 14.51
N HIS B 140 -42.54 13.84 13.82
CA HIS B 140 -43.12 14.43 12.62
C HIS B 140 -42.37 13.99 11.34
N LYS B 141 -41.99 12.69 11.31
CA LYS B 141 -41.42 11.90 10.21
C LYS B 141 -40.03 12.38 9.70
N ALA B 142 -39.17 12.94 10.57
CA ALA B 142 -37.80 13.30 10.19
C ALA B 142 -37.05 12.00 9.86
N ASP B 143 -36.29 11.98 8.76
CA ASP B 143 -35.54 10.79 8.34
C ASP B 143 -34.20 10.76 9.07
N LEU B 144 -33.94 9.71 9.83
CA LEU B 144 -32.70 9.52 10.61
C LEU B 144 -31.45 9.23 9.76
N GLU B 145 -31.65 8.79 8.52
CA GLU B 145 -30.53 8.34 7.70
C GLU B 145 -30.08 9.34 6.64
N VAL B 146 -30.70 10.54 6.61
CA VAL B 146 -30.27 11.57 5.67
C VAL B 146 -29.04 12.26 6.31
N SER B 147 -27.85 11.96 5.77
CA SER B 147 -26.59 12.48 6.27
C SER B 147 -26.24 13.79 5.55
N ASN B 148 -25.23 14.54 6.05
CA ASN B 148 -24.81 15.74 5.31
C ASN B 148 -23.90 15.30 4.14
N ARG B 149 -23.34 16.26 3.38
CA ARG B 149 -22.47 16.02 2.24
C ARG B 149 -21.22 15.19 2.60
N HIS B 150 -20.81 15.19 3.89
CA HIS B 150 -19.65 14.40 4.35
C HIS B 150 -20.07 12.98 4.74
N GLY B 151 -21.37 12.67 4.64
CA GLY B 151 -21.90 11.36 5.03
C GLY B 151 -21.94 11.21 6.53
N HIS B 152 -21.85 12.34 7.27
CA HIS B 152 -21.87 12.36 8.74
C HIS B 152 -23.34 12.42 9.17
N THR B 153 -23.79 11.44 9.97
CA THR B 153 -25.19 11.33 10.35
C THR B 153 -25.54 12.04 11.67
N CYS B 154 -26.86 12.04 11.99
CA CYS B 154 -27.45 12.55 13.23
C CYS B 154 -26.87 11.78 14.42
N LEU B 155 -26.80 10.43 14.30
CA LEU B 155 -26.20 9.58 15.34
C LEU B 155 -24.72 9.92 15.51
N MET B 156 -23.99 10.08 14.40
CA MET B 156 -22.57 10.39 14.46
C MET B 156 -22.30 11.72 15.17
N ILE B 157 -23.04 12.77 14.82
CA ILE B 157 -22.81 14.08 15.42
C ILE B 157 -23.26 14.08 16.91
N SER B 158 -24.29 13.32 17.28
CA SER B 158 -24.73 13.23 18.67
C SER B 158 -23.66 12.58 19.53
N CYS B 159 -22.99 11.54 19.00
CA CYS B 159 -21.88 10.83 19.69
C CYS B 159 -20.67 11.74 19.78
N TYR B 160 -20.33 12.47 18.68
CA TYR B 160 -19.19 13.37 18.64
C TYR B 160 -19.30 14.49 19.69
N LYS B 161 -20.53 14.95 19.94
CA LYS B 161 -20.81 16.03 20.88
C LYS B 161 -21.13 15.53 22.29
N GLY B 162 -21.17 14.19 22.46
CA GLY B 162 -21.42 13.56 23.75
C GLY B 162 -22.82 13.70 24.27
N HIS B 163 -23.83 13.81 23.39
CA HIS B 163 -25.24 13.93 23.80
C HIS B 163 -25.83 12.54 24.01
N LYS B 164 -25.65 11.99 25.22
CA LYS B 164 -26.08 10.64 25.60
C LYS B 164 -27.58 10.42 25.37
N GLU B 165 -28.43 11.33 25.89
CA GLU B 165 -29.89 11.22 25.78
C GLU B 165 -30.35 11.17 24.33
N ILE B 166 -29.82 12.06 23.46
CA ILE B 166 -30.15 12.09 22.03
C ILE B 166 -29.69 10.81 21.35
N ALA B 167 -28.44 10.38 21.61
CA ALA B 167 -27.90 9.16 21.00
C ALA B 167 -28.79 7.97 21.37
N GLN B 168 -29.19 7.89 22.66
CA GLN B 168 -30.06 6.83 23.21
C GLN B 168 -31.39 6.79 22.47
N TYR B 169 -32.03 7.96 22.28
CA TYR B 169 -33.32 8.13 21.60
C TYR B 169 -33.23 7.70 20.13
N LEU B 170 -32.16 8.14 19.43
CA LEU B 170 -31.94 7.81 18.01
C LEU B 170 -31.80 6.31 17.83
N LEU B 171 -31.00 5.67 18.72
CA LEU B 171 -30.77 4.23 18.73
C LEU B 171 -32.11 3.50 18.88
N GLU B 172 -32.95 3.91 19.86
CA GLU B 172 -34.27 3.30 20.11
C GLU B 172 -35.19 3.46 18.90
N LYS B 173 -35.11 4.60 18.22
CA LYS B 173 -35.92 4.89 17.03
C LYS B 173 -35.39 4.19 15.76
N GLY B 174 -34.33 3.39 15.90
CA GLY B 174 -33.79 2.59 14.82
C GLY B 174 -32.68 3.18 13.96
N ALA B 175 -31.91 4.16 14.50
CA ALA B 175 -30.75 4.73 13.78
C ALA B 175 -29.74 3.63 13.43
N ASP B 176 -29.21 3.66 12.19
CA ASP B 176 -28.23 2.68 11.72
C ASP B 176 -26.87 2.97 12.36
N VAL B 177 -26.44 2.08 13.27
CA VAL B 177 -25.18 2.21 14.02
C VAL B 177 -23.94 1.97 13.13
N ASN B 178 -24.08 1.19 12.05
CA ASN B 178 -22.94 0.81 11.22
C ASN B 178 -22.82 1.63 9.93
N ARG B 179 -23.50 2.79 9.84
CA ARG B 179 -23.34 3.73 8.73
C ARG B 179 -21.89 4.25 8.74
N LYS B 180 -21.27 4.38 7.57
CA LYS B 180 -19.92 4.90 7.38
C LYS B 180 -20.02 6.21 6.60
N SER B 181 -19.29 7.26 7.03
CA SER B 181 -19.27 8.54 6.35
C SER B 181 -18.47 8.43 5.04
N VAL B 182 -18.30 9.54 4.30
CA VAL B 182 -17.54 9.52 3.05
C VAL B 182 -16.07 9.03 3.34
N LYS B 183 -15.50 9.43 4.49
CA LYS B 183 -14.13 9.11 4.90
C LYS B 183 -14.07 7.86 5.83
N GLY B 184 -15.12 7.04 5.82
CA GLY B 184 -15.16 5.79 6.59
C GLY B 184 -15.42 5.95 8.08
N ASN B 185 -15.78 7.17 8.53
CA ASN B 185 -16.08 7.40 9.95
C ASN B 185 -17.38 6.70 10.36
N THR B 186 -17.39 6.09 11.56
CA THR B 186 -18.58 5.46 12.15
C THR B 186 -18.89 6.17 13.45
N ALA B 187 -20.11 6.00 14.00
CA ALA B 187 -20.49 6.58 15.29
C ALA B 187 -19.54 6.16 16.44
N LEU B 188 -18.97 4.95 16.35
CA LEU B 188 -18.01 4.46 17.34
C LEU B 188 -16.76 5.35 17.37
N HIS B 189 -16.29 5.85 16.20
CA HIS B 189 -15.12 6.74 16.11
C HIS B 189 -15.46 8.09 16.75
N ASP B 190 -16.68 8.60 16.54
CA ASP B 190 -17.14 9.87 17.14
C ASP B 190 -17.09 9.80 18.67
N CYS B 191 -17.49 8.65 19.24
CA CYS B 191 -17.43 8.36 20.67
C CYS B 191 -15.97 8.38 21.15
N ALA B 192 -15.08 7.70 20.40
CA ALA B 192 -13.66 7.60 20.75
C ALA B 192 -13.02 8.97 20.81
N GLU B 193 -13.33 9.84 19.84
CA GLU B 193 -12.77 11.18 19.72
C GLU B 193 -13.30 12.14 20.78
N SER B 194 -14.50 11.91 21.33
CA SER B 194 -15.09 12.77 22.37
C SER B 194 -14.94 12.19 23.77
N GLY B 195 -14.38 10.98 23.86
CA GLY B 195 -14.22 10.25 25.11
C GLY B 195 -15.54 9.83 25.73
N SER B 196 -16.58 9.64 24.88
CA SER B 196 -17.93 9.27 25.32
C SER B 196 -18.03 7.75 25.54
N LEU B 197 -17.47 7.28 26.66
CA LEU B 197 -17.43 5.85 27.01
C LEU B 197 -18.85 5.23 27.17
N ASP B 198 -19.78 5.95 27.85
CA ASP B 198 -21.17 5.49 28.04
C ASP B 198 -21.91 5.33 26.70
N ILE B 199 -21.72 6.29 25.76
CA ILE B 199 -22.34 6.19 24.43
C ILE B 199 -21.70 5.03 23.64
N MET B 200 -20.37 4.87 23.73
CA MET B 200 -19.70 3.74 23.05
C MET B 200 -20.31 2.40 23.51
N LYS B 201 -20.53 2.25 24.81
CA LYS B 201 -21.12 1.04 25.41
C LYS B 201 -22.54 0.79 24.83
N MET B 202 -23.32 1.88 24.66
CA MET B 202 -24.66 1.86 24.07
C MET B 202 -24.57 1.32 22.65
N LEU B 203 -23.70 1.92 21.81
CA LEU B 203 -23.52 1.50 20.42
C LEU B 203 -23.19 0.02 20.33
N LEU B 204 -22.22 -0.44 21.16
CA LEU B 204 -21.83 -1.86 21.22
C LEU B 204 -22.99 -2.77 21.62
N MET B 205 -23.90 -2.27 22.46
CA MET B 205 -25.09 -2.98 22.91
C MET B 205 -26.09 -3.09 21.71
N TYR B 206 -26.05 -2.10 20.78
CA TYR B 206 -26.91 -2.09 19.59
C TYR B 206 -26.20 -2.71 18.34
N CYS B 207 -25.12 -3.48 18.61
CA CYS B 207 -24.34 -4.30 17.68
C CYS B 207 -23.50 -3.45 16.68
N ALA B 208 -22.91 -2.34 17.15
CA ALA B 208 -22.00 -1.53 16.33
C ALA B 208 -20.66 -2.30 16.24
N LYS B 209 -20.05 -2.34 15.04
CA LYS B 209 -18.80 -3.05 14.77
C LYS B 209 -17.59 -2.11 14.71
N MET B 210 -16.44 -2.56 15.22
CA MET B 210 -15.19 -1.79 15.19
C MET B 210 -14.66 -1.88 13.76
N GLU B 211 -14.45 -0.72 13.11
CA GLU B 211 -14.02 -0.67 11.72
C GLU B 211 -12.91 0.34 11.51
N LYS B 212 -12.12 0.15 10.44
CA LYS B 212 -11.07 1.06 10.06
C LYS B 212 -11.74 2.13 9.20
N ASP B 213 -11.37 3.41 9.40
CA ASP B 213 -11.91 4.50 8.58
C ASP B 213 -10.93 4.69 7.41
N GLY B 214 -11.18 5.65 6.54
CA GLY B 214 -10.33 5.94 5.39
C GLY B 214 -8.89 6.29 5.73
N TYR B 215 -8.66 6.79 6.97
CA TYR B 215 -7.32 7.15 7.47
C TYR B 215 -6.60 5.97 8.15
N GLY B 216 -7.20 4.77 8.05
CA GLY B 216 -6.67 3.55 8.67
C GLY B 216 -6.88 3.51 10.18
N MET B 217 -7.74 4.37 10.71
CA MET B 217 -7.99 4.46 12.14
C MET B 217 -9.21 3.66 12.57
N THR B 218 -9.07 2.89 13.64
CA THR B 218 -10.20 2.19 14.24
C THR B 218 -10.59 3.04 15.45
N PRO B 219 -11.72 2.79 16.16
CA PRO B 219 -12.02 3.61 17.36
C PRO B 219 -10.94 3.51 18.45
N LEU B 220 -10.27 2.36 18.62
CA LEU B 220 -9.18 2.29 19.61
C LEU B 220 -8.11 3.35 19.33
N LEU B 221 -7.62 3.39 18.08
CA LEU B 221 -6.58 4.31 17.65
C LEU B 221 -7.03 5.77 17.71
N SER B 222 -8.29 6.06 17.36
CA SER B 222 -8.83 7.43 17.40
C SER B 222 -8.81 7.94 18.86
N ALA B 223 -9.13 7.05 19.82
CA ALA B 223 -9.09 7.38 21.25
C ALA B 223 -7.66 7.64 21.71
N SER B 224 -6.69 6.83 21.23
CA SER B 224 -5.27 6.97 21.61
C SER B 224 -4.68 8.31 21.17
N VAL B 225 -4.91 8.72 19.92
CA VAL B 225 -4.36 9.97 19.41
C VAL B 225 -5.06 11.22 20.03
N THR B 226 -6.32 11.09 20.48
CA THR B 226 -7.05 12.21 21.09
C THR B 226 -6.92 12.21 22.65
N GLY B 227 -6.08 11.33 23.20
CA GLY B 227 -5.84 11.22 24.63
C GLY B 227 -7.00 10.78 25.50
N HIS B 228 -8.00 10.08 24.91
CA HIS B 228 -9.13 9.57 25.70
C HIS B 228 -8.79 8.20 26.24
N THR B 229 -7.98 8.17 27.33
CA THR B 229 -7.44 6.95 27.95
C THR B 229 -8.56 6.06 28.54
N ASN B 230 -9.73 6.64 28.88
CA ASN B 230 -10.89 5.88 29.39
C ASN B 230 -11.34 4.86 28.35
N ILE B 231 -11.38 5.26 27.08
CA ILE B 231 -11.80 4.40 25.97
C ILE B 231 -10.66 3.45 25.57
N VAL B 232 -9.39 3.89 25.66
CA VAL B 232 -8.25 3.01 25.35
C VAL B 232 -8.26 1.84 26.34
N ASP B 233 -8.39 2.15 27.65
CA ASP B 233 -8.43 1.16 28.71
C ASP B 233 -9.54 0.15 28.51
N PHE B 234 -10.76 0.65 28.19
CA PHE B 234 -11.94 -0.20 27.97
C PHE B 234 -11.74 -1.15 26.77
N LEU B 235 -11.25 -0.64 25.63
CA LEU B 235 -11.06 -1.45 24.43
C LEU B 235 -9.87 -2.40 24.53
N THR B 236 -8.77 -2.01 25.23
CA THR B 236 -7.64 -2.94 25.41
C THR B 236 -8.06 -4.09 26.34
N HIS B 237 -8.83 -3.79 27.41
CA HIS B 237 -9.34 -4.81 28.34
C HIS B 237 -10.31 -5.77 27.62
N HIS B 238 -11.17 -5.22 26.73
CA HIS B 238 -12.14 -5.94 25.90
C HIS B 238 -11.40 -6.92 24.97
N ALA B 239 -10.28 -6.48 24.39
CA ALA B 239 -9.48 -7.27 23.46
C ALA B 239 -8.66 -8.36 24.17
N GLN B 240 -8.15 -8.09 25.38
CA GLN B 240 -7.29 -9.01 26.12
C GLN B 240 -8.04 -9.95 27.11
N THR B 241 -9.35 -9.74 27.37
CA THR B 241 -10.11 -10.52 28.36
C THR B 241 -10.12 -12.05 28.06
N SER B 242 -10.23 -12.48 26.79
CA SER B 242 -10.24 -13.91 26.44
C SER B 242 -8.84 -14.59 26.63
N LYS B 243 -7.77 -13.81 26.85
CA LYS B 243 -6.40 -14.35 27.05
C LYS B 243 -6.19 -14.86 28.49
N THR B 244 -7.16 -14.59 29.38
CA THR B 244 -7.11 -15.09 30.76
C THR B 244 -7.59 -16.55 30.80
N GLU B 245 -8.20 -17.04 29.69
CA GLU B 245 -8.73 -18.40 29.56
C GLU B 245 -7.63 -19.43 29.38
N ARG B 246 -7.59 -20.44 30.27
CA ARG B 246 -6.60 -21.51 30.21
C ARG B 246 -6.87 -22.48 29.07
N ASP C 4 52.90 -0.59 -9.17
N ASP C 4 57.11 1.80 3.20
CA ASP C 4 51.86 -0.75 -10.18
CA ASP C 4 56.41 1.89 1.93
C ASP C 4 51.49 0.61 -10.77
C ASP C 4 56.26 3.34 1.47
N LEU C 5 51.62 0.74 -12.11
N LEU C 5 56.49 3.60 0.16
CA LEU C 5 51.37 1.96 -12.87
CA LEU C 5 56.37 4.92 -0.45
C LEU C 5 49.91 2.39 -12.79
C LEU C 5 54.90 5.23 -0.77
N LYS C 6 48.97 1.44 -13.01
N LYS C 6 54.16 4.23 -1.30
CA LYS C 6 47.52 1.67 -12.95
CA LYS C 6 52.74 4.34 -1.64
C LYS C 6 47.08 2.16 -11.56
C LYS C 6 51.88 4.69 -0.43
N THR C 7 47.69 1.59 -10.49
N THR C 7 52.26 4.17 0.76
CA THR C 7 47.42 1.95 -9.10
CA THR C 7 51.58 4.43 2.04
C THR C 7 47.96 3.36 -8.82
C THR C 7 51.89 5.86 2.49
N ALA C 8 49.19 3.66 -9.29
N ALA C 8 53.19 6.26 2.47
CA ALA C 8 49.86 4.97 -9.13
CA ALA C 8 53.69 7.57 2.86
C ALA C 8 49.05 6.11 -9.76
C ALA C 8 53.01 8.70 2.07
N VAL C 9 48.35 5.83 -10.89
N VAL C 9 52.79 8.48 0.76
CA VAL C 9 47.49 6.78 -11.60
CA VAL C 9 52.13 9.39 -0.17
C VAL C 9 46.20 7.03 -10.77
C VAL C 9 50.64 9.50 0.20
N PHE C 10 45.59 5.94 -10.26
N PHE C 10 49.99 8.35 0.47
CA PHE C 10 44.37 5.97 -9.45
CA PHE C 10 48.57 8.28 0.87
C PHE C 10 44.56 6.73 -8.14
C PHE C 10 48.34 9.01 2.20
N ASN C 11 45.69 6.51 -7.46
N ASN C 11 49.24 8.78 3.20
CA ASN C 11 46.03 7.11 -6.17
CA ASN C 11 49.19 9.38 4.53
C ASN C 11 46.21 8.63 -6.30
C ASN C 11 49.29 10.91 4.48
N ALA C 12 46.96 9.09 -7.34
N ALA C 12 50.24 11.45 3.67
CA ALA C 12 47.19 10.51 -7.62
CA ALA C 12 50.44 12.90 3.49
C ALA C 12 45.87 11.25 -7.90
C ALA C 12 49.19 13.58 2.94
N ALA C 13 44.96 10.61 -8.67
N ALA C 13 48.48 12.93 1.98
CA ALA C 13 43.64 11.16 -9.01
CA ALA C 13 47.26 13.43 1.36
C ALA C 13 42.73 11.31 -7.79
C ALA C 13 46.09 13.52 2.35
N ARG C 14 42.75 10.30 -6.90
N ARG C 14 45.90 12.47 3.18
CA ARG C 14 41.96 10.27 -5.67
CA ARG C 14 44.85 12.37 4.20
C ARG C 14 42.44 11.35 -4.70
C ARG C 14 45.06 13.41 5.32
N ASP C 15 43.78 11.52 -4.56
N ASP C 15 46.32 13.64 5.73
CA ASP C 15 44.40 12.50 -3.65
CA ASP C 15 46.71 14.56 6.80
C ASP C 15 44.43 13.92 -4.22
C ASP C 15 46.84 16.02 6.32
N GLY C 16 44.19 14.06 -5.52
N GLY C 16 46.85 16.21 5.00
CA GLY C 16 44.20 15.35 -6.22
CA GLY C 16 46.98 17.52 4.37
C GLY C 16 45.61 15.85 -6.50
C GLY C 16 48.37 18.11 4.52
N LYS C 17 46.55 14.90 -6.67
N LYS C 17 49.40 17.31 4.19
CA LYS C 17 47.96 15.14 -6.95
CA LYS C 17 50.81 17.70 4.27
C LYS C 17 48.19 15.25 -8.47
C LYS C 17 51.40 17.79 2.85
N LEU C 18 47.73 16.37 -9.05
N LEU C 18 51.07 18.90 2.14
CA LEU C 18 47.81 16.69 -10.48
CA LEU C 18 51.51 19.18 0.77
C LEU C 18 49.25 16.71 -11.01
C LEU C 18 53.03 19.32 0.67
N ARG C 19 50.19 17.33 -10.26
N ARG C 19 53.66 19.97 1.68
CA ARG C 19 51.61 17.41 -10.64
CA ARG C 19 55.12 20.15 1.75
C ARG C 19 52.28 16.03 -10.64
C ARG C 19 55.84 18.81 1.80
N LEU C 20 51.89 15.16 -9.69
N LEU C 20 55.34 17.86 2.62
CA LEU C 20 52.39 13.79 -9.54
CA LEU C 20 55.92 16.52 2.77
C LEU C 20 51.90 12.92 -10.71
C LEU C 20 55.69 15.67 1.51
N LEU C 21 50.63 13.11 -11.11
N LEU C 21 54.47 15.73 0.92
CA LEU C 21 49.99 12.40 -12.22
CA LEU C 21 54.09 14.98 -0.29
C LEU C 21 50.59 12.80 -13.57
C LEU C 21 54.92 15.40 -1.50
N THR C 22 50.82 14.11 -13.78
N THR C 22 55.01 16.72 -1.78
CA THR C 22 51.41 14.69 -14.99
CA THR C 22 55.75 17.27 -2.92
C THR C 22 52.77 14.03 -15.31
C THR C 22 57.23 16.85 -2.86
N LYS C 23 53.59 13.76 -14.27
N LYS C 23 57.81 16.82 -1.63
CA LYS C 23 54.89 13.11 -14.38
CA LYS C 23 59.19 16.39 -1.38
C LYS C 23 54.74 11.62 -14.72
C LYS C 23 59.33 14.87 -1.57
N LEU C 24 53.70 10.96 -14.17
N LEU C 24 58.30 14.08 -1.18
CA LEU C 24 53.41 9.53 -14.39
CA LEU C 24 58.27 12.62 -1.32
C LEU C 24 52.96 9.24 -15.84
C LEU C 24 58.18 12.18 -2.79
N LEU C 25 52.25 10.20 -16.48
N LEU C 25 57.75 13.10 -3.68
CA LEU C 25 51.75 10.10 -17.85
CA LEU C 25 57.61 12.86 -5.12
C LEU C 25 52.68 10.76 -18.90
C LEU C 25 58.57 13.73 -5.97
N ALA C 26 53.71 11.51 -18.43
N ALA C 26 59.35 14.64 -5.32
CA ALA C 26 54.67 12.26 -19.26
CA ALA C 26 60.30 15.61 -5.91
C ALA C 26 55.23 11.47 -20.46
C ALA C 26 61.17 15.02 -7.05
N SER C 27 55.69 10.21 -20.23
N SER C 27 61.68 13.79 -6.87
CA SER C 27 56.27 9.38 -21.28
CA SER C 27 62.49 13.11 -7.88
C SER C 27 55.29 8.31 -21.79
C SER C 27 61.52 12.31 -8.80
N LYS C 28 53.98 8.63 -21.82
N LYS C 28 61.69 10.97 -8.87
CA LYS C 28 52.93 7.72 -22.28
CA LYS C 28 60.86 10.04 -9.66
C LYS C 28 52.13 8.30 -23.46
C LYS C 28 60.61 10.56 -11.10
N SER C 29 51.76 7.43 -24.43
N SER C 29 59.34 10.56 -11.54
CA SER C 29 50.96 7.80 -25.61
CA SER C 29 58.90 11.02 -12.87
C SER C 29 49.50 8.06 -25.24
C SER C 29 57.39 11.25 -12.83
N LYS C 30 48.78 8.86 -26.07
N LYS C 30 56.85 12.04 -13.79
CA LYS C 30 47.37 9.25 -25.91
CA LYS C 30 55.42 12.34 -13.91
C LYS C 30 46.45 8.05 -25.63
C LYS C 30 54.59 11.06 -14.00
N GLU C 31 46.63 6.95 -26.38
N GLU C 31 55.11 10.03 -14.72
CA GLU C 31 45.85 5.71 -26.22
CA GLU C 31 54.48 8.72 -14.88
C GLU C 31 46.18 5.00 -24.90
C GLU C 31 54.42 8.00 -13.52
N GLU C 32 47.45 5.06 -24.45
N GLU C 32 55.50 8.10 -12.71
CA GLU C 32 47.91 4.46 -23.19
CA GLU C 32 55.59 7.50 -11.38
C GLU C 32 47.38 5.24 -21.99
C GLU C 32 54.68 8.22 -10.38
N VAL C 33 47.19 6.57 -22.14
N VAL C 33 54.59 9.58 -10.47
CA VAL C 33 46.68 7.47 -21.10
CA VAL C 33 53.76 10.42 -9.61
C VAL C 33 45.19 7.19 -20.90
C VAL C 33 52.28 10.13 -9.88
N SER C 34 44.43 7.05 -22.02
N SER C 34 51.90 10.04 -11.18
CA SER C 34 42.99 6.76 -22.03
CA SER C 34 50.55 9.72 -11.63
C SER C 34 42.66 5.41 -21.39
C SER C 34 50.15 8.30 -11.22
N SER C 35 43.55 4.42 -21.52
N SER C 35 51.16 7.40 -11.06
CA SER C 35 43.38 3.09 -20.93
CA SER C 35 50.95 6.01 -10.64
C SER C 35 43.59 3.13 -19.40
C SER C 35 50.88 5.86 -9.11
N LEU C 36 44.62 3.86 -18.93
N LEU C 36 51.64 6.69 -8.37
CA LEU C 36 44.97 4.00 -17.51
CA LEU C 36 51.66 6.68 -6.90
C LEU C 36 43.94 4.84 -16.73
C LEU C 36 50.46 7.41 -6.29
N ILE C 37 43.27 5.79 -17.42
N ILE C 37 49.81 8.29 -7.08
CA ILE C 37 42.27 6.69 -16.86
CA ILE C 37 48.64 9.06 -6.65
C ILE C 37 40.84 6.10 -16.91
C ILE C 37 47.31 8.42 -7.12
N SER C 38 40.61 5.05 -17.74
N SER C 38 47.38 7.40 -8.00
CA SER C 38 39.31 4.39 -17.88
CA SER C 38 46.18 6.73 -8.53
C SER C 38 39.27 3.03 -17.15
C SER C 38 45.85 5.45 -7.74
N GLU C 39 40.44 2.57 -16.65
N GLU C 39 46.86 4.86 -7.06
CA GLU C 39 40.56 1.31 -15.90
CA GLU C 39 46.73 3.64 -6.27
C GLU C 39 40.00 1.54 -14.50
C GLU C 39 45.79 3.80 -5.08
N LYS C 40 39.60 0.45 -13.81
N LYS C 40 45.18 2.68 -4.64
CA LYS C 40 39.04 0.55 -12.48
CA LYS C 40 44.26 2.68 -3.51
C LYS C 40 39.91 -0.16 -11.43
C LYS C 40 44.89 2.09 -2.25
N THR C 41 40.07 0.50 -10.28
N THR C 41 44.67 2.75 -1.12
CA THR C 41 40.83 -0.02 -9.14
CA THR C 41 45.14 2.32 0.20
C THR C 41 39.89 -0.01 -7.93
C THR C 41 43.94 2.28 1.14
N ASN C 42 39.56 -1.21 -7.41
N ASN C 42 43.59 1.06 1.59
CA ASN C 42 38.64 -1.44 -6.28
CA ASN C 42 42.43 0.75 2.46
C ASN C 42 37.22 -0.93 -6.63
C ASN C 42 41.10 1.07 1.73
N GLY C 43 36.76 -1.29 -7.84
N GLY C 43 41.09 0.87 0.41
CA GLY C 43 35.46 -0.93 -8.38
CA GLY C 43 39.93 1.10 -0.45
C GLY C 43 35.27 0.49 -8.87
C GLY C 43 39.81 2.48 -1.05
N ALA C 44 36.26 1.38 -8.64
N ALA C 44 40.55 3.47 -0.51
CA ALA C 44 36.15 2.79 -9.04
CA ALA C 44 40.48 4.86 -0.97
C ALA C 44 37.20 3.23 -10.05
C ALA C 44 41.78 5.35 -1.62
N THR C 45 36.83 4.24 -10.88
N THR C 45 41.66 6.32 -2.55
CA THR C 45 37.67 4.85 -11.91
CA THR C 45 42.78 6.96 -3.25
C THR C 45 38.39 6.11 -11.36
C THR C 45 43.24 8.21 -2.48
N PRO C 46 39.53 6.55 -11.96
N PRO C 46 44.48 8.72 -2.68
CA PRO C 46 40.19 7.78 -11.45
CA PRO C 46 44.89 9.95 -1.97
C PRO C 46 39.33 9.04 -11.48
C PRO C 46 43.94 11.14 -2.13
N LEU C 47 38.44 9.18 -12.49
N LEU C 47 43.39 11.35 -3.36
CA LEU C 47 37.54 10.33 -12.64
CA LEU C 47 42.45 12.45 -3.67
C LEU C 47 36.49 10.35 -11.52
C LEU C 47 41.17 12.36 -2.84
N LEU C 48 36.01 9.17 -11.10
N LEU C 48 40.57 11.16 -2.71
CA LEU C 48 35.03 9.02 -10.03
CA LEU C 48 39.35 10.94 -1.94
C LEU C 48 35.59 9.48 -8.67
C LEU C 48 39.56 11.35 -0.47
N MET C 49 36.83 9.07 -8.33
N MET C 49 40.67 10.91 0.14
CA MET C 49 37.49 9.44 -7.06
CA MET C 49 40.98 11.24 1.54
C MET C 49 37.77 10.95 -7.00
C MET C 49 41.30 12.74 1.69
N ALA C 50 38.15 11.55 -8.13
N ALA C 50 41.91 13.37 0.65
CA ALA C 50 38.42 12.98 -8.29
CA ALA C 50 42.23 14.79 0.64
C ALA C 50 37.14 13.79 -8.14
C ALA C 50 40.95 15.65 0.65
N ALA C 51 36.00 13.20 -8.56
N ALA C 51 39.97 15.27 -0.19
CA ALA C 51 34.69 13.83 -8.43
CA ALA C 51 38.66 15.94 -0.31
C ALA C 51 34.19 13.70 -7.01
C ALA C 51 37.74 15.66 0.88
N ARG C 52 34.35 12.49 -6.41
N ARG C 52 37.82 14.46 1.49
CA ARG C 52 33.93 12.17 -5.05
CA ARG C 52 37.00 14.07 2.64
C ARG C 52 34.71 12.93 -3.98
C ARG C 52 37.33 14.85 3.92
N TYR C 53 35.96 13.31 -4.25
N TYR C 53 38.62 15.17 4.14
CA TYR C 53 36.80 14.02 -3.28
CA TYR C 53 39.07 15.87 5.34
C TYR C 53 37.07 15.47 -3.73
C TYR C 53 39.33 17.38 5.05
N GLY C 54 36.23 15.96 -4.64
N GLY C 54 38.83 17.84 3.90
CA GLY C 54 36.18 17.33 -5.15
CA GLY C 54 38.85 19.22 3.45
C GLY C 54 37.47 17.97 -5.62
C GLY C 54 40.18 19.92 3.30
N HIS C 55 38.17 17.32 -6.54
N HIS C 55 41.16 19.23 2.69
CA HIS C 55 39.39 17.86 -7.10
CA HIS C 55 42.48 19.81 2.44
C HIS C 55 39.09 18.40 -8.49
C HIS C 55 42.48 20.38 1.02
N LEU C 56 38.77 19.73 -8.56
N LEU C 56 41.94 21.62 0.90
CA LEU C 56 38.37 20.43 -9.79
CA LEU C 56 41.78 22.38 -0.36
C LEU C 56 39.44 20.37 -10.87
C LEU C 56 43.05 22.43 -1.17
N ASP C 57 40.72 20.65 -10.52
N ASP C 57 44.18 22.83 -0.54
CA ASP C 57 41.86 20.62 -11.45
CA ASP C 57 45.50 22.91 -1.18
C ASP C 57 42.05 19.22 -12.03
C ASP C 57 45.96 21.55 -1.69
N MET C 58 41.97 18.19 -11.17
N MET C 58 45.64 20.47 -0.96
CA MET C 58 42.12 16.79 -11.51
CA MET C 58 46.01 19.10 -1.33
C MET C 58 41.03 16.35 -12.47
C MET C 58 45.21 18.62 -2.55
N VAL C 59 39.75 16.63 -12.13
N VAL C 59 43.87 18.85 -2.55
CA VAL C 59 38.58 16.29 -12.95
CA VAL C 59 42.97 18.46 -3.65
C VAL C 59 38.72 16.90 -14.35
C VAL C 59 43.41 19.09 -4.98
N GLU C 60 39.14 18.19 -14.45
N GLU C 60 43.60 20.42 -5.00
CA GLU C 60 39.35 18.91 -15.71
CA GLU C 60 44.01 21.21 -6.18
C GLU C 60 40.43 18.24 -16.58
C GLU C 60 45.36 20.73 -6.74
N PHE C 61 41.53 17.81 -15.95
N PHE C 61 46.30 20.35 -5.84
CA PHE C 61 42.64 17.12 -16.62
CA PHE C 61 47.62 19.84 -6.19
C PHE C 61 42.19 15.79 -17.23
C PHE C 61 47.52 18.48 -6.89
N LEU C 62 41.47 14.96 -16.45
N LEU C 62 46.70 17.55 -6.33
CA LEU C 62 41.02 13.62 -16.86
CA LEU C 62 46.47 16.21 -6.86
C LEU C 62 40.03 13.69 -18.02
C LEU C 62 45.67 16.23 -8.17
N LEU C 63 39.05 14.62 -17.96
N LEU C 63 44.74 17.20 -8.30
CA LEU C 63 38.04 14.82 -19.02
CA LEU C 63 43.92 17.36 -9.51
C LEU C 63 38.66 15.40 -20.30
C LEU C 63 44.72 17.97 -10.67
N GLU C 64 39.73 16.22 -20.18
N GLU C 64 45.80 18.70 -10.34
CA GLU C 64 40.41 16.79 -21.35
CA GLU C 64 46.69 19.32 -11.34
C GLU C 64 41.22 15.72 -22.09
C GLU C 64 47.63 18.26 -11.92
N GLN C 65 41.71 14.69 -21.37
N GLN C 65 48.11 17.33 -11.07
CA GLN C 65 42.49 13.60 -21.94
CA GLN C 65 49.01 16.23 -11.46
C GLN C 65 41.58 12.55 -22.60
C GLN C 65 48.30 15.20 -12.32
N CYS C 66 40.54 12.08 -21.87
N CYS C 66 47.12 14.74 -11.89
CA CYS C 66 39.55 11.10 -22.32
CA CYS C 66 46.29 13.77 -12.60
C CYS C 66 38.21 11.36 -21.62
C CYS C 66 44.81 14.06 -12.33
N SER C 67 37.14 11.52 -22.41
N SER C 67 44.08 14.49 -13.36
CA SER C 67 35.79 11.82 -21.90
CA SER C 67 42.66 14.83 -13.28
C SER C 67 34.92 10.56 -21.68
C SER C 67 41.73 13.61 -13.50
N ALA C 68 35.38 9.37 -22.15
N ALA C 68 42.32 12.43 -13.75
CA ALA C 68 34.68 8.08 -22.07
CA ALA C 68 41.60 11.17 -13.99
C ALA C 68 34.18 7.70 -20.66
C ALA C 68 40.95 10.61 -12.71
N SER C 69 34.91 8.08 -19.59
N SER C 69 41.57 10.84 -11.54
CA SER C 69 34.58 7.74 -18.20
CA SER C 69 41.11 10.34 -10.25
C SER C 69 33.50 8.65 -17.54
C SER C 69 39.84 11.05 -9.72
N ILE C 70 32.98 9.68 -18.25
N ILE C 70 39.43 12.17 -10.35
CA ILE C 70 31.99 10.67 -17.78
CA ILE C 70 38.27 13.01 -9.99
C ILE C 70 30.73 10.06 -17.15
C ILE C 70 36.96 12.22 -9.80
N GLU C 71 30.24 8.91 -17.67
N GLU C 71 36.72 11.16 -10.58
CA GLU C 71 29.02 8.28 -17.15
CA GLU C 71 35.49 10.37 -10.50
C GLU C 71 29.27 6.87 -16.59
C GLU C 71 35.69 8.99 -9.82
N VAL C 72 30.55 6.47 -16.39
N VAL C 72 36.93 8.66 -9.38
CA VAL C 72 30.87 5.14 -15.87
CA VAL C 72 37.22 7.38 -8.73
C VAL C 72 30.71 5.14 -14.35
C VAL C 72 36.64 7.35 -7.31
N GLY C 73 29.80 4.29 -13.87
N GLY C 73 35.78 6.36 -7.07
CA GLY C 73 29.49 4.12 -12.46
CA GLY C 73 35.15 6.14 -5.78
C GLY C 73 30.46 3.22 -11.73
C GLY C 73 35.89 5.14 -4.92
N GLY C 74 30.63 3.49 -10.43
N GLY C 74 35.77 5.31 -3.60
CA GLY C 74 31.54 2.72 -9.59
CA GLY C 74 36.40 4.44 -2.63
C GLY C 74 31.30 2.81 -8.10
C GLY C 74 35.74 4.45 -1.26
N SER C 75 32.19 2.17 -7.33
N SER C 75 36.45 3.91 -0.25
CA SER C 75 32.14 2.09 -5.86
CA SER C 75 35.97 3.78 1.12
C SER C 75 32.69 3.33 -5.18
C SER C 75 36.25 5.03 1.97
N VAL C 76 31.88 3.93 -4.27
N VAL C 76 35.21 5.53 2.66
CA VAL C 76 32.22 5.11 -3.46
CA VAL C 76 35.25 6.70 3.57
C VAL C 76 31.79 4.89 -2.00
C VAL C 76 34.46 6.42 4.83
N ASN C 77 32.56 5.43 -1.04
N ASN C 77 34.99 6.87 5.98
CA ASN C 77 32.27 5.27 0.39
CA ASN C 77 34.39 6.67 7.30
C ASN C 77 31.73 6.54 1.04
C ASN C 77 33.66 7.93 7.78
N PHE C 78 30.67 6.40 1.85
N PHE C 78 32.41 7.75 8.25
CA PHE C 78 30.01 7.45 2.63
CA PHE C 78 31.58 8.83 8.79
C PHE C 78 29.45 6.81 3.92
C PHE C 78 30.68 8.27 9.91
N ASP C 79 29.99 7.23 5.09
N ASP C 79 30.89 8.75 11.15
CA ASP C 79 29.69 6.72 6.45
CA ASP C 79 30.20 8.36 12.38
C ASP C 79 30.02 5.22 6.60
C ASP C 79 30.22 6.81 12.59
N GLY C 80 31.09 4.78 5.95
N GLY C 80 31.44 6.25 12.56
CA GLY C 80 31.53 3.39 5.97
CA GLY C 80 31.71 4.82 12.76
C GLY C 80 30.71 2.45 5.10
C GLY C 80 31.10 3.87 11.74
N GLU C 81 29.65 2.98 4.46
N GLU C 81 30.90 4.34 10.50
CA GLU C 81 28.75 2.23 3.56
CA GLU C 81 30.35 3.54 9.40
C GLU C 81 29.29 2.36 2.14
C GLU C 81 31.14 3.79 8.13
N THR C 82 29.33 1.25 1.39
N THR C 82 31.35 2.73 7.32
CA THR C 82 29.84 1.26 0.01
CA THR C 82 32.12 2.82 6.08
C THR C 82 28.68 1.29 -0.96
C THR C 82 31.17 2.89 4.88
N ILE C 83 28.60 2.38 -1.75
N ILE C 83 31.37 3.92 4.04
CA ILE C 83 27.55 2.57 -2.76
CA ILE C 83 30.60 4.16 2.81
C ILE C 83 28.11 2.17 -4.13
C ILE C 83 31.52 3.71 1.66
N GLU C 84 27.43 1.22 -4.80
N GLU C 84 31.06 2.76 0.84
CA GLU C 84 27.84 0.70 -6.10
CA GLU C 84 31.82 2.21 -0.29
C GLU C 84 27.20 1.46 -7.27
C GLU C 84 31.52 2.91 -1.62
N GLY C 85 27.85 1.41 -8.42
N GLY C 85 32.55 3.03 -2.46
CA GLY C 85 27.40 2.01 -9.67
CA GLY C 85 32.48 3.64 -3.78
C GLY C 85 27.18 3.51 -9.67
C GLY C 85 32.12 5.10 -3.82
N ALA C 86 27.74 4.23 -8.68
N ALA C 86 32.46 5.85 -2.76
CA ALA C 86 27.59 5.67 -8.62
CA ALA C 86 32.17 7.28 -2.66
C ALA C 86 28.48 6.35 -9.66
C ALA C 86 33.20 8.10 -3.44
N PRO C 87 27.92 7.14 -10.61
N PRO C 87 32.77 8.91 -4.44
CA PRO C 87 28.76 7.81 -11.61
CA PRO C 87 33.74 9.75 -5.17
C PRO C 87 29.42 9.07 -11.02
C PRO C 87 34.20 10.94 -4.33
N PRO C 88 30.31 9.81 -11.75
N PRO C 88 35.31 11.67 -4.69
CA PRO C 88 30.98 10.97 -11.12
CA PRO C 88 35.73 12.83 -3.88
C PRO C 88 30.06 12.14 -10.70
C PRO C 88 34.67 13.91 -3.69
N LEU C 89 28.98 12.40 -11.46
N LEU C 89 33.84 14.22 -4.72
CA LEU C 89 28.05 13.52 -11.16
CA LEU C 89 32.78 15.23 -4.59
C LEU C 89 27.33 13.31 -9.82
C LEU C 89 31.77 14.86 -3.51
N TRP C 90 26.94 12.07 -9.51
N TRP C 90 31.34 13.57 -3.47
CA TRP C 90 26.25 11.70 -8.28
CA TRP C 90 30.39 13.10 -2.47
C TRP C 90 27.19 11.85 -7.08
C TRP C 90 30.96 13.27 -1.06
N ALA C 91 28.42 11.29 -7.19
N ALA C 91 32.25 12.89 -0.89
CA ALA C 91 29.44 11.32 -6.12
CA ALA C 91 32.96 12.93 0.39
C ALA C 91 29.77 12.75 -5.70
C ALA C 91 33.09 14.34 0.96
N ALA C 92 29.98 13.65 -6.68
N ALA C 92 33.36 15.35 0.08
CA ALA C 92 30.26 15.07 -6.45
CA ALA C 92 33.48 16.76 0.45
C ALA C 92 29.07 15.82 -5.80
C ALA C 92 32.12 17.40 0.79
N SER C 93 27.81 15.41 -6.13
N SER C 93 31.04 16.98 0.11
CA SER C 93 26.58 15.99 -5.57
CA SER C 93 29.67 17.47 0.35
C SER C 93 26.44 15.57 -4.12
C SER C 93 29.15 16.94 1.71
N ALA C 94 26.55 14.24 -3.85
N ALA C 94 29.43 15.66 2.03
CA ALA C 94 26.46 13.63 -2.53
CA ALA C 94 29.05 14.97 3.26
C ALA C 94 27.50 14.19 -1.54
C ALA C 94 29.72 15.60 4.50
N ALA C 95 28.74 14.43 -2.01
N ALA C 95 31.01 15.96 4.41
CA ALA C 95 29.85 14.90 -1.18
CA ALA C 95 31.81 16.52 5.50
C ALA C 95 29.92 16.44 -1.04
C ALA C 95 31.69 18.06 5.62
N GLY C 96 29.08 17.16 -1.79
N GLY C 96 30.98 18.70 4.69
CA GLY C 96 29.03 18.61 -1.72
CA GLY C 96 30.73 20.14 4.70
C GLY C 96 30.16 19.35 -2.41
C GLY C 96 31.87 21.03 4.25
N HIS C 97 30.42 19.00 -3.67
N HIS C 97 32.60 20.60 3.22
CA HIS C 97 31.46 19.66 -4.45
CA HIS C 97 33.74 21.35 2.69
C HIS C 97 30.80 20.36 -5.63
C HIS C 97 33.30 22.11 1.43
N LEU C 98 30.26 21.57 -5.35
N LEU C 98 32.75 23.31 1.64
CA LEU C 98 29.56 22.44 -6.30
CA LEU C 98 32.22 24.16 0.57
C LEU C 98 30.42 22.71 -7.55
C LEU C 98 33.29 24.51 -0.46
N LYS C 99 31.72 23.00 -7.33
N LYS C 99 34.47 24.98 -0.02
CA LYS C 99 32.70 23.25 -8.39
CA LYS C 99 35.56 25.39 -0.90
C LYS C 99 32.78 22.11 -9.42
C LYS C 99 36.11 24.22 -1.75
N VAL C 100 32.82 20.85 -8.92
N VAL C 100 36.11 22.98 -1.21
CA VAL C 100 32.95 19.65 -9.75
CA VAL C 100 36.61 21.80 -1.93
C VAL C 100 31.61 19.34 -10.45
C VAL C 100 35.56 21.37 -2.98
N VAL C 101 30.46 19.56 -9.76
N VAL C 101 34.25 21.46 -2.64
CA VAL C 101 29.13 19.36 -10.33
CA VAL C 101 33.15 21.15 -3.56
C VAL C 101 28.98 20.19 -11.62
C VAL C 101 33.23 22.07 -4.79
N GLN C 102 29.30 21.48 -11.52
N GLN C 102 33.36 23.39 -4.52
CA GLN C 102 29.27 22.46 -12.62
CA GLN C 102 33.49 24.47 -5.51
C GLN C 102 30.19 22.05 -13.77
C GLN C 102 34.69 24.27 -6.45
N SER C 103 31.38 21.53 -13.45
N SER C 103 35.81 23.73 -5.93
CA SER C 103 32.38 21.13 -14.45
CA SER C 103 37.01 23.43 -6.71
C SER C 103 31.92 19.93 -15.27
C SER C 103 36.83 22.14 -7.52
N LEU C 104 31.33 18.92 -14.62
N LEU C 104 36.23 21.08 -6.92
CA LEU C 104 30.86 17.69 -15.28
CA LEU C 104 35.99 19.82 -7.63
C LEU C 104 29.69 18.00 -16.21
C LEU C 104 35.07 20.01 -8.85
N LEU C 105 28.77 18.90 -15.79
N LEU C 105 33.98 20.79 -8.70
CA LEU C 105 27.64 19.33 -16.61
CA LEU C 105 33.06 21.10 -9.81
C LEU C 105 28.13 20.12 -17.82
C LEU C 105 33.72 21.98 -10.88
N ASN C 106 29.18 20.95 -17.63
N ASN C 106 34.62 22.91 -10.46
CA ASN C 106 29.83 21.71 -18.71
CA ASN C 106 35.38 23.79 -11.38
C ASN C 106 30.48 20.75 -19.70
C ASN C 106 36.40 22.98 -12.19
N HIS C 107 30.90 19.55 -19.23
N HIS C 107 36.82 21.81 -11.65
CA HIS C 107 31.53 18.54 -20.07
CA HIS C 107 37.79 20.92 -12.29
C HIS C 107 30.51 17.50 -20.58
C HIS C 107 37.08 19.79 -13.08
N GLY C 108 29.22 17.80 -20.44
N GLY C 108 35.78 19.96 -13.31
CA GLY C 108 28.11 17.01 -20.94
CA GLY C 108 34.95 19.06 -14.12
C GLY C 108 27.71 15.77 -20.15
C GLY C 108 34.43 17.80 -13.47
N ALA C 109 27.83 15.81 -18.81
N ALA C 109 34.09 17.85 -12.16
CA ALA C 109 27.42 14.68 -17.96
CA ALA C 109 33.53 16.68 -11.46
C ALA C 109 25.91 14.61 -17.92
C ALA C 109 32.06 16.49 -11.83
N SER C 110 25.35 13.38 -17.88
N SER C 110 31.59 15.22 -11.85
CA SER C 110 23.91 13.15 -17.83
CA SER C 110 30.22 14.87 -12.16
C SER C 110 23.39 13.53 -16.45
C SER C 110 29.32 15.16 -10.94
N VAL C 111 22.48 14.53 -16.41
N VAL C 111 28.39 16.11 -11.09
CA VAL C 111 21.92 15.09 -15.18
CA VAL C 111 27.48 16.58 -10.04
C VAL C 111 20.98 14.08 -14.46
C VAL C 111 26.53 15.46 -9.55
N ASN C 112 20.37 13.11 -15.17
N ASN C 112 26.19 14.48 -10.42
CA ASN C 112 19.48 12.12 -14.53
CA ASN C 112 25.26 13.40 -10.06
C ASN C 112 20.13 10.73 -14.38
C ASN C 112 25.97 12.04 -9.81
N ASN C 113 21.45 10.61 -14.68
N ASN C 113 27.31 12.03 -9.71
CA ASN C 113 22.21 9.36 -14.56
CA ASN C 113 28.06 10.80 -9.45
C ASN C 113 22.31 8.94 -13.09
C ASN C 113 27.79 10.36 -8.01
N THR C 114 21.81 7.74 -12.77
N THR C 114 27.25 9.14 -7.85
CA THR C 114 21.75 7.27 -11.39
CA THR C 114 26.79 8.55 -6.60
C THR C 114 22.74 6.16 -11.03
C THR C 114 27.74 7.52 -5.96
N THR C 115 22.78 5.85 -9.73
N THR C 115 27.42 7.13 -4.71
CA THR C 115 23.48 4.74 -9.09
CA THR C 115 28.10 6.06 -3.96
C THR C 115 22.58 3.51 -9.39
C THR C 115 27.53 4.75 -4.53
N LEU C 116 23.05 2.28 -9.10
N LEU C 116 27.97 3.59 -3.99
CA LEU C 116 22.26 1.05 -9.29
CA LEU C 116 27.48 2.27 -4.40
C LEU C 116 20.91 1.09 -8.54
C LEU C 116 25.98 2.10 -4.04
N THR C 117 20.85 1.80 -7.39
N THR C 117 25.51 2.83 -3.01
CA THR C 117 19.66 1.97 -6.54
CA THR C 117 24.13 2.78 -2.51
C THR C 117 18.70 3.06 -7.07
C THR C 117 23.26 3.86 -3.18
N ASN C 118 18.97 3.63 -8.27
N ASN C 118 23.72 4.37 -4.35
CA ASN C 118 18.17 4.65 -8.98
CA ASN C 118 23.09 5.38 -5.21
C ASN C 118 18.11 5.98 -8.19
C ASN C 118 22.78 6.71 -4.46
N SER C 119 19.24 6.30 -7.52
N SER C 119 23.68 7.14 -3.57
CA SER C 119 19.41 7.57 -6.80
CA SER C 119 23.54 8.40 -2.83
C SER C 119 20.04 8.56 -7.79
C SER C 119 24.33 9.53 -3.55
N THR C 120 19.32 9.65 -8.09
N THR C 120 23.62 10.58 -3.99
CA THR C 120 19.79 10.71 -9.00
CA THR C 120 24.10 11.75 -4.71
C THR C 120 20.79 11.64 -8.30
C THR C 120 24.85 12.73 -3.76
N PRO C 121 21.56 12.49 -9.05
N PRO C 121 25.83 13.58 -4.20
CA PRO C 121 22.43 13.47 -8.37
CA PRO C 121 26.45 14.56 -3.28
C PRO C 121 21.59 14.45 -7.53
C PRO C 121 25.43 15.51 -2.66
N LEU C 122 20.32 14.68 -7.93
N LEU C 122 24.32 15.79 -3.41
CA LEU C 122 19.42 15.57 -7.18
CA LEU C 122 23.21 16.62 -2.93
C LEU C 122 19.11 14.98 -5.82
C LEU C 122 22.62 15.99 -1.66
N ARG C 123 18.84 13.66 -5.75
N ARG C 123 22.39 14.66 -1.69
CA ARG C 123 18.53 13.00 -4.50
CA ARG C 123 21.89 13.91 -0.55
C ARG C 123 19.78 12.92 -3.63
C ARG C 123 22.91 13.84 0.59
N ALA C 124 20.96 12.86 -4.29
N ALA C 124 24.23 13.88 0.27
CA ALA C 124 22.27 12.83 -3.65
CA ALA C 124 25.32 13.84 1.24
C ALA C 124 22.49 14.12 -2.84
C ALA C 124 25.35 15.14 2.06
N ALA C 125 22.31 15.29 -3.49
N ALA C 125 25.04 16.26 1.42
CA ALA C 125 22.47 16.63 -2.88
CA ALA C 125 24.99 17.58 2.05
C ALA C 125 21.42 16.90 -1.78
C ALA C 125 23.71 17.74 2.88
N CYS C 126 20.20 16.35 -1.93
N CYS C 126 22.62 17.08 2.44
CA CYS C 126 19.09 16.55 -0.99
CA CYS C 126 21.30 17.13 3.09
C CYS C 126 19.36 15.88 0.36
C CYS C 126 21.29 16.41 4.45
N PHE C 127 20.10 14.76 0.36
N PHE C 127 22.22 15.48 4.69
CA PHE C 127 20.41 13.94 1.54
CA PHE C 127 22.29 14.73 5.94
C PHE C 127 21.19 14.73 2.62
C PHE C 127 22.64 15.64 7.13
N ASP C 128 22.37 15.28 2.31
N ASP C 128 23.86 16.21 7.17
CA ASP C 128 23.16 16.03 3.28
CA ASP C 128 24.32 17.05 8.30
C ASP C 128 22.86 17.55 3.22
C ASP C 128 23.88 18.51 8.22
N GLY C 129 21.92 17.93 2.36
N GLY C 129 23.21 18.87 7.13
CA GLY C 129 21.42 19.29 2.24
CA GLY C 129 22.68 20.21 6.95
C GLY C 129 22.29 20.32 1.55
C GLY C 129 23.63 21.25 6.44
N HIS C 130 22.84 19.98 0.38
N HIS C 130 24.22 21.03 5.25
CA HIS C 130 23.65 20.90 -0.40
CA HIS C 130 25.14 21.97 4.62
C HIS C 130 22.72 21.71 -1.31
C HIS C 130 24.39 22.71 3.52
N LEU C 131 22.12 22.79 -0.74
N LEU C 131 23.64 23.77 3.93
CA LEU C 131 21.15 23.69 -1.39
CA LEU C 131 22.78 24.59 3.09
C LEU C 131 21.63 24.25 -2.74
C LEU C 131 23.54 25.29 1.96
N GLU C 132 22.85 24.79 -2.80
N GLU C 132 24.77 25.80 2.25
CA GLU C 132 23.41 25.37 -4.03
CA GLU C 132 25.61 26.48 1.26
C GLU C 132 23.51 24.31 -5.13
C GLU C 132 26.07 25.53 0.15
N ILE C 133 23.86 23.06 -4.78
N ILE C 133 26.24 24.23 0.49
CA ILE C 133 23.95 21.97 -5.75
CA ILE C 133 26.66 23.21 -0.48
C ILE C 133 22.54 21.58 -6.23
C ILE C 133 25.43 22.77 -1.29
N VAL C 134 21.54 21.56 -5.32
N VAL C 134 24.26 22.55 -0.62
CA VAL C 134 20.13 21.24 -5.63
CA VAL C 134 22.98 22.18 -1.25
C VAL C 134 19.64 22.23 -6.69
C VAL C 134 22.66 23.22 -2.35
N LYS C 135 19.87 23.55 -6.44
N LYS C 135 22.75 24.52 -2.00
CA LYS C 135 19.48 24.65 -7.31
CA LYS C 135 22.52 25.64 -2.90
C LYS C 135 20.12 24.54 -8.70
C LYS C 135 23.46 25.56 -4.10
N TYR C 136 21.44 24.25 -8.75
N TYR C 136 24.79 25.40 -3.84
CA TYR C 136 22.19 24.09 -10.00
CA TYR C 136 25.85 25.29 -4.84
C TYR C 136 21.65 22.93 -10.84
C TYR C 136 25.65 24.11 -5.81
N LEU C 137 21.38 21.77 -10.20
N LEU C 137 25.29 22.92 -5.28
CA LEU C 137 20.85 20.57 -10.87
CA LEU C 137 25.06 21.71 -6.08
C LEU C 137 19.45 20.83 -11.43
C LEU C 137 23.83 21.85 -7.00
N VAL C 138 18.54 21.41 -10.61
N VAL C 138 22.68 22.34 -6.46
CA VAL C 138 17.17 21.75 -11.04
CA VAL C 138 21.43 22.56 -7.21
C VAL C 138 17.21 22.74 -12.23
C VAL C 138 21.66 23.63 -8.32
N GLU C 139 18.14 23.73 -12.18
N GLU C 139 22.53 24.63 -8.06
CA GLU C 139 18.32 24.72 -13.25
CA GLU C 139 22.90 25.69 -9.00
C GLU C 139 18.91 24.10 -14.52
C GLU C 139 23.74 25.15 -10.16
N HIS C 140 19.48 22.89 -14.42
N HIS C 140 24.48 24.05 -9.92
CA HIS C 140 20.08 22.17 -15.53
CA HIS C 140 25.33 23.39 -10.90
C HIS C 140 19.31 20.86 -15.86
C HIS C 140 24.67 22.07 -11.39
N LYS C 141 17.97 20.99 -15.86
N LYS C 141 23.31 22.10 -11.48
CA LYS C 141 16.92 20.03 -16.26
CA LYS C 141 22.38 21.10 -12.01
C LYS C 141 16.89 18.70 -15.47
C LYS C 141 22.37 19.75 -11.26
N ALA C 142 17.37 18.67 -14.20
N ALA C 142 22.26 19.77 -9.92
CA ALA C 142 17.28 17.46 -13.37
CA ALA C 142 22.09 18.51 -9.18
C ALA C 142 15.82 17.15 -13.07
C ALA C 142 20.64 18.04 -9.42
N ASP C 143 15.45 15.87 -13.06
N ASP C 143 20.47 16.75 -9.76
CA ASP C 143 14.05 15.48 -12.83
CA ASP C 143 19.16 16.15 -9.99
C ASP C 143 13.76 15.36 -11.33
C ASP C 143 18.54 15.91 -8.60
N LEU C 144 12.78 16.16 -10.88
N LEU C 144 17.53 16.73 -8.26
CA LEU C 144 12.30 16.23 -9.49
CA LEU C 144 16.82 16.72 -6.98
C LEU C 144 11.65 14.94 -9.00
C LEU C 144 16.11 15.40 -6.67
N GLU C 145 10.98 14.19 -9.89
N GLU C 145 15.78 14.61 -7.71
CA GLU C 145 10.17 13.03 -9.50
CA GLU C 145 15.00 13.38 -7.63
C GLU C 145 10.85 11.65 -9.72
C GLU C 145 15.81 12.10 -7.46
N VAL C 146 12.12 11.58 -10.13
N VAL C 146 17.14 12.13 -7.60
CA VAL C 146 12.79 10.27 -10.26
CA VAL C 146 17.91 10.89 -7.43
C VAL C 146 13.21 9.80 -8.85
C VAL C 146 17.94 10.54 -5.94
N SER C 147 12.46 8.84 -8.30
N SER C 147 17.36 9.39 -5.59
CA SER C 147 12.69 8.28 -6.97
CA SER C 147 17.29 8.87 -4.22
C SER C 147 13.70 7.11 -7.02
C SER C 147 18.26 7.68 -4.05
N ASN C 148 14.21 6.67 -5.85
N ASN C 148 18.54 7.25 -2.81
CA ASN C 148 15.15 5.55 -5.75
CA ASN C 148 19.45 6.13 -2.56
C ASN C 148 14.38 4.20 -5.79
C ASN C 148 18.75 4.77 -2.81
N ARG C 149 15.06 3.05 -5.49
N ARG C 149 19.45 3.65 -2.52
CA ARG C 149 14.46 1.73 -5.53
CA ARG C 149 18.94 2.28 -2.71
C ARG C 149 13.32 1.55 -4.47
C ARG C 149 17.63 2.01 -1.95
N HIS C 150 13.28 2.42 -3.45
N HIS C 150 17.37 2.74 -0.85
CA HIS C 150 12.26 2.39 -2.41
CA HIS C 150 16.14 2.60 -0.07
C HIS C 150 11.11 3.35 -2.71
C HIS C 150 15.00 3.48 -0.67
N GLY C 151 11.25 4.13 -3.79
N GLY C 151 15.34 4.29 -1.68
CA GLY C 151 10.23 5.11 -4.14
CA GLY C 151 14.38 5.19 -2.31
C GLY C 151 10.30 6.34 -3.26
C GLY C 151 14.13 6.43 -1.46
N HIS C 152 11.45 6.53 -2.58
N HIS C 152 14.97 6.66 -0.44
CA HIS C 152 11.70 7.68 -1.71
CA HIS C 152 14.92 7.83 0.46
C HIS C 152 12.24 8.76 -2.63
C HIS C 152 15.55 9.01 -0.28
N THR C 153 11.50 9.88 -2.73
N THR C 153 14.76 10.07 -0.49
CA THR C 153 11.76 10.99 -3.64
CA THR C 153 15.18 11.27 -1.22
C THR C 153 12.68 12.07 -2.97
C THR C 153 15.85 12.33 -0.32
N CYS C 154 13.11 13.10 -3.76
N CYS C 154 16.39 13.40 -0.94
CA CYS C 154 13.95 14.22 -3.32
CA CYS C 154 17.04 14.56 -0.31
C CYS C 154 13.27 15.03 -2.24
C CYS C 154 16.03 15.29 0.58
N LEU C 155 11.92 15.23 -2.36
N LEU C 155 14.80 15.49 0.05
CA LEU C 155 11.11 15.96 -1.38
CA LEU C 155 13.70 16.14 0.77
C LEU C 155 11.04 15.19 -0.07
C LEU C 155 13.39 15.36 2.05
N MET C 156 10.73 13.87 -0.14
N MET C 156 13.20 14.03 1.93
CA MET C 156 10.65 13.00 1.04
CA MET C 156 12.93 13.08 3.02
C MET C 156 11.94 12.96 1.87
C MET C 156 13.96 13.14 4.14
N ILE C 157 13.12 12.87 1.20
N ILE C 157 15.27 13.10 3.80
CA ILE C 157 14.41 12.77 1.92
CA ILE C 157 16.36 13.11 4.77
C ILE C 157 14.79 14.15 2.55
C ILE C 157 16.50 14.51 5.40
N SER C 158 14.47 15.26 1.86
N SER C 158 16.14 15.59 4.67
CA SER C 158 14.71 16.64 2.33
CA SER C 158 16.16 16.95 5.25
C SER C 158 13.96 16.94 3.63
C SER C 158 15.07 17.07 6.31
N CYS C 159 12.72 16.43 3.73
N CYS C 159 13.86 16.53 6.02
CA CYS C 159 11.85 16.54 4.92
CA CYS C 159 12.72 16.52 6.94
C CYS C 159 12.38 15.68 6.09
C CYS C 159 13.03 15.68 8.19
N TYR C 160 13.02 14.53 5.79
N TYR C 160 13.65 14.49 8.01
CA TYR C 160 13.56 13.60 6.79
CA TYR C 160 14.01 13.56 9.10
C TYR C 160 14.78 14.12 7.51
C TYR C 160 15.10 14.13 10.05
N LYS C 161 15.63 14.84 6.77
N LYS C 161 15.99 14.99 9.52
CA LYS C 161 16.89 15.32 7.33
CA LYS C 161 17.07 15.61 10.30
C LYS C 161 16.71 16.70 7.97
C LYS C 161 16.69 17.02 10.80
N GLY C 162 15.56 17.32 7.71
N GLY C 162 15.48 17.49 10.46
CA GLY C 162 15.21 18.63 8.27
CA GLY C 162 14.94 18.78 10.85
C GLY C 162 15.69 19.82 7.46
C GLY C 162 15.60 20.02 10.26
N HIS C 163 15.92 19.62 6.16
N HIS C 163 16.13 19.92 9.03
CA HIS C 163 16.38 20.70 5.26
CA HIS C 163 16.78 21.05 8.38
C HIS C 163 15.16 21.52 4.82
C HIS C 163 15.73 21.87 7.61
N LYS C 164 14.79 22.54 5.62
N LYS C 164 15.03 22.76 8.34
CA LYS C 164 13.62 23.39 5.38
CA LYS C 164 13.96 23.62 7.85
C LYS C 164 13.76 24.20 4.07
C LYS C 164 14.38 24.43 6.62
N GLU C 165 14.94 24.80 3.82
N GLU C 165 15.62 24.97 6.64
CA GLU C 165 15.21 25.62 2.63
CA GLU C 165 16.20 25.79 5.57
C GLU C 165 15.19 24.80 1.32
C GLU C 165 16.34 25.01 4.26
N ILE C 166 15.69 23.55 1.33
N ILE C 166 17.05 23.87 4.30
CA ILE C 166 15.72 22.68 0.15
CA ILE C 166 17.30 23.01 3.13
C ILE C 166 14.30 22.20 -0.16
C ILE C 166 15.96 22.46 2.57
N ALA C 167 13.54 21.76 0.86
N ALA C 167 15.03 22.01 3.44
CA ALA C 167 12.15 21.34 0.73
CA ALA C 167 13.72 21.49 3.02
C ALA C 167 11.31 22.46 0.11
C ALA C 167 12.92 22.55 2.23
N GLN C 168 11.50 23.73 0.56
N GLN C 168 12.97 23.82 2.67
CA GLN C 168 10.81 24.92 0.06
CA GLN C 168 12.28 24.95 2.02
C GLN C 168 11.09 25.15 -1.43
C GLN C 168 12.86 25.18 0.64
N TYR C 169 12.38 25.08 -1.84
N TYR C 169 14.20 25.25 0.54
CA TYR C 169 12.81 25.26 -3.22
CA TYR C 169 14.96 25.46 -0.69
C TYR C 169 12.16 24.20 -4.14
C TYR C 169 14.63 24.38 -1.73
N LEU C 170 12.14 22.92 -3.68
N LEU C 170 14.63 23.09 -1.30
CA LEU C 170 11.57 21.79 -4.44
CA LEU C 170 14.31 21.94 -2.16
C LEU C 170 10.07 22.01 -4.70
C LEU C 170 12.88 22.02 -2.70
N LEU C 171 9.32 22.37 -3.64
N LEU C 171 11.92 22.49 -1.87
CA LEU C 171 7.87 22.66 -3.67
CA LEU C 171 10.52 22.67 -2.28
C LEU C 171 7.54 23.83 -4.61
C LEU C 171 10.39 23.80 -3.30
N GLU C 172 8.41 24.86 -4.61
N GLU C 172 11.13 24.90 -3.07
CA GLU C 172 8.30 26.04 -5.47
CA GLU C 172 11.16 26.06 -3.97
C GLU C 172 8.49 25.66 -6.93
C GLU C 172 11.78 25.69 -5.32
N LYS C 173 9.44 24.75 -7.20
N LYS C 173 12.74 24.74 -5.33
CA LYS C 173 9.75 24.26 -8.55
CA LYS C 173 13.41 24.30 -6.55
C LYS C 173 8.74 23.18 -9.00
C LYS C 173 12.61 23.19 -7.27
N GLY C 174 7.71 22.95 -8.19
N GLY C 174 11.51 22.76 -6.66
CA GLY C 174 6.60 22.05 -8.49
CA GLY C 174 10.59 21.80 -7.24
C GLY C 174 6.76 20.59 -8.14
C GLY C 174 10.79 20.34 -6.92
N ALA C 175 7.48 20.26 -7.04
N ALA C 175 11.17 20.02 -5.68
CA ALA C 175 7.64 18.88 -6.60
CA ALA C 175 11.32 18.64 -5.20
C ALA C 175 6.30 18.32 -6.12
C ALA C 175 9.94 18.01 -5.07
N ASP C 176 5.90 17.13 -6.61
N ASP C 176 9.84 16.71 -5.41
CA ASP C 176 4.64 16.46 -6.26
CA ASP C 176 8.59 15.97 -5.34
C ASP C 176 4.76 15.92 -4.85
C ASP C 176 8.25 15.70 -3.87
N VAL C 177 4.02 16.56 -3.92
N VAL C 177 7.21 16.37 -3.37
CA VAL C 177 4.01 16.19 -2.51
CA VAL C 177 6.77 16.23 -1.98
C VAL C 177 3.02 15.06 -2.22
C VAL C 177 6.05 14.88 -1.77
N ASN C 178 2.12 14.73 -3.17
N ASN C 178 5.54 14.26 -2.86
CA ASN C 178 1.13 13.65 -3.00
CA ASN C 178 4.76 13.01 -2.75
C ASN C 178 1.70 12.27 -3.37
C ASN C 178 5.53 11.75 -3.20
N ARG C 179 2.96 12.23 -3.84
N ARG C 179 6.86 11.83 -3.39
CA ARG C 179 3.64 11.00 -4.24
CA ARG C 179 7.63 10.61 -3.73
C ARG C 179 3.73 9.99 -3.08
C ARG C 179 7.58 9.65 -2.54
N LYS C 180 3.62 8.71 -3.40
N LYS C 180 7.55 8.33 -2.82
CA LYS C 180 3.70 7.65 -2.39
CA LYS C 180 7.52 7.30 -1.80
C LYS C 180 4.86 6.71 -2.70
C LYS C 180 8.75 6.41 -1.93
N SER C 181 5.64 6.32 -1.68
N SER C 181 9.34 6.03 -0.78
CA SER C 181 6.77 5.40 -1.86
CA SER C 181 10.53 5.17 -0.74
C SER C 181 6.27 3.96 -2.11
C SER C 181 10.15 3.70 -0.99
N VAL C 182 7.19 3.00 -2.39
N VAL C 182 11.14 2.79 -1.03
CA VAL C 182 6.85 1.59 -2.64
CA VAL C 182 10.90 1.35 -1.24
C VAL C 182 6.08 0.99 -1.45
C VAL C 182 9.95 0.80 -0.16
N LYS C 183 6.46 1.41 -0.24
N LYS C 183 10.05 1.33 1.08
CA LYS C 183 5.81 1.02 0.99
CA LYS C 183 9.23 0.92 2.23
C LYS C 183 4.48 1.80 1.14
C LYS C 183 7.97 1.82 2.38
N GLY C 184 4.51 3.07 0.75
N GLY C 184 7.61 2.56 1.32
CA GLY C 184 3.36 3.99 0.79
CA GLY C 184 6.45 3.44 1.29
C GLY C 184 3.64 5.24 1.60
C GLY C 184 6.53 4.71 2.12
N ASN C 185 4.92 5.52 1.88
N ASN C 185 7.73 5.07 2.61
CA ASN C 185 5.36 6.69 2.64
CA ASN C 185 7.93 6.26 3.43
C ASN C 185 5.13 7.97 1.81
C ASN C 185 7.92 7.51 2.55
N THR C 186 4.77 9.06 2.49
N THR C 186 7.22 8.57 3.02
CA THR C 186 4.61 10.40 1.91
CA THR C 186 7.13 9.87 2.34
C THR C 186 5.56 11.34 2.65
C THR C 186 7.65 10.95 3.31
N ALA C 187 5.90 12.50 2.05
N ALA C 187 7.96 12.14 2.77
CA ALA C 187 6.83 13.49 2.62
CA ALA C 187 8.44 13.32 3.50
C ALA C 187 6.53 13.81 4.11
C ALA C 187 7.53 13.73 4.68
N LEU C 188 5.25 13.78 4.50
N LEU C 188 6.19 13.62 4.53
CA LEU C 188 4.80 14.07 5.86
CA LEU C 188 5.21 13.95 5.58
C LEU C 188 5.21 13.01 6.94
C LEU C 188 5.43 13.08 6.81
N HIS C 189 5.73 11.78 6.59
CA HIS C 189 6.08 10.79 7.63
C HIS C 189 7.43 11.15 8.21
N ASP C 190 8.34 11.57 7.33
CA ASP C 190 9.68 11.98 7.69
C ASP C 190 9.64 13.17 8.64
N CYS C 191 8.69 14.10 8.41
CA CYS C 191 8.43 15.26 9.27
C CYS C 191 7.94 14.77 10.61
N ALA C 192 6.98 13.86 10.59
CA ALA C 192 6.36 13.24 11.75
C ALA C 192 7.36 12.46 12.60
N GLU C 193 8.35 11.79 11.97
CA GLU C 193 9.35 10.96 12.68
C GLU C 193 10.43 11.81 13.38
N SER C 194 10.71 13.02 12.88
CA SER C 194 11.67 13.97 13.48
C SER C 194 10.98 14.97 14.43
N GLY C 195 9.70 15.21 14.19
CA GLY C 195 8.89 16.16 14.95
C GLY C 195 8.98 17.55 14.37
N SER C 196 9.29 17.63 13.04
CA SER C 196 9.45 18.85 12.26
C SER C 196 8.08 19.41 11.85
N LEU C 197 7.39 20.08 12.79
CA LEU C 197 6.06 20.66 12.56
C LEU C 197 6.12 21.77 11.52
N ASP C 198 7.13 22.64 11.61
CA ASP C 198 7.37 23.77 10.70
C ASP C 198 7.49 23.28 9.26
N ILE C 199 8.30 22.23 9.05
CA ILE C 199 8.50 21.63 7.73
C ILE C 199 7.18 20.97 7.29
N MET C 200 6.49 20.24 8.20
CA MET C 200 5.20 19.61 7.90
C MET C 200 4.18 20.65 7.41
N LYS C 201 4.05 21.77 8.14
CA LYS C 201 3.16 22.89 7.82
C LYS C 201 3.50 23.43 6.42
N MET C 202 4.80 23.48 6.07
CA MET C 202 5.25 23.89 4.75
C MET C 202 4.75 22.92 3.66
N LEU C 203 4.83 21.59 3.92
CA LEU C 203 4.36 20.57 2.97
C LEU C 203 2.87 20.68 2.72
N LEU C 204 2.08 20.97 3.77
CA LEU C 204 0.62 21.11 3.69
C LEU C 204 0.19 22.45 3.06
N MET C 205 1.08 23.46 3.10
CA MET C 205 0.88 24.80 2.51
C MET C 205 0.83 24.63 0.99
N TYR C 206 1.50 23.57 0.50
CA TYR C 206 1.59 23.13 -0.88
C TYR C 206 0.69 21.88 -1.12
N CYS C 207 -0.36 21.71 -0.28
CA CYS C 207 -1.36 20.64 -0.29
C CYS C 207 -0.71 19.24 -0.43
N ALA C 208 -0.21 18.69 0.69
CA ALA C 208 0.43 17.37 0.71
C ALA C 208 -0.57 16.27 1.08
N LYS C 209 -0.38 15.04 0.53
CA LYS C 209 -1.28 13.93 0.79
C LYS C 209 -0.81 13.04 1.94
N MET C 210 -1.77 12.64 2.80
CA MET C 210 -1.58 11.73 3.95
C MET C 210 -1.77 10.28 3.44
N GLU C 211 -0.74 9.42 3.55
CA GLU C 211 -0.84 8.02 3.11
C GLU C 211 -0.21 7.06 4.12
N LYS C 212 -0.74 5.82 4.20
CA LYS C 212 -0.19 4.78 5.07
C LYS C 212 1.06 4.22 4.37
N ASP C 213 2.15 3.98 5.13
CA ASP C 213 3.36 3.38 4.54
C ASP C 213 3.24 1.84 4.53
N GLY C 214 4.37 1.14 4.35
CA GLY C 214 4.45 -0.31 4.31
C GLY C 214 4.28 -1.00 5.64
N TYR C 215 4.04 -0.20 6.69
CA TYR C 215 3.82 -0.61 8.07
C TYR C 215 2.38 -0.22 8.47
N GLY C 216 1.60 0.23 7.48
CA GLY C 216 0.22 0.69 7.64
C GLY C 216 0.11 1.91 8.53
N MET C 217 1.18 2.73 8.53
CA MET C 217 1.34 3.92 9.36
C MET C 217 1.16 5.19 8.56
N THR C 218 0.30 6.10 9.06
CA THR C 218 0.09 7.42 8.49
C THR C 218 1.02 8.41 9.25
N PRO C 219 1.23 9.69 8.81
CA PRO C 219 2.11 10.62 9.56
C PRO C 219 1.66 10.83 11.02
N LEU C 220 0.33 10.89 11.26
CA LEU C 220 -0.26 11.05 12.59
C LEU C 220 0.15 9.89 13.53
N LEU C 221 0.01 8.65 13.05
CA LEU C 221 0.39 7.45 13.81
C LEU C 221 1.90 7.37 13.99
N SER C 222 2.67 7.76 12.94
CA SER C 222 4.14 7.80 12.99
C SER C 222 4.59 8.72 14.12
N ALA C 223 3.96 9.92 14.23
CA ALA C 223 4.22 10.91 15.27
C ALA C 223 3.80 10.42 16.64
N SER C 224 2.67 9.67 16.70
CA SER C 224 2.11 9.14 17.94
C SER C 224 3.03 8.13 18.59
N VAL C 225 3.64 7.21 17.80
CA VAL C 225 4.56 6.18 18.32
C VAL C 225 5.99 6.74 18.53
N THR C 226 6.36 7.87 17.89
CA THR C 226 7.71 8.44 18.06
C THR C 226 7.70 9.54 19.17
N GLY C 227 6.54 9.70 19.81
CA GLY C 227 6.30 10.63 20.91
C GLY C 227 6.20 12.10 20.56
N HIS C 228 6.07 12.45 19.26
CA HIS C 228 5.99 13.87 18.87
C HIS C 228 4.53 14.31 18.90
N THR C 229 4.04 14.64 20.13
CA THR C 229 2.66 15.04 20.41
C THR C 229 2.27 16.38 19.74
N ASN C 230 3.24 17.27 19.45
CA ASN C 230 2.94 18.55 18.77
C ASN C 230 2.36 18.29 17.37
N ILE C 231 2.86 17.24 16.69
CA ILE C 231 2.39 16.82 15.36
C ILE C 231 1.02 16.14 15.55
N VAL C 232 0.92 15.23 16.55
CA VAL C 232 -0.29 14.47 16.89
C VAL C 232 -1.47 15.42 17.13
N ASP C 233 -1.29 16.42 18.01
CA ASP C 233 -2.32 17.41 18.35
C ASP C 233 -2.77 18.15 17.10
N PHE C 234 -1.79 18.51 16.26
CA PHE C 234 -2.00 19.24 15.01
C PHE C 234 -2.82 18.42 14.01
N LEU C 235 -2.43 17.16 13.74
CA LEU C 235 -3.09 16.33 12.74
C LEU C 235 -4.47 15.79 13.19
N THR C 236 -4.72 15.57 14.50
CA THR C 236 -6.04 15.13 14.97
C THR C 236 -7.06 16.24 14.74
N HIS C 237 -6.66 17.50 15.08
CA HIS C 237 -7.47 18.70 14.91
C HIS C 237 -7.84 18.91 13.45
N HIS C 238 -6.86 18.74 12.54
CA HIS C 238 -7.01 18.85 11.09
C HIS C 238 -7.96 17.77 10.54
N ALA C 239 -7.79 16.50 10.97
CA ALA C 239 -8.64 15.37 10.54
C ALA C 239 -10.13 15.55 10.90
N GLN C 240 -10.41 16.20 12.06
CA GLN C 240 -11.75 16.40 12.62
C GLN C 240 -12.45 17.70 12.18
N THR C 241 -11.79 18.56 11.37
CA THR C 241 -12.31 19.86 10.93
C THR C 241 -13.69 19.77 10.26
N SER C 242 -13.96 18.75 9.40
CA SER C 242 -15.27 18.62 8.73
C SER C 242 -16.41 18.28 9.71
N LYS C 243 -16.08 17.75 10.91
CA LYS C 243 -17.08 17.39 11.92
C LYS C 243 -17.69 18.63 12.60
N THR C 244 -17.05 19.81 12.47
CA THR C 244 -17.56 21.09 12.99
C THR C 244 -18.65 21.68 12.05
N GLU C 245 -18.89 21.05 10.88
CA GLU C 245 -19.88 21.56 9.92
C GLU C 245 -21.29 21.18 10.37
N ARG C 246 -22.15 22.18 10.47
CA ARG C 246 -23.53 21.99 10.92
C ARG C 246 -24.41 21.34 9.84
N ASP D 4 -64.88 24.46 -9.75
CA ASP D 4 -64.05 25.47 -9.06
C ASP D 4 -63.29 26.34 -10.05
N LEU D 5 -63.32 27.68 -9.84
CA LEU D 5 -62.61 28.66 -10.68
C LEU D 5 -61.10 28.49 -10.53
N LYS D 6 -60.62 28.20 -9.30
CA LYS D 6 -59.21 27.96 -8.99
C LYS D 6 -58.64 26.84 -9.89
N THR D 7 -59.44 25.77 -10.14
CA THR D 7 -59.11 24.62 -10.98
C THR D 7 -59.02 25.07 -12.47
N ALA D 8 -59.98 25.88 -12.95
CA ALA D 8 -60.01 26.41 -14.32
C ALA D 8 -58.80 27.32 -14.61
N VAL D 9 -58.37 28.10 -13.59
CA VAL D 9 -57.22 29.01 -13.61
C VAL D 9 -55.94 28.16 -13.74
N PHE D 10 -55.85 27.07 -12.97
CA PHE D 10 -54.73 26.13 -12.95
C PHE D 10 -54.55 25.46 -14.31
N ASN D 11 -55.63 24.88 -14.89
CA ASN D 11 -55.61 24.21 -16.20
C ASN D 11 -55.19 25.16 -17.31
N ALA D 12 -55.73 26.41 -17.30
CA ALA D 12 -55.40 27.44 -18.29
C ALA D 12 -53.89 27.77 -18.25
N ALA D 13 -53.33 27.87 -17.03
CA ALA D 13 -51.90 28.16 -16.82
C ALA D 13 -51.03 26.99 -17.28
N ARG D 14 -51.45 25.74 -16.95
CA ARG D 14 -50.76 24.50 -17.29
C ARG D 14 -50.76 24.25 -18.82
N ASP D 15 -51.93 24.46 -19.48
CA ASP D 15 -52.12 24.24 -20.92
C ASP D 15 -51.84 25.51 -21.78
N GLY D 16 -51.25 26.54 -21.16
CA GLY D 16 -50.87 27.79 -21.80
C GLY D 16 -51.97 28.59 -22.47
N LYS D 17 -53.23 28.41 -22.02
CA LYS D 17 -54.42 29.08 -22.54
C LYS D 17 -54.58 30.47 -21.91
N LEU D 18 -53.73 31.42 -22.34
CA LEU D 18 -53.69 32.80 -21.83
C LEU D 18 -54.99 33.58 -22.11
N ARG D 19 -55.65 33.32 -23.25
CA ARG D 19 -56.91 33.95 -23.63
C ARG D 19 -58.04 33.57 -22.69
N LEU D 20 -58.16 32.26 -22.35
CA LEU D 20 -59.21 31.75 -21.44
C LEU D 20 -59.07 32.29 -20.00
N LEU D 21 -57.84 32.31 -19.47
CA LEU D 21 -57.51 32.73 -18.11
C LEU D 21 -57.99 34.16 -17.81
N THR D 22 -57.80 35.09 -18.76
CA THR D 22 -58.19 36.49 -18.62
C THR D 22 -59.73 36.64 -18.54
N LYS D 23 -60.47 35.74 -19.21
CA LYS D 23 -61.93 35.70 -19.17
C LYS D 23 -62.39 35.16 -17.82
N LEU D 24 -61.55 34.32 -17.19
CA LEU D 24 -61.79 33.75 -15.87
C LEU D 24 -61.49 34.79 -14.76
N LEU D 25 -60.39 35.57 -14.91
CA LEU D 25 -59.98 36.62 -13.97
C LEU D 25 -60.54 37.99 -14.42
N ALA D 26 -61.73 37.97 -15.02
CA ALA D 26 -62.40 39.14 -15.57
C ALA D 26 -62.91 40.11 -14.51
N SER D 27 -63.89 39.69 -13.66
CA SER D 27 -64.52 40.60 -12.68
C SER D 27 -63.85 40.55 -11.29
N LYS D 28 -62.70 39.87 -11.19
CA LYS D 28 -61.96 39.72 -9.94
C LYS D 28 -60.92 40.84 -9.79
N SER D 29 -60.79 41.38 -8.56
CA SER D 29 -59.81 42.42 -8.23
C SER D 29 -58.41 41.79 -8.14
N LYS D 30 -57.35 42.65 -8.17
CA LYS D 30 -55.94 42.25 -8.05
C LYS D 30 -55.70 41.38 -6.83
N GLU D 31 -56.44 41.65 -5.72
CA GLU D 31 -56.39 40.91 -4.45
C GLU D 31 -56.89 39.47 -4.65
N GLU D 32 -58.03 39.31 -5.36
CA GLU D 32 -58.62 38.00 -5.66
C GLU D 32 -57.76 37.24 -6.64
N VAL D 33 -57.26 37.93 -7.71
CA VAL D 33 -56.39 37.35 -8.75
C VAL D 33 -55.13 36.80 -8.09
N SER D 34 -54.43 37.63 -7.28
CA SER D 34 -53.22 37.26 -6.53
C SER D 34 -53.44 36.00 -5.71
N SER D 35 -54.56 35.94 -4.96
CA SER D 35 -54.93 34.80 -4.13
C SER D 35 -55.24 33.54 -4.96
N LEU D 36 -55.93 33.71 -6.11
CA LEU D 36 -56.33 32.60 -6.99
C LEU D 36 -55.16 31.98 -7.78
N ILE D 37 -54.17 32.80 -8.22
CA ILE D 37 -53.04 32.29 -9.01
C ILE D 37 -51.86 31.87 -8.10
N SER D 38 -52.05 31.91 -6.77
CA SER D 38 -51.03 31.50 -5.79
C SER D 38 -51.44 30.20 -5.11
N GLU D 39 -52.73 29.83 -5.23
CA GLU D 39 -53.31 28.61 -4.64
C GLU D 39 -52.79 27.36 -5.33
N LYS D 40 -52.54 26.30 -4.54
CA LYS D 40 -52.05 25.02 -5.05
C LYS D 40 -53.17 24.08 -5.43
N THR D 41 -52.98 23.36 -6.53
CA THR D 41 -53.86 22.34 -7.07
C THR D 41 -52.95 21.18 -7.48
N ASN D 42 -53.25 19.97 -7.00
CA ASN D 42 -52.47 18.73 -7.24
C ASN D 42 -51.03 18.88 -6.69
N GLY D 43 -50.88 19.74 -5.68
CA GLY D 43 -49.61 20.03 -5.04
C GLY D 43 -48.74 21.00 -5.81
N ALA D 44 -49.31 21.68 -6.83
CA ALA D 44 -48.57 22.64 -7.66
C ALA D 44 -49.36 23.93 -7.89
N THR D 45 -48.62 25.03 -8.09
CA THR D 45 -49.15 26.37 -8.37
C THR D 45 -49.31 26.56 -9.89
N PRO D 46 -50.16 27.51 -10.36
CA PRO D 46 -50.28 27.75 -11.81
C PRO D 46 -48.95 28.12 -12.48
N LEU D 47 -48.10 28.92 -11.80
CA LEU D 47 -46.79 29.36 -12.31
C LEU D 47 -45.82 28.19 -12.50
N LEU D 48 -45.75 27.26 -11.52
CA LEU D 48 -44.89 26.10 -11.63
C LEU D 48 -45.26 25.25 -12.86
N MET D 49 -46.56 25.06 -13.10
CA MET D 49 -47.09 24.31 -14.24
C MET D 49 -46.82 25.03 -15.56
N ALA D 50 -46.95 26.38 -15.58
CA ALA D 50 -46.66 27.18 -16.77
C ALA D 50 -45.17 27.12 -17.12
N ALA D 51 -44.30 27.10 -16.07
CA ALA D 51 -42.84 27.03 -16.19
C ALA D 51 -42.38 25.66 -16.67
N ARG D 52 -42.92 24.57 -16.07
CA ARG D 52 -42.58 23.19 -16.41
C ARG D 52 -42.94 22.84 -17.87
N TYR D 53 -44.01 23.44 -18.44
CA TYR D 53 -44.40 23.16 -19.82
C TYR D 53 -44.05 24.32 -20.79
N GLY D 54 -43.12 25.17 -20.37
CA GLY D 54 -42.55 26.25 -21.16
C GLY D 54 -43.45 27.22 -21.89
N HIS D 55 -44.48 27.71 -21.20
CA HIS D 55 -45.40 28.70 -21.76
C HIS D 55 -44.88 30.07 -21.30
N LEU D 56 -43.94 30.64 -22.08
CA LEU D 56 -43.26 31.92 -21.80
C LEU D 56 -44.23 33.11 -21.61
N ASP D 57 -45.27 33.23 -22.46
CA ASP D 57 -46.25 34.32 -22.34
C ASP D 57 -47.05 34.19 -21.04
N MET D 58 -47.46 32.96 -20.70
CA MET D 58 -48.17 32.63 -19.45
C MET D 58 -47.32 32.98 -18.22
N VAL D 59 -46.02 32.60 -18.24
CA VAL D 59 -45.06 32.85 -17.14
C VAL D 59 -45.02 34.38 -16.87
N GLU D 60 -44.80 35.19 -17.93
CA GLU D 60 -44.74 36.65 -17.87
C GLU D 60 -46.00 37.23 -17.23
N PHE D 61 -47.18 36.71 -17.62
CA PHE D 61 -48.48 37.17 -17.14
C PHE D 61 -48.69 36.87 -15.65
N LEU D 62 -48.48 35.61 -15.24
CA LEU D 62 -48.68 35.18 -13.85
C LEU D 62 -47.75 35.92 -12.89
N LEU D 63 -46.47 36.14 -13.29
CA LEU D 63 -45.49 36.86 -12.49
C LEU D 63 -45.85 38.34 -12.32
N GLU D 64 -46.54 38.93 -13.31
CA GLU D 64 -46.97 40.34 -13.26
C GLU D 64 -48.22 40.55 -12.38
N GLN D 65 -48.85 39.45 -11.90
CA GLN D 65 -50.03 39.46 -11.03
C GLN D 65 -49.59 39.21 -9.58
N CYS D 66 -48.62 38.29 -9.39
CA CYS D 66 -48.06 37.90 -8.09
C CYS D 66 -46.58 37.51 -8.31
N SER D 67 -45.67 38.27 -7.69
CA SER D 67 -44.22 38.06 -7.77
C SER D 67 -43.71 37.05 -6.75
N ALA D 68 -44.41 36.93 -5.60
CA ALA D 68 -44.05 36.04 -4.48
C ALA D 68 -44.17 34.54 -4.80
N SER D 69 -44.94 34.19 -5.85
CA SER D 69 -45.14 32.80 -6.30
C SER D 69 -43.87 32.17 -6.95
N ILE D 70 -42.90 33.03 -7.34
CA ILE D 70 -41.66 32.70 -8.05
C ILE D 70 -40.82 31.63 -7.33
N GLU D 71 -40.86 31.54 -5.98
CA GLU D 71 -40.05 30.55 -5.27
C GLU D 71 -40.86 29.38 -4.71
N VAL D 72 -42.19 29.38 -4.88
CA VAL D 72 -43.04 28.32 -4.33
C VAL D 72 -42.74 26.99 -5.05
N GLY D 73 -42.26 26.03 -4.26
CA GLY D 73 -41.96 24.69 -4.74
C GLY D 73 -43.21 23.83 -4.68
N GLY D 74 -43.37 22.94 -5.65
CA GLY D 74 -44.49 22.03 -5.72
C GLY D 74 -44.23 20.75 -6.50
N SER D 75 -45.27 19.90 -6.62
CA SER D 75 -45.20 18.62 -7.32
C SER D 75 -45.15 18.77 -8.85
N VAL D 76 -44.19 18.07 -9.47
CA VAL D 76 -44.01 18.04 -10.92
C VAL D 76 -43.75 16.59 -11.37
N ASN D 77 -44.16 16.26 -12.58
CA ASN D 77 -43.97 14.93 -13.13
C ASN D 77 -42.89 14.91 -14.22
N PHE D 78 -41.90 14.04 -14.05
CA PHE D 78 -40.79 13.83 -14.98
C PHE D 78 -40.53 12.35 -15.12
N ASP D 79 -40.69 11.82 -16.35
CA ASP D 79 -40.47 10.42 -16.73
C ASP D 79 -41.21 9.43 -15.79
N GLY D 80 -42.47 9.73 -15.51
CA GLY D 80 -43.31 8.93 -14.62
C GLY D 80 -43.24 9.35 -13.16
N GLU D 81 -42.01 9.57 -12.66
CA GLU D 81 -41.73 9.95 -11.27
C GLU D 81 -42.25 11.36 -10.94
N THR D 82 -42.76 11.51 -9.69
CA THR D 82 -43.27 12.76 -9.15
C THR D 82 -42.19 13.38 -8.25
N ILE D 83 -41.68 14.55 -8.64
CA ILE D 83 -40.65 15.30 -7.92
C ILE D 83 -41.35 16.33 -7.03
N GLU D 84 -41.03 16.35 -5.72
CA GLU D 84 -41.67 17.24 -4.75
C GLU D 84 -40.81 18.47 -4.42
N GLY D 85 -41.48 19.59 -4.13
CA GLY D 85 -40.84 20.84 -3.75
C GLY D 85 -39.99 21.50 -4.82
N ALA D 86 -40.34 21.26 -6.09
CA ALA D 86 -39.61 21.85 -7.21
C ALA D 86 -40.04 23.29 -7.48
N PRO D 87 -39.12 24.29 -7.40
CA PRO D 87 -39.52 25.67 -7.74
C PRO D 87 -39.67 25.84 -9.27
N PRO D 88 -40.35 26.89 -9.78
CA PRO D 88 -40.53 27.03 -11.25
C PRO D 88 -39.22 27.01 -12.06
N LEU D 89 -38.15 27.64 -11.55
CA LEU D 89 -36.85 27.71 -12.22
C LEU D 89 -36.24 26.32 -12.43
N TRP D 90 -36.35 25.42 -11.43
CA TRP D 90 -35.86 24.04 -11.50
C TRP D 90 -36.56 23.28 -12.64
N ALA D 91 -37.91 23.32 -12.64
CA ALA D 91 -38.80 22.66 -13.60
C ALA D 91 -38.54 23.08 -15.05
N ALA D 92 -38.35 24.41 -15.28
CA ALA D 92 -38.04 24.99 -16.59
C ALA D 92 -36.64 24.55 -17.06
N SER D 93 -35.67 24.44 -16.11
CA SER D 93 -34.29 23.99 -16.37
C SER D 93 -34.28 22.51 -16.74
N ALA D 94 -35.04 21.68 -15.99
CA ALA D 94 -35.14 20.23 -16.20
C ALA D 94 -35.84 19.86 -17.51
N ALA D 95 -36.88 20.64 -17.91
CA ALA D 95 -37.64 20.38 -19.15
C ALA D 95 -37.02 21.07 -20.39
N GLY D 96 -35.94 21.83 -20.19
CA GLY D 96 -35.19 22.50 -21.25
C GLY D 96 -35.76 23.76 -21.87
N HIS D 97 -36.60 24.50 -21.12
CA HIS D 97 -37.22 25.73 -21.60
C HIS D 97 -36.31 26.94 -21.25
N LEU D 98 -35.37 27.25 -22.16
CA LEU D 98 -34.36 28.30 -22.02
C LEU D 98 -34.98 29.69 -21.85
N LYS D 99 -35.94 30.09 -22.72
CA LYS D 99 -36.59 31.39 -22.62
C LYS D 99 -37.29 31.58 -21.27
N VAL D 100 -37.89 30.50 -20.71
CA VAL D 100 -38.59 30.53 -19.43
C VAL D 100 -37.55 30.69 -18.30
N VAL D 101 -36.37 30.03 -18.43
CA VAL D 101 -35.26 30.12 -17.48
C VAL D 101 -34.74 31.57 -17.45
N GLN D 102 -34.49 32.15 -18.65
CA GLN D 102 -34.01 33.53 -18.81
C GLN D 102 -35.00 34.53 -18.22
N SER D 103 -36.31 34.30 -18.46
CA SER D 103 -37.41 35.13 -17.95
C SER D 103 -37.49 35.09 -16.43
N LEU D 104 -37.44 33.88 -15.83
CA LEU D 104 -37.54 33.72 -14.39
C LEU D 104 -36.36 34.41 -13.69
N LEU D 105 -35.12 34.26 -14.21
CA LEU D 105 -33.93 34.92 -13.66
C LEU D 105 -34.01 36.46 -13.79
N ASN D 106 -34.56 36.97 -14.92
CA ASN D 106 -34.73 38.40 -15.16
C ASN D 106 -35.76 38.98 -14.16
N HIS D 107 -36.70 38.13 -13.70
CA HIS D 107 -37.72 38.48 -12.71
C HIS D 107 -37.23 38.29 -11.26
N GLY D 108 -35.94 37.99 -11.08
CA GLY D 108 -35.30 37.84 -9.78
C GLY D 108 -35.36 36.48 -9.10
N ALA D 109 -35.55 35.39 -9.87
CA ALA D 109 -35.61 34.03 -9.29
C ALA D 109 -34.27 33.59 -8.71
N SER D 110 -34.32 32.86 -7.58
CA SER D 110 -33.14 32.35 -6.89
C SER D 110 -32.51 31.20 -7.70
N VAL D 111 -31.34 31.47 -8.29
CA VAL D 111 -30.57 30.56 -9.16
C VAL D 111 -30.18 29.24 -8.42
N ASN D 112 -30.08 29.27 -7.08
CA ASN D 112 -29.67 28.10 -6.30
C ASN D 112 -30.80 27.46 -5.46
N ASN D 113 -32.08 27.89 -5.68
CA ASN D 113 -33.21 27.31 -4.94
C ASN D 113 -33.43 25.87 -5.42
N THR D 114 -33.39 24.92 -4.49
CA THR D 114 -33.42 23.49 -4.79
C THR D 114 -34.78 22.81 -4.63
N THR D 115 -34.88 21.53 -5.09
CA THR D 115 -36.04 20.66 -4.85
C THR D 115 -35.92 20.24 -3.39
N LEU D 116 -36.83 19.36 -2.91
CA LEU D 116 -36.76 18.85 -1.54
C LEU D 116 -35.62 17.84 -1.33
N THR D 117 -35.00 17.35 -2.44
CA THR D 117 -33.87 16.40 -2.41
C THR D 117 -32.54 17.14 -2.76
N ASN D 118 -32.51 18.45 -2.52
CA ASN D 118 -31.39 19.38 -2.71
C ASN D 118 -30.88 19.42 -4.15
N SER D 119 -31.76 19.23 -5.16
CA SER D 119 -31.31 19.33 -6.56
C SER D 119 -31.46 20.76 -7.06
N THR D 120 -30.36 21.35 -7.56
CA THR D 120 -30.39 22.73 -8.08
C THR D 120 -30.88 22.78 -9.54
N PRO D 121 -31.35 23.98 -10.03
CA PRO D 121 -31.66 24.10 -11.46
C PRO D 121 -30.48 23.71 -12.35
N LEU D 122 -29.22 23.98 -11.90
CA LEU D 122 -28.01 23.60 -12.64
C LEU D 122 -27.94 22.07 -12.79
N ARG D 123 -28.25 21.30 -11.72
CA ARG D 123 -28.26 19.83 -11.78
C ARG D 123 -29.42 19.33 -12.66
N ALA D 124 -30.60 19.97 -12.54
CA ALA D 124 -31.80 19.70 -13.34
C ALA D 124 -31.49 19.76 -14.83
N ALA D 125 -30.77 20.82 -15.27
CA ALA D 125 -30.40 21.05 -16.66
C ALA D 125 -29.35 20.05 -17.18
N CYS D 126 -28.40 19.64 -16.33
CA CYS D 126 -27.34 18.68 -16.61
C CYS D 126 -27.87 17.27 -16.88
N PHE D 127 -28.99 16.87 -16.24
CA PHE D 127 -29.58 15.53 -16.40
C PHE D 127 -29.91 15.23 -17.87
N ASP D 128 -30.78 16.04 -18.50
CA ASP D 128 -31.16 15.79 -19.90
C ASP D 128 -30.23 16.50 -20.92
N GLY D 129 -29.20 17.16 -20.44
CA GLY D 129 -28.20 17.81 -21.29
C GLY D 129 -28.66 19.03 -22.05
N HIS D 130 -29.10 20.07 -21.33
CA HIS D 130 -29.54 21.36 -21.90
C HIS D 130 -28.38 22.36 -21.71
N LEU D 131 -27.39 22.29 -22.63
CA LEU D 131 -26.14 23.05 -22.63
C LEU D 131 -26.33 24.58 -22.51
N GLU D 132 -27.27 25.18 -23.28
CA GLU D 132 -27.48 26.63 -23.21
C GLU D 132 -27.99 27.05 -21.82
N ILE D 133 -28.87 26.23 -21.20
CA ILE D 133 -29.41 26.50 -19.87
C ILE D 133 -28.28 26.37 -18.83
N VAL D 134 -27.37 25.40 -19.01
CA VAL D 134 -26.21 25.17 -18.14
C VAL D 134 -25.34 26.44 -18.12
N LYS D 135 -24.90 26.92 -19.29
CA LYS D 135 -24.05 28.12 -19.43
C LYS D 135 -24.72 29.38 -18.89
N TYR D 136 -26.05 29.55 -19.13
CA TYR D 136 -26.81 30.72 -18.67
C TYR D 136 -26.88 30.77 -17.15
N LEU D 137 -27.22 29.62 -16.51
CA LEU D 137 -27.29 29.50 -15.05
C LEU D 137 -25.92 29.74 -14.42
N VAL D 138 -24.84 29.16 -14.99
CA VAL D 138 -23.45 29.33 -14.53
C VAL D 138 -23.07 30.81 -14.59
N GLU D 139 -23.35 31.50 -15.71
CA GLU D 139 -23.03 32.93 -15.86
C GLU D 139 -23.94 33.80 -14.96
N HIS D 140 -25.06 33.24 -14.47
CA HIS D 140 -25.94 33.92 -13.54
C HIS D 140 -25.76 33.35 -12.10
N LYS D 141 -24.48 33.08 -11.73
CA LYS D 141 -23.95 32.70 -10.42
C LYS D 141 -24.49 31.38 -9.81
N ALA D 142 -24.82 30.37 -10.64
CA ALA D 142 -25.22 29.06 -10.11
C ALA D 142 -24.02 28.39 -9.44
N ASP D 143 -24.24 27.80 -8.26
CA ASP D 143 -23.20 27.10 -7.53
C ASP D 143 -22.99 25.73 -8.18
N LEU D 144 -21.77 25.47 -8.68
CA LEU D 144 -21.44 24.21 -9.35
C LEU D 144 -21.29 23.07 -8.36
N GLU D 145 -21.07 23.40 -7.07
CA GLU D 145 -20.72 22.40 -6.07
C GLU D 145 -21.89 21.91 -5.17
N VAL D 146 -23.11 22.44 -5.37
CA VAL D 146 -24.26 21.95 -4.59
C VAL D 146 -24.68 20.59 -5.18
N SER D 147 -24.59 19.55 -4.37
CA SER D 147 -24.93 18.20 -4.77
C SER D 147 -26.28 17.78 -4.20
N ASN D 148 -26.98 16.82 -4.84
CA ASN D 148 -28.30 16.37 -4.35
C ASN D 148 -28.14 15.54 -3.06
N ARG D 149 -29.23 14.98 -2.49
CA ARG D 149 -29.21 14.21 -1.23
C ARG D 149 -28.24 13.01 -1.25
N HIS D 150 -27.94 12.46 -2.44
CA HIS D 150 -27.00 11.33 -2.56
C HIS D 150 -25.54 11.82 -2.72
N GLY D 151 -25.33 13.12 -2.78
CA GLY D 151 -24.01 13.71 -2.94
C GLY D 151 -23.56 13.68 -4.39
N HIS D 152 -24.51 13.46 -5.32
CA HIS D 152 -24.23 13.40 -6.76
C HIS D 152 -24.22 14.82 -7.33
N THR D 153 -23.08 15.25 -7.87
CA THR D 153 -22.88 16.61 -8.41
C THR D 153 -23.30 16.74 -9.87
N CYS D 154 -23.33 18.00 -10.37
CA CYS D 154 -23.60 18.34 -11.78
C CYS D 154 -22.56 17.68 -12.65
N LEU D 155 -21.28 17.72 -12.24
CA LEU D 155 -20.19 17.08 -12.98
C LEU D 155 -20.40 15.59 -13.07
N MET D 156 -20.84 14.95 -11.97
CA MET D 156 -21.08 13.50 -11.92
C MET D 156 -22.17 13.06 -12.88
N ILE D 157 -23.37 13.69 -12.81
CA ILE D 157 -24.53 13.34 -13.64
C ILE D 157 -24.19 13.61 -15.11
N SER D 158 -23.44 14.70 -15.41
CA SER D 158 -22.99 15.02 -16.77
C SER D 158 -22.12 13.89 -17.30
N CYS D 159 -21.18 13.40 -16.49
CA CYS D 159 -20.28 12.29 -16.80
C CYS D 159 -21.06 10.98 -17.00
N TYR D 160 -22.05 10.72 -16.15
CA TYR D 160 -22.89 9.53 -16.21
C TYR D 160 -23.79 9.48 -17.44
N LYS D 161 -24.33 10.64 -17.89
CA LYS D 161 -25.23 10.67 -19.03
C LYS D 161 -24.47 10.84 -20.38
N GLY D 162 -23.16 10.99 -20.30
CA GLY D 162 -22.29 11.16 -21.46
C GLY D 162 -22.37 12.51 -22.14
N HIS D 163 -22.65 13.57 -21.37
CA HIS D 163 -22.73 14.94 -21.91
C HIS D 163 -21.33 15.57 -21.94
N LYS D 164 -20.58 15.27 -23.03
CA LYS D 164 -19.20 15.70 -23.27
C LYS D 164 -19.02 17.21 -23.19
N GLU D 165 -19.85 17.98 -23.93
CA GLU D 165 -19.78 19.44 -23.98
C GLU D 165 -20.07 20.06 -22.61
N ILE D 166 -21.10 19.57 -21.90
CA ILE D 166 -21.45 20.06 -20.55
C ILE D 166 -20.31 19.76 -19.56
N ALA D 167 -19.74 18.53 -19.57
CA ALA D 167 -18.64 18.16 -18.68
C ALA D 167 -17.43 19.10 -18.91
N GLN D 168 -17.07 19.32 -20.19
CA GLN D 168 -16.01 20.23 -20.63
C GLN D 168 -16.22 21.65 -20.09
N TYR D 169 -17.44 22.20 -20.24
CA TYR D 169 -17.78 23.53 -19.75
C TYR D 169 -17.67 23.62 -18.23
N LEU D 170 -18.21 22.62 -17.50
CA LEU D 170 -18.18 22.59 -16.04
C LEU D 170 -16.74 22.58 -15.52
N LEU D 171 -15.84 21.78 -16.16
CA LEU D 171 -14.43 21.70 -15.80
C LEU D 171 -13.73 23.04 -16.03
N GLU D 172 -14.00 23.70 -17.17
CA GLU D 172 -13.39 24.98 -17.51
C GLU D 172 -13.87 26.07 -16.56
N LYS D 173 -15.07 25.90 -15.96
CA LYS D 173 -15.63 26.87 -15.03
C LYS D 173 -15.19 26.57 -13.57
N GLY D 174 -14.40 25.52 -13.41
CA GLY D 174 -13.79 25.16 -12.12
C GLY D 174 -14.51 24.19 -11.23
N ALA D 175 -15.31 23.25 -11.80
CA ALA D 175 -15.98 22.21 -11.00
C ALA D 175 -14.92 21.27 -10.41
N ASP D 176 -15.07 20.89 -9.13
CA ASP D 176 -14.12 20.01 -8.45
C ASP D 176 -14.28 18.56 -8.94
N VAL D 177 -13.24 18.05 -9.60
CA VAL D 177 -13.19 16.69 -10.16
C VAL D 177 -13.12 15.62 -9.07
N ASN D 178 -12.66 15.98 -7.85
CA ASN D 178 -12.41 15.00 -6.81
C ASN D 178 -13.53 14.90 -5.77
N ARG D 179 -14.71 15.50 -6.02
CA ARG D 179 -15.84 15.37 -5.12
C ARG D 179 -16.26 13.89 -5.06
N LYS D 180 -16.74 13.46 -3.89
CA LYS D 180 -17.24 12.12 -3.66
C LYS D 180 -18.66 12.22 -3.17
N SER D 181 -19.53 11.30 -3.66
CA SER D 181 -20.90 11.23 -3.19
C SER D 181 -20.87 10.55 -1.82
N VAL D 182 -22.04 10.38 -1.21
CA VAL D 182 -22.20 9.76 0.10
C VAL D 182 -21.74 8.28 0.00
N LYS D 183 -21.95 7.64 -1.17
CA LYS D 183 -21.50 6.25 -1.42
C LYS D 183 -20.11 6.20 -2.07
N GLY D 184 -19.35 7.31 -1.95
CA GLY D 184 -17.97 7.39 -2.43
C GLY D 184 -17.76 7.44 -3.93
N ASN D 185 -18.88 7.65 -4.69
CA ASN D 185 -18.82 7.78 -6.14
C ASN D 185 -18.11 9.07 -6.49
N THR D 186 -17.25 9.00 -7.52
CA THR D 186 -16.51 10.15 -8.06
C THR D 186 -16.93 10.27 -9.53
N ALA D 187 -16.67 11.42 -10.17
CA ALA D 187 -16.99 11.65 -11.59
C ALA D 187 -16.33 10.59 -12.50
N LEU D 188 -15.13 10.09 -12.12
CA LEU D 188 -14.42 9.03 -12.84
C LEU D 188 -15.24 7.72 -12.85
N HIS D 189 -15.98 7.42 -11.76
CA HIS D 189 -16.82 6.22 -11.70
C HIS D 189 -18.02 6.36 -12.67
N ASP D 190 -18.61 7.56 -12.75
CA ASP D 190 -19.71 7.86 -13.69
C ASP D 190 -19.28 7.62 -15.12
N CYS D 191 -18.03 8.01 -15.47
CA CYS D 191 -17.43 7.78 -16.79
C CYS D 191 -17.27 6.29 -17.07
N ALA D 192 -16.72 5.56 -16.09
CA ALA D 192 -16.48 4.13 -16.18
C ALA D 192 -17.79 3.35 -16.37
N GLU D 193 -18.85 3.70 -15.61
CA GLU D 193 -20.16 3.03 -15.68
C GLU D 193 -20.96 3.32 -16.97
N SER D 194 -20.60 4.38 -17.72
CA SER D 194 -21.27 4.77 -18.97
C SER D 194 -20.38 4.61 -20.22
N GLY D 195 -19.12 4.19 -20.03
CA GLY D 195 -18.15 4.03 -21.10
C GLY D 195 -17.73 5.33 -21.77
N SER D 196 -17.82 6.45 -21.04
CA SER D 196 -17.49 7.79 -21.52
C SER D 196 -15.97 8.04 -21.41
N LEU D 197 -15.21 7.42 -22.33
CA LEU D 197 -13.76 7.47 -22.38
C LEU D 197 -13.22 8.86 -22.70
N ASP D 198 -13.94 9.63 -23.55
CA ASP D 198 -13.56 11.01 -23.90
C ASP D 198 -13.64 11.87 -22.64
N ILE D 199 -14.73 11.73 -21.86
CA ILE D 199 -14.94 12.50 -20.65
C ILE D 199 -13.92 12.09 -19.57
N MET D 200 -13.59 10.79 -19.48
CA MET D 200 -12.60 10.30 -18.53
C MET D 200 -11.24 10.96 -18.77
N LYS D 201 -10.80 11.02 -20.04
CA LYS D 201 -9.55 11.64 -20.46
C LYS D 201 -9.53 13.11 -20.04
N MET D 202 -10.69 13.77 -20.13
CA MET D 202 -10.84 15.17 -19.72
C MET D 202 -10.63 15.31 -18.22
N LEU D 203 -11.20 14.38 -17.42
CA LEU D 203 -11.08 14.41 -15.97
C LEU D 203 -9.64 14.21 -15.51
N LEU D 204 -8.90 13.34 -16.22
CA LEU D 204 -7.51 13.04 -15.92
C LEU D 204 -6.58 14.20 -16.31
N MET D 205 -7.06 15.11 -17.19
CA MET D 205 -6.36 16.34 -17.57
C MET D 205 -6.46 17.35 -16.41
N TYR D 206 -7.50 17.19 -15.56
CA TYR D 206 -7.73 18.01 -14.38
C TYR D 206 -7.26 17.25 -13.12
N CYS D 207 -6.39 16.24 -13.31
CA CYS D 207 -5.75 15.40 -12.30
C CYS D 207 -6.77 14.74 -11.36
N ALA D 208 -7.90 14.21 -11.90
CA ALA D 208 -8.91 13.50 -11.11
C ALA D 208 -8.27 12.20 -10.60
N LYS D 209 -8.36 11.95 -9.28
CA LYS D 209 -7.70 10.81 -8.66
C LYS D 209 -8.56 9.56 -8.71
N MET D 210 -7.93 8.40 -8.98
CA MET D 210 -8.58 7.09 -8.98
C MET D 210 -8.71 6.69 -7.52
N GLU D 211 -9.93 6.41 -7.07
CA GLU D 211 -10.22 6.02 -5.68
C GLU D 211 -11.27 4.94 -5.69
N LYS D 212 -11.30 4.11 -4.64
CA LYS D 212 -12.34 3.09 -4.49
C LYS D 212 -13.62 3.76 -3.98
N ASP D 213 -14.79 3.33 -4.47
CA ASP D 213 -16.09 3.85 -3.99
C ASP D 213 -16.52 3.02 -2.75
N GLY D 214 -17.74 3.22 -2.25
CA GLY D 214 -18.28 2.51 -1.09
C GLY D 214 -18.56 1.03 -1.32
N TYR D 215 -18.46 0.58 -2.58
CA TYR D 215 -18.63 -0.81 -2.98
C TYR D 215 -17.27 -1.47 -3.22
N GLY D 216 -16.18 -0.74 -2.92
CA GLY D 216 -14.79 -1.18 -3.06
C GLY D 216 -14.29 -1.15 -4.50
N MET D 217 -14.98 -0.36 -5.34
CA MET D 217 -14.65 -0.31 -6.76
C MET D 217 -13.95 0.94 -7.17
N THR D 218 -12.86 0.77 -7.90
CA THR D 218 -12.14 1.89 -8.52
C THR D 218 -12.81 2.05 -9.88
N PRO D 219 -12.60 3.17 -10.62
CA PRO D 219 -13.21 3.29 -11.96
C PRO D 219 -12.89 2.09 -12.88
N LEU D 220 -11.64 1.57 -12.86
CA LEU D 220 -11.22 0.41 -13.66
C LEU D 220 -12.13 -0.82 -13.39
N LEU D 221 -12.37 -1.15 -12.11
CA LEU D 221 -13.17 -2.30 -11.72
C LEU D 221 -14.66 -2.09 -12.04
N SER D 222 -15.15 -0.86 -11.85
CA SER D 222 -16.52 -0.46 -12.19
C SER D 222 -16.79 -0.69 -13.69
N ALA D 223 -15.83 -0.30 -14.57
CA ALA D 223 -15.92 -0.47 -16.02
C ALA D 223 -15.86 -1.94 -16.42
N SER D 224 -15.06 -2.74 -15.67
CA SER D 224 -14.90 -4.16 -15.93
C SER D 224 -16.18 -4.96 -15.64
N VAL D 225 -16.86 -4.65 -14.52
CA VAL D 225 -18.09 -5.35 -14.14
C VAL D 225 -19.30 -4.84 -14.96
N THR D 226 -19.22 -3.62 -15.53
CA THR D 226 -20.33 -3.06 -16.33
C THR D 226 -20.07 -3.29 -17.84
N GLY D 227 -19.01 -4.02 -18.15
CA GLY D 227 -18.62 -4.40 -19.51
C GLY D 227 -18.06 -3.34 -20.43
N HIS D 228 -17.70 -2.15 -19.92
CA HIS D 228 -17.13 -1.09 -20.75
C HIS D 228 -15.64 -1.33 -20.97
N THR D 229 -15.32 -2.28 -21.89
CA THR D 229 -13.95 -2.70 -22.21
C THR D 229 -13.11 -1.54 -22.77
N ASN D 230 -13.74 -0.51 -23.38
CA ASN D 230 -13.04 0.67 -23.91
C ASN D 230 -12.28 1.38 -22.79
N ILE D 231 -12.92 1.53 -21.59
CA ILE D 231 -12.37 2.15 -20.39
C ILE D 231 -11.27 1.25 -19.82
N VAL D 232 -11.57 -0.08 -19.67
CA VAL D 232 -10.64 -1.08 -19.14
C VAL D 232 -9.36 -1.11 -19.98
N ASP D 233 -9.50 -1.22 -21.32
CA ASP D 233 -8.38 -1.24 -22.26
C ASP D 233 -7.49 0.00 -22.09
N PHE D 234 -8.11 1.19 -21.86
CA PHE D 234 -7.35 2.43 -21.66
C PHE D 234 -6.57 2.42 -20.36
N LEU D 235 -7.25 2.18 -19.24
CA LEU D 235 -6.69 2.21 -17.90
C LEU D 235 -5.67 1.12 -17.65
N THR D 236 -5.84 -0.09 -18.24
CA THR D 236 -4.83 -1.17 -18.08
C THR D 236 -3.60 -0.79 -18.89
N HIS D 237 -3.80 -0.29 -20.15
CA HIS D 237 -2.76 0.16 -21.09
C HIS D 237 -1.94 1.30 -20.47
N HIS D 238 -2.61 2.29 -19.85
CA HIS D 238 -2.00 3.43 -19.17
C HIS D 238 -1.23 3.01 -17.92
N ALA D 239 -1.76 2.05 -17.14
CA ALA D 239 -1.07 1.56 -15.93
C ALA D 239 0.10 0.59 -16.28
N GLN D 240 0.15 0.11 -17.56
CA GLN D 240 1.15 -0.85 -18.08
C GLN D 240 2.05 -0.23 -19.17
N THR D 241 1.89 1.08 -19.45
CA THR D 241 2.64 1.82 -20.46
C THR D 241 4.15 1.81 -20.14
N SER D 242 4.53 1.87 -18.84
CA SER D 242 5.93 1.82 -18.38
C SER D 242 6.59 0.47 -18.69
N LYS D 243 5.80 -0.64 -18.73
CA LYS D 243 6.28 -1.99 -19.01
C LYS D 243 6.71 -2.20 -20.46
N THR D 244 6.30 -1.29 -21.39
CA THR D 244 6.71 -1.35 -22.80
C THR D 244 8.16 -0.82 -22.92
N GLU D 245 8.53 0.10 -22.02
CA GLU D 245 9.81 0.81 -21.94
C GLU D 245 10.95 -0.07 -21.42
N ARG D 246 12.11 0.03 -22.09
CA ARG D 246 13.32 -0.72 -21.76
C ARG D 246 14.01 -0.18 -20.51
N ASP E 4 -7.05 -60.13 18.77
CA ASP E 4 -7.35 -59.37 19.98
C ASP E 4 -8.84 -59.09 20.08
N LEU E 5 -9.40 -59.29 21.30
CA LEU E 5 -10.82 -59.05 21.62
C LEU E 5 -11.22 -57.59 21.36
N LYS E 6 -10.33 -56.63 21.71
CA LYS E 6 -10.50 -55.18 21.52
C LYS E 6 -10.78 -54.84 20.04
N THR E 7 -10.01 -55.48 19.12
CA THR E 7 -10.17 -55.29 17.67
C THR E 7 -11.52 -55.88 17.22
N ALA E 8 -11.86 -57.07 17.73
CA ALA E 8 -13.13 -57.75 17.42
C ALA E 8 -14.33 -56.88 17.88
N VAL E 9 -14.22 -56.26 19.08
CA VAL E 9 -15.23 -55.40 19.67
C VAL E 9 -15.41 -54.14 18.78
N PHE E 10 -14.30 -53.48 18.41
CA PHE E 10 -14.27 -52.31 17.54
C PHE E 10 -14.93 -52.61 16.19
N ASN E 11 -14.58 -53.75 15.56
CA ASN E 11 -15.12 -54.19 14.27
C ASN E 11 -16.62 -54.42 14.35
N ALA E 12 -17.12 -55.08 15.42
CA ALA E 12 -18.56 -55.31 15.62
C ALA E 12 -19.28 -53.97 15.77
N ALA E 13 -18.73 -53.05 16.60
CA ALA E 13 -19.28 -51.72 16.86
C ALA E 13 -19.31 -50.85 15.61
N ARG E 14 -18.23 -50.85 14.81
CA ARG E 14 -18.13 -50.04 13.58
C ARG E 14 -19.18 -50.47 12.52
N ASP E 15 -19.38 -51.78 12.35
CA ASP E 15 -20.33 -52.33 11.38
C ASP E 15 -21.75 -52.53 11.98
N GLY E 16 -21.95 -52.13 13.23
CA GLY E 16 -23.24 -52.22 13.94
C GLY E 16 -23.76 -53.61 14.27
N LYS E 17 -22.89 -54.66 14.24
CA LYS E 17 -23.25 -56.06 14.54
C LYS E 17 -23.45 -56.23 16.04
N LEU E 18 -24.65 -55.88 16.53
CA LEU E 18 -25.01 -55.89 17.94
C LEU E 18 -25.10 -57.29 18.54
N ARG E 19 -25.68 -58.24 17.78
CA ARG E 19 -25.82 -59.63 18.20
C ARG E 19 -24.43 -60.21 18.51
N LEU E 20 -23.45 -59.98 17.61
CA LEU E 20 -22.06 -60.41 17.75
C LEU E 20 -21.38 -59.76 18.97
N LEU E 21 -21.48 -58.42 19.12
CA LEU E 21 -20.87 -57.69 20.23
C LEU E 21 -21.38 -58.18 21.60
N THR E 22 -22.69 -58.45 21.71
CA THR E 22 -23.33 -58.97 22.91
C THR E 22 -22.69 -60.31 23.30
N LYS E 23 -22.46 -61.19 22.29
CA LYS E 23 -21.82 -62.49 22.47
C LYS E 23 -20.32 -62.36 22.77
N LEU E 24 -19.65 -61.32 22.24
CA LEU E 24 -18.21 -61.08 22.48
C LEU E 24 -17.91 -60.59 23.90
N LEU E 25 -18.86 -59.85 24.52
CA LEU E 25 -18.72 -59.27 25.87
C LEU E 25 -19.46 -60.07 26.95
N ALA E 26 -20.27 -61.05 26.54
CA ALA E 26 -21.17 -61.93 27.29
C ALA E 26 -20.80 -62.18 28.77
N SER E 27 -19.56 -62.56 29.10
CA SER E 27 -19.24 -62.89 30.50
C SER E 27 -18.37 -61.85 31.22
N LYS E 28 -17.92 -60.80 30.51
CA LYS E 28 -17.00 -59.80 31.03
C LYS E 28 -17.63 -58.89 32.10
N SER E 29 -16.77 -58.40 33.01
CA SER E 29 -17.09 -57.46 34.10
C SER E 29 -17.25 -56.04 33.55
N LYS E 30 -17.83 -55.12 34.37
CA LYS E 30 -18.01 -53.71 34.01
C LYS E 30 -16.67 -53.09 33.63
N GLU E 31 -15.63 -53.30 34.47
CA GLU E 31 -14.27 -52.80 34.26
C GLU E 31 -13.73 -53.25 32.90
N GLU E 32 -13.88 -54.57 32.59
CA GLU E 32 -13.43 -55.20 31.35
C GLU E 32 -14.19 -54.63 30.14
N VAL E 33 -15.55 -54.63 30.19
CA VAL E 33 -16.41 -54.09 29.10
C VAL E 33 -16.05 -52.62 28.85
N SER E 34 -15.97 -51.80 29.93
CA SER E 34 -15.63 -50.38 29.89
C SER E 34 -14.30 -50.15 29.22
N SER E 35 -13.27 -50.97 29.56
CA SER E 35 -11.94 -50.90 28.97
C SER E 35 -11.97 -51.18 27.47
N LEU E 36 -12.67 -52.26 27.07
CA LEU E 36 -12.78 -52.71 25.69
C LEU E 36 -13.52 -51.72 24.78
N ILE E 37 -14.59 -51.09 25.29
CA ILE E 37 -15.37 -50.17 24.47
C ILE E 37 -14.82 -48.71 24.53
N SER E 38 -13.89 -48.39 25.44
CA SER E 38 -13.33 -47.04 25.54
C SER E 38 -11.95 -46.92 24.84
N GLU E 39 -11.35 -48.04 24.42
CA GLU E 39 -10.06 -48.04 23.73
C GLU E 39 -10.24 -47.59 22.27
N LYS E 40 -9.18 -46.98 21.70
CA LYS E 40 -9.18 -46.53 20.31
C LYS E 40 -8.53 -47.61 19.44
N THR E 41 -9.07 -47.82 18.23
CA THR E 41 -8.49 -48.71 17.23
C THR E 41 -8.37 -47.83 16.02
N ASN E 42 -7.13 -47.67 15.50
CA ASN E 42 -6.78 -46.81 14.36
C ASN E 42 -7.28 -45.37 14.56
N GLY E 43 -7.10 -44.88 15.78
CA GLY E 43 -7.48 -43.51 16.15
C GLY E 43 -8.95 -43.24 16.44
N ALA E 44 -9.83 -44.26 16.34
CA ALA E 44 -11.26 -44.10 16.63
C ALA E 44 -11.77 -45.06 17.70
N THR E 45 -12.76 -44.60 18.51
CA THR E 45 -13.40 -45.45 19.53
C THR E 45 -14.59 -46.20 18.91
N PRO E 46 -15.06 -47.32 19.51
CA PRO E 46 -16.26 -48.01 19.00
C PRO E 46 -17.47 -47.06 18.90
N LEU E 47 -17.71 -46.24 19.95
CA LEU E 47 -18.79 -45.26 20.00
C LEU E 47 -18.74 -44.26 18.84
N LEU E 48 -17.55 -43.70 18.58
CA LEU E 48 -17.37 -42.75 17.50
C LEU E 48 -17.76 -43.35 16.16
N MET E 49 -17.34 -44.58 15.88
CA MET E 49 -17.64 -45.27 14.63
C MET E 49 -19.14 -45.62 14.56
N ALA E 50 -19.72 -46.14 15.65
CA ALA E 50 -21.16 -46.40 15.71
C ALA E 50 -21.96 -45.11 15.40
N ALA E 51 -21.56 -43.96 16.01
CA ALA E 51 -22.19 -42.64 15.81
C ALA E 51 -21.98 -42.11 14.40
N ARG E 52 -20.76 -42.24 13.86
CA ARG E 52 -20.38 -41.76 12.51
C ARG E 52 -21.18 -42.48 11.41
N TYR E 53 -21.44 -43.78 11.57
CA TYR E 53 -22.17 -44.54 10.55
C TYR E 53 -23.67 -44.73 10.90
N GLY E 54 -24.14 -44.08 11.97
CA GLY E 54 -25.55 -44.07 12.35
C GLY E 54 -26.18 -45.36 12.83
N HIS E 55 -25.40 -46.20 13.51
CA HIS E 55 -25.93 -47.45 14.06
C HIS E 55 -26.52 -47.11 15.43
N LEU E 56 -27.79 -46.66 15.44
CA LEU E 56 -28.52 -46.20 16.63
C LEU E 56 -28.56 -47.21 17.77
N ASP E 57 -28.99 -48.45 17.50
CA ASP E 57 -29.08 -49.50 18.54
C ASP E 57 -27.69 -49.73 19.15
N MET E 58 -26.64 -49.79 18.30
CA MET E 58 -25.26 -49.94 18.74
C MET E 58 -24.83 -48.76 19.65
N VAL E 59 -25.13 -47.50 19.25
CA VAL E 59 -24.83 -46.30 20.05
C VAL E 59 -25.48 -46.44 21.44
N GLU E 60 -26.79 -46.79 21.44
CA GLU E 60 -27.59 -47.00 22.65
C GLU E 60 -26.98 -48.07 23.54
N PHE E 61 -26.52 -49.18 22.94
CA PHE E 61 -25.93 -50.29 23.68
C PHE E 61 -24.59 -49.87 24.33
N LEU E 62 -23.71 -49.22 23.55
CA LEU E 62 -22.41 -48.77 24.04
C LEU E 62 -22.55 -47.74 25.16
N LEU E 63 -23.48 -46.77 25.00
CA LEU E 63 -23.72 -45.76 26.03
C LEU E 63 -24.31 -46.36 27.31
N GLU E 64 -25.14 -47.42 27.19
CA GLU E 64 -25.73 -48.11 28.35
C GLU E 64 -24.68 -48.94 29.11
N GLN E 65 -23.62 -49.39 28.44
CA GLN E 65 -22.52 -50.14 29.07
C GLN E 65 -21.62 -49.14 29.81
N CYS E 66 -21.15 -48.07 29.10
CA CYS E 66 -20.29 -47.02 29.66
C CYS E 66 -20.29 -45.77 28.76
N SER E 67 -20.38 -44.58 29.38
CA SER E 67 -20.40 -43.29 28.67
C SER E 67 -19.04 -42.55 28.73
N ALA E 68 -18.01 -43.18 29.33
CA ALA E 68 -16.66 -42.60 29.47
C ALA E 68 -16.10 -42.00 28.18
N SER E 69 -16.44 -42.59 27.00
CA SER E 69 -15.92 -42.12 25.71
C SER E 69 -16.87 -41.15 24.96
N ILE E 70 -17.97 -40.68 25.61
CA ILE E 70 -18.94 -39.78 24.98
C ILE E 70 -18.29 -38.44 24.50
N GLU E 71 -17.22 -37.96 25.15
CA GLU E 71 -16.57 -36.72 24.73
C GLU E 71 -15.20 -36.93 24.06
N VAL E 72 -14.81 -38.20 23.81
CA VAL E 72 -13.50 -38.50 23.24
C VAL E 72 -13.52 -38.35 21.71
N GLY E 73 -12.69 -37.44 21.22
CA GLY E 73 -12.54 -37.17 19.80
C GLY E 73 -11.61 -38.17 19.16
N GLY E 74 -11.92 -38.54 17.93
CA GLY E 74 -11.13 -39.49 17.18
C GLY E 74 -11.10 -39.20 15.70
N SER E 75 -10.48 -40.12 14.94
CA SER E 75 -10.29 -40.06 13.50
C SER E 75 -11.53 -40.51 12.74
N VAL E 76 -12.05 -39.64 11.87
CA VAL E 76 -13.21 -39.96 11.00
C VAL E 76 -12.90 -39.45 9.60
N ASN E 77 -13.56 -39.99 8.58
CA ASN E 77 -13.32 -39.55 7.21
C ASN E 77 -14.59 -39.06 6.56
N PHE E 78 -14.50 -37.88 5.93
CA PHE E 78 -15.56 -37.23 5.18
C PHE E 78 -14.90 -36.63 3.94
N ASP E 79 -15.52 -36.84 2.76
CA ASP E 79 -15.09 -36.35 1.44
C ASP E 79 -13.65 -36.78 1.09
N GLY E 80 -13.25 -37.97 1.54
CA GLY E 80 -11.91 -38.53 1.35
C GLY E 80 -10.84 -37.98 2.29
N GLU E 81 -11.19 -37.02 3.16
CA GLU E 81 -10.28 -36.35 4.09
C GLU E 81 -10.47 -36.83 5.52
N THR E 82 -9.35 -37.04 6.24
CA THR E 82 -9.37 -37.47 7.64
C THR E 82 -9.57 -36.24 8.54
N ILE E 83 -10.55 -36.32 9.46
CA ILE E 83 -10.83 -35.27 10.45
C ILE E 83 -10.43 -35.85 11.80
N GLU E 84 -9.46 -35.19 12.46
CA GLU E 84 -8.88 -35.62 13.73
C GLU E 84 -9.63 -35.03 14.90
N GLY E 85 -9.68 -35.75 16.02
CA GLY E 85 -10.32 -35.29 17.25
C GLY E 85 -11.80 -34.97 17.18
N ALA E 86 -12.53 -35.61 16.25
CA ALA E 86 -13.98 -35.44 16.11
C ALA E 86 -14.74 -36.27 17.16
N PRO E 87 -15.50 -35.64 18.09
CA PRO E 87 -16.24 -36.44 19.10
C PRO E 87 -17.50 -37.10 18.49
N PRO E 88 -18.15 -38.12 19.14
CA PRO E 88 -19.31 -38.78 18.50
C PRO E 88 -20.43 -37.84 18.03
N LEU E 89 -20.80 -36.81 18.84
CA LEU E 89 -21.87 -35.88 18.47
C LEU E 89 -21.54 -35.11 17.19
N TRP E 90 -20.29 -34.66 17.01
CA TRP E 90 -19.93 -33.92 15.79
C TRP E 90 -20.06 -34.82 14.54
N ALA E 91 -19.55 -36.05 14.63
CA ALA E 91 -19.55 -37.05 13.55
C ALA E 91 -20.99 -37.42 13.13
N ALA E 92 -21.88 -37.63 14.12
CA ALA E 92 -23.30 -37.96 13.89
C ALA E 92 -24.00 -36.78 13.20
N SER E 93 -23.67 -35.55 13.63
CA SER E 93 -24.23 -34.30 13.11
C SER E 93 -23.74 -34.06 11.67
N ALA E 94 -22.45 -34.33 11.42
CA ALA E 94 -21.85 -34.17 10.08
C ALA E 94 -22.42 -35.18 9.08
N ALA E 95 -22.65 -36.43 9.52
CA ALA E 95 -23.16 -37.49 8.66
C ALA E 95 -24.69 -37.49 8.51
N GLY E 96 -25.40 -36.67 9.28
CA GLY E 96 -26.85 -36.53 9.21
C GLY E 96 -27.70 -37.56 9.93
N HIS E 97 -27.17 -38.18 11.00
CA HIS E 97 -27.89 -39.21 11.78
C HIS E 97 -28.63 -38.55 12.97
N LEU E 98 -29.86 -38.07 12.72
CA LEU E 98 -30.63 -37.31 13.70
C LEU E 98 -30.96 -38.11 14.95
N LYS E 99 -31.42 -39.38 14.81
CA LYS E 99 -31.75 -40.21 15.98
C LYS E 99 -30.48 -40.45 16.83
N VAL E 100 -29.30 -40.55 16.19
CA VAL E 100 -28.04 -40.75 16.94
C VAL E 100 -27.69 -39.45 17.72
N VAL E 101 -27.86 -38.28 17.08
CA VAL E 101 -27.66 -36.95 17.68
C VAL E 101 -28.55 -36.79 18.95
N GLN E 102 -29.83 -37.19 18.85
CA GLN E 102 -30.80 -37.12 19.94
C GLN E 102 -30.38 -38.04 21.08
N SER E 103 -29.92 -39.25 20.75
CA SER E 103 -29.48 -40.27 21.71
C SER E 103 -28.26 -39.77 22.52
N LEU E 104 -27.29 -39.18 21.84
CA LEU E 104 -26.07 -38.65 22.45
C LEU E 104 -26.39 -37.49 23.40
N LEU E 105 -27.31 -36.60 22.97
CA LEU E 105 -27.71 -35.46 23.83
C LEU E 105 -28.51 -35.96 25.02
N ASN E 106 -29.35 -37.00 24.84
CA ASN E 106 -30.11 -37.62 25.93
C ASN E 106 -29.17 -38.21 26.99
N HIS E 107 -27.97 -38.69 26.58
CA HIS E 107 -26.98 -39.33 27.44
C HIS E 107 -25.92 -38.35 28.02
N GLY E 108 -26.15 -37.04 27.83
CA GLY E 108 -25.31 -35.98 28.38
C GLY E 108 -24.18 -35.43 27.53
N ALA E 109 -24.23 -35.64 26.21
CA ALA E 109 -23.19 -35.12 25.31
C ALA E 109 -23.16 -33.59 25.32
N SER E 110 -21.96 -33.01 25.24
CA SER E 110 -21.74 -31.57 25.20
C SER E 110 -22.03 -31.08 23.78
N VAL E 111 -23.07 -30.24 23.66
CA VAL E 111 -23.55 -29.68 22.40
C VAL E 111 -22.49 -28.80 21.69
N ASN E 112 -21.56 -28.16 22.45
CA ASN E 112 -20.57 -27.27 21.82
C ASN E 112 -19.15 -27.86 21.80
N ASN E 113 -18.98 -29.17 22.10
CA ASN E 113 -17.70 -29.83 22.05
C ASN E 113 -17.26 -30.01 20.60
N THR E 114 -16.11 -29.40 20.26
CA THR E 114 -15.58 -29.31 18.90
C THR E 114 -14.54 -30.36 18.53
N THR E 115 -14.22 -30.43 17.22
CA THR E 115 -13.10 -31.19 16.67
C THR E 115 -11.81 -30.42 17.06
N LEU E 116 -10.64 -30.92 16.70
CA LEU E 116 -9.40 -30.19 17.01
C LEU E 116 -9.32 -28.81 16.32
N THR E 117 -10.09 -28.60 15.23
CA THR E 117 -10.08 -27.33 14.47
C THR E 117 -11.19 -26.36 14.91
N ASN E 118 -11.82 -26.59 16.10
CA ASN E 118 -12.87 -25.74 16.69
C ASN E 118 -14.20 -25.77 15.90
N SER E 119 -14.43 -26.86 15.15
CA SER E 119 -15.69 -26.99 14.43
C SER E 119 -16.72 -27.67 15.38
N THR E 120 -17.85 -26.97 15.65
CA THR E 120 -18.92 -27.47 16.53
C THR E 120 -19.84 -28.45 15.79
N PRO E 121 -20.61 -29.31 16.51
CA PRO E 121 -21.62 -30.15 15.84
C PRO E 121 -22.62 -29.32 15.01
N LEU E 122 -22.98 -28.08 15.46
CA LEU E 122 -23.89 -27.21 14.70
C LEU E 122 -23.27 -26.88 13.36
N ARG E 123 -21.99 -26.45 13.35
CA ARG E 123 -21.26 -26.17 12.10
C ARG E 123 -21.18 -27.43 11.22
N ALA E 124 -21.03 -28.61 11.86
CA ALA E 124 -20.98 -29.91 11.17
C ALA E 124 -22.27 -30.18 10.41
N ALA E 125 -23.44 -29.91 11.03
CA ALA E 125 -24.75 -30.13 10.41
C ALA E 125 -25.04 -29.13 9.27
N CYS E 126 -24.51 -27.90 9.35
CA CYS E 126 -24.72 -26.84 8.35
C CYS E 126 -24.01 -27.13 7.01
N PHE E 127 -22.91 -27.95 7.00
CA PHE E 127 -22.10 -28.25 5.79
C PHE E 127 -22.89 -29.03 4.73
N ASP E 128 -23.48 -30.20 5.08
CA ASP E 128 -24.28 -30.97 4.11
C ASP E 128 -25.78 -30.61 4.19
N GLY E 129 -26.11 -29.62 5.01
CA GLY E 129 -27.46 -29.08 5.13
C GLY E 129 -28.51 -29.91 5.83
N HIS E 130 -28.18 -30.45 7.00
CA HIS E 130 -29.11 -31.27 7.79
C HIS E 130 -29.99 -30.36 8.69
N LEU E 131 -31.07 -29.78 8.11
CA LEU E 131 -31.95 -28.80 8.76
C LEU E 131 -32.51 -29.30 10.14
N GLU E 132 -33.06 -30.51 10.18
CA GLU E 132 -33.63 -31.14 11.38
C GLU E 132 -32.60 -31.20 12.52
N ILE E 133 -31.33 -31.56 12.20
CA ILE E 133 -30.23 -31.61 13.16
C ILE E 133 -29.87 -30.18 13.62
N VAL E 134 -29.78 -29.21 12.69
CA VAL E 134 -29.51 -27.80 13.01
C VAL E 134 -30.58 -27.30 14.02
N LYS E 135 -31.87 -27.53 13.74
CA LYS E 135 -32.97 -27.12 14.63
C LYS E 135 -32.86 -27.82 16.00
N TYR E 136 -32.55 -29.12 16.01
CA TYR E 136 -32.42 -29.89 17.27
C TYR E 136 -31.30 -29.36 18.15
N LEU E 137 -30.14 -29.10 17.54
CA LEU E 137 -28.96 -28.58 18.23
C LEU E 137 -29.21 -27.19 18.83
N VAL E 138 -29.77 -26.26 18.03
CA VAL E 138 -30.09 -24.89 18.46
C VAL E 138 -31.09 -24.95 19.62
N GLU E 139 -32.10 -25.85 19.54
CA GLU E 139 -33.06 -26.06 20.62
C GLU E 139 -32.38 -26.63 21.88
N HIS E 140 -31.19 -27.25 21.74
CA HIS E 140 -30.45 -27.83 22.87
C HIS E 140 -29.17 -26.99 23.19
N LYS E 141 -29.30 -25.65 23.11
CA LYS E 141 -28.37 -24.58 23.48
C LYS E 141 -27.06 -24.54 22.69
N ALA E 142 -27.07 -24.97 21.41
CA ALA E 142 -25.89 -24.88 20.55
C ALA E 142 -25.57 -23.39 20.32
N ASP E 143 -24.28 -23.01 20.51
CA ASP E 143 -23.83 -21.62 20.33
C ASP E 143 -23.65 -21.34 18.84
N LEU E 144 -24.44 -20.37 18.31
CA LEU E 144 -24.41 -19.95 16.90
C LEU E 144 -23.12 -19.21 16.52
N GLU E 145 -22.41 -18.65 17.50
CA GLU E 145 -21.27 -17.78 17.21
C GLU E 145 -19.90 -18.45 17.40
N VAL E 146 -19.86 -19.75 17.76
CA VAL E 146 -18.58 -20.45 17.88
C VAL E 146 -18.16 -20.85 16.45
N SER E 147 -17.12 -20.17 15.95
CA SER E 147 -16.63 -20.37 14.59
C SER E 147 -15.50 -21.39 14.58
N ASN E 148 -15.10 -21.89 13.40
CA ASN E 148 -13.95 -22.80 13.36
C ASN E 148 -12.65 -21.95 13.47
N ARG E 149 -11.47 -22.60 13.38
CA ARG E 149 -10.18 -21.96 13.48
C ARG E 149 -9.96 -20.85 12.42
N HIS E 150 -10.67 -20.92 11.27
CA HIS E 150 -10.56 -19.88 10.22
C HIS E 150 -11.51 -18.73 10.49
N GLY E 151 -12.30 -18.81 11.55
CA GLY E 151 -13.28 -17.79 11.89
C GLY E 151 -14.50 -17.87 10.99
N HIS E 152 -14.67 -19.01 10.29
CA HIS E 152 -15.80 -19.23 9.40
C HIS E 152 -16.97 -19.77 10.26
N THR E 153 -18.10 -19.06 10.28
CA THR E 153 -19.25 -19.42 11.11
C THR E 153 -20.26 -20.37 10.44
N CYS E 154 -21.26 -20.84 11.24
CA CYS E 154 -22.39 -21.68 10.82
C CYS E 154 -23.17 -20.94 9.71
N LEU E 155 -23.42 -19.64 9.91
CA LEU E 155 -24.13 -18.82 8.92
C LEU E 155 -23.31 -18.71 7.63
N MET E 156 -22.00 -18.44 7.76
CA MET E 156 -21.12 -18.31 6.61
C MET E 156 -21.11 -19.59 5.78
N ILE E 157 -20.96 -20.76 6.41
CA ILE E 157 -20.91 -22.02 5.68
C ILE E 157 -22.31 -22.37 5.08
N SER E 158 -23.41 -21.98 5.74
CA SER E 158 -24.77 -22.21 5.21
C SER E 158 -24.99 -21.41 3.94
N CYS E 159 -24.48 -20.15 3.89
CA CYS E 159 -24.58 -19.28 2.71
C CYS E 159 -23.71 -19.81 1.59
N TYR E 160 -22.46 -20.24 1.92
CA TYR E 160 -21.52 -20.79 0.95
C TYR E 160 -22.05 -22.04 0.26
N LYS E 161 -22.83 -22.84 1.00
CA LYS E 161 -23.37 -24.08 0.49
C LYS E 161 -24.78 -23.91 -0.11
N GLY E 162 -25.32 -22.68 -0.06
CA GLY E 162 -26.64 -22.35 -0.63
C GLY E 162 -27.82 -22.95 0.10
N HIS E 163 -27.66 -23.19 1.43
CA HIS E 163 -28.75 -23.77 2.25
C HIS E 163 -29.66 -22.65 2.75
N LYS E 164 -30.64 -22.27 1.90
CA LYS E 164 -31.57 -21.17 2.16
C LYS E 164 -32.36 -21.37 3.46
N GLU E 165 -32.98 -22.56 3.65
CA GLU E 165 -33.76 -22.84 4.87
C GLU E 165 -32.90 -22.74 6.13
N ILE E 166 -31.67 -23.30 6.12
CA ILE E 166 -30.77 -23.23 7.29
C ILE E 166 -30.36 -21.76 7.56
N ALA E 167 -29.93 -21.02 6.52
CA ALA E 167 -29.52 -19.61 6.69
C ALA E 167 -30.67 -18.80 7.29
N GLN E 168 -31.90 -19.04 6.81
CA GLN E 168 -33.15 -18.40 7.24
C GLN E 168 -33.38 -18.64 8.74
N TYR E 169 -33.27 -19.91 9.18
CA TYR E 169 -33.44 -20.34 10.57
C TYR E 169 -32.40 -19.69 11.50
N LEU E 170 -31.12 -19.71 11.10
CA LEU E 170 -30.01 -19.13 11.87
C LEU E 170 -30.24 -17.63 12.07
N LEU E 171 -30.63 -16.92 10.99
CA LEU E 171 -30.92 -15.49 11.00
C LEU E 171 -32.02 -15.17 11.99
N GLU E 172 -33.13 -15.95 12.00
CA GLU E 172 -34.26 -15.79 12.94
C GLU E 172 -33.83 -16.03 14.38
N LYS E 173 -32.85 -16.93 14.60
CA LYS E 173 -32.35 -17.27 15.93
C LYS E 173 -31.27 -16.29 16.42
N GLY E 174 -30.99 -15.24 15.65
CA GLY E 174 -30.07 -14.19 16.07
C GLY E 174 -28.62 -14.32 15.64
N ALA E 175 -28.34 -15.09 14.57
CA ALA E 175 -26.98 -15.24 14.03
C ALA E 175 -26.40 -13.86 13.68
N ASP E 176 -25.13 -13.62 14.00
CA ASP E 176 -24.50 -12.32 13.73
C ASP E 176 -24.14 -12.28 12.24
N VAL E 177 -24.84 -11.45 11.47
CA VAL E 177 -24.64 -11.30 10.02
C VAL E 177 -23.32 -10.61 9.66
N ASN E 178 -22.78 -9.76 10.55
CA ASN E 178 -21.62 -8.92 10.27
C ASN E 178 -20.32 -9.47 10.87
N ARG E 179 -20.32 -10.73 11.32
CA ARG E 179 -19.12 -11.41 11.80
C ARG E 179 -18.14 -11.54 10.61
N LYS E 180 -16.85 -11.32 10.85
CA LYS E 180 -15.78 -11.44 9.85
C LYS E 180 -14.87 -12.58 10.25
N SER E 181 -14.49 -13.43 9.28
CA SER E 181 -13.58 -14.54 9.52
C SER E 181 -12.15 -13.97 9.73
N VAL E 182 -11.16 -14.85 9.93
CA VAL E 182 -9.75 -14.47 10.13
C VAL E 182 -9.25 -13.64 8.89
N LYS E 183 -9.68 -14.03 7.68
CA LYS E 183 -9.32 -13.38 6.42
C LYS E 183 -10.32 -12.28 6.00
N GLY E 184 -11.23 -11.88 6.89
CA GLY E 184 -12.19 -10.81 6.62
C GLY E 184 -13.42 -11.23 5.84
N ASN E 185 -13.62 -12.54 5.66
CA ASN E 185 -14.80 -13.04 4.95
C ASN E 185 -16.07 -12.81 5.77
N THR E 186 -17.16 -12.40 5.09
CA THR E 186 -18.48 -12.22 5.71
C THR E 186 -19.46 -13.15 4.99
N ALA E 187 -20.64 -13.41 5.59
CA ALA E 187 -21.67 -14.26 4.97
C ALA E 187 -22.12 -13.76 3.60
N LEU E 188 -22.07 -12.43 3.37
CA LEU E 188 -22.38 -11.83 2.07
C LEU E 188 -21.41 -12.32 0.99
N HIS E 189 -20.11 -12.48 1.33
CA HIS E 189 -19.09 -12.98 0.39
C HIS E 189 -19.39 -14.44 0.04
N ASP E 190 -19.83 -15.25 1.04
CA ASP E 190 -20.19 -16.67 0.83
C ASP E 190 -21.34 -16.80 -0.17
N CYS E 191 -22.33 -15.89 -0.08
CA CYS E 191 -23.46 -15.84 -1.01
C CYS E 191 -22.96 -15.51 -2.43
N ALA E 192 -22.09 -14.50 -2.53
CA ALA E 192 -21.54 -14.03 -3.81
C ALA E 192 -20.79 -15.16 -4.54
N GLU E 193 -19.98 -15.93 -3.80
CA GLU E 193 -19.19 -17.03 -4.35
C GLU E 193 -20.04 -18.25 -4.74
N SER E 194 -21.21 -18.42 -4.10
CA SER E 194 -22.10 -19.56 -4.41
C SER E 194 -23.24 -19.16 -5.34
N GLY E 195 -23.33 -17.85 -5.63
CA GLY E 195 -24.38 -17.27 -6.45
C GLY E 195 -25.76 -17.37 -5.81
N SER E 196 -25.79 -17.39 -4.46
CA SER E 196 -27.01 -17.50 -3.66
C SER E 196 -27.65 -16.11 -3.51
N LEU E 197 -28.33 -15.65 -4.57
CA LEU E 197 -28.96 -14.34 -4.65
C LEU E 197 -30.11 -14.18 -3.60
N ASP E 198 -30.94 -15.23 -3.41
CA ASP E 198 -32.03 -15.25 -2.42
C ASP E 198 -31.50 -15.10 -0.98
N ILE E 199 -30.41 -15.80 -0.65
CA ILE E 199 -29.79 -15.69 0.68
C ILE E 199 -29.16 -14.29 0.85
N MET E 200 -28.49 -13.75 -0.19
CA MET E 200 -27.91 -12.40 -0.11
C MET E 200 -28.99 -11.36 0.26
N LYS E 201 -30.14 -11.43 -0.39
CA LYS E 201 -31.27 -10.51 -0.14
C LYS E 201 -31.73 -10.62 1.33
N MET E 202 -31.76 -11.85 1.86
CA MET E 202 -32.12 -12.16 3.24
C MET E 202 -31.13 -11.49 4.19
N LEU E 203 -29.81 -11.65 3.95
CA LEU E 203 -28.77 -11.06 4.79
C LEU E 203 -28.92 -9.54 4.83
N LEU E 204 -29.10 -8.90 3.64
CA LEU E 204 -29.31 -7.45 3.54
C LEU E 204 -30.56 -7.00 4.30
N MET E 205 -31.62 -7.82 4.32
CA MET E 205 -32.86 -7.57 5.06
C MET E 205 -32.54 -7.58 6.58
N TYR E 206 -31.56 -8.43 7.02
CA TYR E 206 -31.13 -8.55 8.41
C TYR E 206 -29.93 -7.58 8.74
N CYS E 207 -29.75 -6.53 7.91
CA CYS E 207 -28.80 -5.42 8.05
C CYS E 207 -27.31 -5.81 7.85
N ALA E 208 -27.04 -6.82 7.01
CA ALA E 208 -25.66 -7.19 6.68
C ALA E 208 -25.03 -6.09 5.81
N LYS E 209 -23.77 -5.68 6.13
CA LYS E 209 -23.07 -4.59 5.42
C LYS E 209 -22.04 -5.12 4.42
N MET E 210 -21.91 -4.43 3.28
CA MET E 210 -20.94 -4.77 2.22
C MET E 210 -19.57 -4.31 2.71
N GLU E 211 -18.62 -5.25 2.80
CA GLU E 211 -17.28 -4.99 3.34
C GLU E 211 -16.20 -5.65 2.51
N LYS E 212 -14.99 -5.11 2.58
CA LYS E 212 -13.83 -5.67 1.91
C LYS E 212 -13.25 -6.74 2.83
N ASP E 213 -12.80 -7.85 2.25
CA ASP E 213 -12.14 -8.90 3.02
C ASP E 213 -10.63 -8.60 2.98
N GLY E 214 -9.80 -9.45 3.57
CA GLY E 214 -8.35 -9.29 3.60
C GLY E 214 -7.71 -9.23 2.22
N TYR E 215 -8.33 -9.91 1.22
CA TYR E 215 -7.86 -9.93 -0.17
C TYR E 215 -8.34 -8.70 -0.98
N GLY E 216 -9.00 -7.75 -0.31
CA GLY E 216 -9.55 -6.53 -0.90
C GLY E 216 -10.85 -6.76 -1.65
N MET E 217 -11.43 -7.94 -1.53
CA MET E 217 -12.65 -8.29 -2.24
C MET E 217 -13.90 -7.92 -1.47
N THR E 218 -14.84 -7.27 -2.15
CA THR E 218 -16.17 -6.98 -1.60
C THR E 218 -17.06 -8.08 -2.18
N PRO E 219 -18.32 -8.28 -1.72
CA PRO E 219 -19.16 -9.33 -2.33
C PRO E 219 -19.39 -9.10 -3.83
N LEU E 220 -19.45 -7.86 -4.30
CA LEU E 220 -19.60 -7.60 -5.74
C LEU E 220 -18.45 -8.22 -6.53
N LEU E 221 -17.20 -7.92 -6.11
CA LEU E 221 -15.99 -8.43 -6.77
C LEU E 221 -15.90 -9.96 -6.65
N SER E 222 -16.21 -10.51 -5.47
CA SER E 222 -16.19 -11.97 -5.28
C SER E 222 -17.15 -12.65 -6.27
N ALA E 223 -18.31 -12.02 -6.54
CA ALA E 223 -19.29 -12.53 -7.49
C ALA E 223 -18.77 -12.44 -8.94
N SER E 224 -18.07 -11.35 -9.27
CA SER E 224 -17.50 -11.10 -10.60
C SER E 224 -16.44 -12.15 -10.98
N VAL E 225 -15.52 -12.45 -10.08
CA VAL E 225 -14.42 -13.38 -10.37
C VAL E 225 -14.92 -14.85 -10.42
N THR E 226 -16.05 -15.19 -9.75
CA THR E 226 -16.61 -16.54 -9.75
C THR E 226 -17.73 -16.73 -10.81
N GLY E 227 -17.93 -15.72 -11.67
CA GLY E 227 -18.92 -15.74 -12.74
C GLY E 227 -20.39 -15.77 -12.35
N HIS E 228 -20.73 -15.29 -11.13
CA HIS E 228 -22.11 -15.26 -10.66
C HIS E 228 -22.73 -13.93 -11.04
N THR E 229 -23.07 -13.80 -12.34
CA THR E 229 -23.59 -12.58 -12.97
C THR E 229 -24.94 -12.14 -12.39
N ASN E 230 -25.73 -13.08 -11.81
CA ASN E 230 -27.00 -12.76 -11.15
C ASN E 230 -26.75 -11.80 -9.98
N ILE E 231 -25.69 -12.04 -9.20
CA ILE E 231 -25.36 -11.19 -8.06
C ILE E 231 -24.68 -9.89 -8.55
N VAL E 232 -23.88 -9.95 -9.64
CA VAL E 232 -23.23 -8.76 -10.21
C VAL E 232 -24.32 -7.80 -10.65
N ASP E 233 -25.33 -8.29 -11.41
CA ASP E 233 -26.45 -7.53 -11.92
C ASP E 233 -27.21 -6.85 -10.80
N PHE E 234 -27.53 -7.61 -9.74
CA PHE E 234 -28.26 -7.12 -8.57
C PHE E 234 -27.51 -6.00 -7.85
N LEU E 235 -26.21 -6.19 -7.59
CA LEU E 235 -25.42 -5.21 -6.85
C LEU E 235 -25.11 -3.97 -7.69
N THR E 236 -24.88 -4.10 -9.02
CA THR E 236 -24.64 -2.91 -9.86
C THR E 236 -25.92 -2.09 -9.94
N HIS E 237 -27.09 -2.75 -10.08
CA HIS E 237 -28.41 -2.09 -10.13
C HIS E 237 -28.69 -1.38 -8.80
N HIS E 238 -28.34 -2.03 -7.66
CA HIS E 238 -28.47 -1.53 -6.29
C HIS E 238 -27.63 -0.24 -6.13
N ALA E 239 -26.38 -0.25 -6.66
CA ALA E 239 -25.44 0.88 -6.57
C ALA E 239 -25.82 2.07 -7.47
N GLN E 240 -26.40 1.80 -8.65
CA GLN E 240 -26.69 2.82 -9.64
C GLN E 240 -28.15 3.35 -9.62
N THR E 241 -29.06 2.76 -8.82
CA THR E 241 -30.49 3.16 -8.81
C THR E 241 -30.69 4.65 -8.40
N SER E 242 -29.94 5.18 -7.40
CA SER E 242 -30.08 6.58 -6.99
C SER E 242 -29.64 7.59 -8.09
N LYS E 243 -28.91 7.14 -9.14
CA LYS E 243 -28.44 8.01 -10.24
C LYS E 243 -29.57 8.35 -11.23
N THR E 244 -30.71 7.63 -11.16
CA THR E 244 -31.87 7.95 -12.01
C THR E 244 -32.64 9.17 -11.43
N GLU E 245 -32.25 9.64 -10.22
CA GLU E 245 -32.90 10.76 -9.52
C GLU E 245 -32.43 12.12 -10.08
N ARG E 246 -33.40 12.94 -10.52
CA ARG E 246 -33.11 14.28 -11.05
C ARG E 246 -32.68 15.24 -9.94
N ASP F 4 31.49 14.45 -45.88
N ASP F 4 37.85 17.27 -34.25
CA ASP F 4 31.86 14.30 -44.48
CA ASP F 4 37.80 17.14 -32.79
C ASP F 4 32.49 12.94 -44.20
C ASP F 4 38.38 15.79 -32.36
N LEU F 5 33.70 12.93 -43.61
N LEU F 5 39.47 15.83 -31.58
CA LEU F 5 34.45 11.71 -43.25
CA LEU F 5 40.19 14.64 -31.10
C LEU F 5 33.91 11.06 -41.97
C LEU F 5 39.36 13.83 -30.11
N LYS F 6 33.53 11.89 -40.98
N LYS F 6 38.71 14.51 -29.14
CA LYS F 6 32.98 11.45 -39.68
CA LYS F 6 37.85 13.89 -28.13
C LYS F 6 31.71 10.63 -39.88
C LYS F 6 36.68 13.14 -28.77
N THR F 7 30.84 11.05 -40.82
N THR F 7 36.09 13.72 -29.84
CA THR F 7 29.57 10.38 -41.17
CA THR F 7 34.99 13.14 -30.62
C THR F 7 29.89 9.05 -41.85
C THR F 7 35.51 11.93 -31.38
N ALA F 8 30.77 9.07 -42.87
N ALA F 8 36.69 12.06 -32.05
CA ALA F 8 31.21 7.91 -43.65
CA ALA F 8 37.33 10.99 -32.82
C ALA F 8 31.73 6.77 -42.78
C ALA F 8 37.68 9.77 -31.96
N VAL F 9 32.49 7.10 -41.72
N VAL F 9 38.03 9.98 -30.68
CA VAL F 9 33.08 6.16 -40.75
CA VAL F 9 38.34 8.92 -29.71
C VAL F 9 31.95 5.56 -39.88
C VAL F 9 37.03 8.20 -29.31
N PHE F 10 31.00 6.40 -39.42
N PHE F 10 35.98 8.98 -29.01
CA PHE F 10 29.86 5.98 -38.61
CA PHE F 10 34.66 8.50 -28.59
C PHE F 10 28.93 5.04 -39.40
C PHE F 10 33.99 7.64 -29.67
N ASN F 11 28.65 5.39 -40.68
N ASN F 11 34.03 8.08 -30.94
CA ASN F 11 27.78 4.65 -41.59
CA ASN F 11 33.42 7.41 -32.07
C ASN F 11 28.33 3.25 -41.89
C ASN F 11 34.04 6.06 -32.34
N ALA F 12 29.66 3.13 -42.15
N ALA F 12 35.39 5.96 -32.33
CA ALA F 12 30.31 1.84 -42.42
CA ALA F 12 36.12 4.70 -32.56
C ALA F 12 30.22 0.89 -41.21
C ALA F 12 35.83 3.67 -31.45
N ALA F 13 30.36 1.45 -39.99
N ALA F 13 35.72 4.14 -30.19
CA ALA F 13 30.29 0.72 -38.72
CA ALA F 13 35.44 3.28 -29.04
C ALA F 13 28.88 0.18 -38.44
C ALA F 13 34.01 2.72 -29.12
N ARG F 14 27.83 0.99 -38.72
N ARG F 14 33.06 3.56 -29.55
CA ARG F 14 26.42 0.63 -38.54
CA ARG F 14 31.65 3.20 -29.72
C ARG F 14 25.98 -0.46 -39.54
C ARG F 14 31.49 2.19 -30.86
N ASP F 15 26.48 -0.38 -40.79
N ASP F 15 32.23 2.41 -31.98
CA ASP F 15 26.17 -1.30 -41.90
CA ASP F 15 32.19 1.54 -33.17
C ASP F 15 27.05 -2.56 -41.89
C ASP F 15 33.07 0.29 -33.05
N GLY F 16 28.09 -2.57 -41.07
N GLY F 16 33.95 0.27 -32.05
CA GLY F 16 29.03 -3.68 -40.95
CA GLY F 16 34.88 -0.84 -31.83
C GLY F 16 29.94 -3.86 -42.13
C GLY F 16 36.03 -0.89 -32.81
N LYS F 17 30.37 -2.74 -42.75
N LYS F 17 36.37 0.29 -33.38
CA LYS F 17 31.26 -2.71 -43.91
CA LYS F 17 37.47 0.44 -34.33
C LYS F 17 32.71 -2.49 -43.43
C LYS F 17 38.78 0.62 -33.53
N LEU F 18 33.37 -3.58 -43.02
N LEU F 18 39.30 -0.52 -33.02
CA LEU F 18 34.75 -3.61 -42.49
CA LEU F 18 40.51 -0.57 -32.19
C LEU F 18 35.76 -3.14 -43.55
C LEU F 18 41.76 -0.09 -32.97
N ARG F 19 35.67 -3.67 -44.80
N ARG F 19 41.94 -0.54 -34.23
CA ARG F 19 36.55 -3.35 -45.92
CA ARG F 19 43.09 -0.16 -35.06
C ARG F 19 36.53 -1.86 -46.25
C ARG F 19 43.12 1.35 -35.34
N LEU F 20 35.32 -1.26 -46.37
N LEU F 20 41.94 1.94 -35.57
CA LEU F 20 35.16 0.17 -46.66
CA LEU F 20 41.72 3.36 -35.81
C LEU F 20 35.74 1.07 -45.56
C LEU F 20 42.07 4.19 -34.56
N LEU F 21 35.52 0.71 -44.27
N LEU F 21 41.66 3.71 -33.37
CA LEU F 21 36.01 1.48 -43.12
CA LEU F 21 41.91 4.36 -32.09
C LEU F 21 37.54 1.52 -43.03
C LEU F 21 43.40 4.38 -31.72
N THR F 22 38.20 0.34 -43.06
N THR F 22 44.09 3.22 -31.87
CA THR F 22 39.66 0.23 -42.93
CA THR F 22 45.52 3.03 -31.61
C THR F 22 40.34 0.94 -44.13
C THR F 22 46.34 4.13 -32.32
N LYS F 23 39.64 1.11 -45.27
N LYS F 23 46.01 4.44 -33.59
CA LYS F 23 40.12 1.82 -46.46
CA LYS F 23 46.66 5.47 -34.40
C LYS F 23 39.97 3.33 -46.25
C LYS F 23 46.39 6.87 -33.84
N LEU F 24 38.88 3.75 -45.56
N LEU F 24 45.17 7.14 -33.31
CA LEU F 24 38.58 5.15 -45.23
CA LEU F 24 44.80 8.43 -32.72
C LEU F 24 39.54 5.71 -44.17
C LEU F 24 45.59 8.71 -31.42
N LEU F 25 40.12 4.81 -43.35
N LEU F 25 45.81 7.66 -30.61
CA LEU F 25 41.06 5.14 -42.28
CA LEU F 25 46.56 7.72 -29.35
C LEU F 25 42.51 4.72 -42.61
C LEU F 25 48.09 7.52 -29.52
N ALA F 26 42.73 4.05 -43.79
N ALA F 26 48.57 7.14 -30.74
CA ALA F 26 44.01 3.54 -44.28
CA ALA F 26 49.97 6.86 -31.05
C ALA F 26 45.15 4.57 -44.19
C ALA F 26 50.94 7.98 -30.62
N SER F 27 44.89 5.83 -44.57
N SER F 27 50.70 9.23 -31.03
CA SER F 27 45.86 6.93 -44.50
CA SER F 27 51.57 10.37 -30.70
C SER F 27 45.83 7.49 -43.06
C SER F 27 51.08 11.17 -29.48
N LYS F 28 45.48 8.79 -42.88
N LYS F 28 50.53 10.48 -28.46
CA LYS F 28 45.36 9.49 -41.60
CA LYS F 28 50.01 11.11 -27.24
C LYS F 28 46.51 9.14 -40.64
C LYS F 28 50.56 10.49 -25.94
N SER F 29 46.19 8.68 -39.40
N SER F 29 50.75 11.31 -24.89
CA SER F 29 47.11 8.26 -38.34
CA SER F 29 51.23 10.88 -23.58
C SER F 29 46.29 7.59 -37.23
C SER F 29 50.14 10.15 -22.79
N LYS F 30 46.93 6.79 -36.34
N LYS F 30 50.56 9.29 -21.82
CA LYS F 30 46.27 6.11 -35.22
CA LYS F 30 49.68 8.47 -20.96
C LYS F 30 45.49 7.08 -34.34
C LYS F 30 48.61 9.31 -20.26
N GLU F 31 46.08 8.27 -34.07
N GLU F 31 48.97 10.50 -19.75
CA GLU F 31 45.46 9.35 -33.28
CA GLU F 31 48.05 11.43 -19.09
C GLU F 31 44.20 9.86 -33.99
C GLU F 31 47.09 12.09 -20.10
N GLU F 32 44.26 10.04 -35.32
N GLU F 32 47.53 12.28 -21.36
CA GLU F 32 43.14 10.50 -36.15
CA GLU F 32 46.70 12.85 -22.42
C GLU F 32 42.04 9.42 -36.24
C GLU F 32 45.70 11.81 -22.91
N VAL F 33 42.44 8.12 -36.25
N VAL F 33 46.12 10.52 -22.94
CA VAL F 33 41.52 6.98 -36.31
CA VAL F 33 45.29 9.37 -23.33
C VAL F 33 40.79 6.87 -34.97
C VAL F 33 44.21 9.16 -22.25
N SER F 34 41.54 6.95 -33.85
N SER F 34 44.61 9.27 -20.96
CA SER F 34 41.01 6.91 -32.48
CA SER F 34 43.74 9.13 -19.79
C SER F 34 40.11 8.11 -32.19
C SER F 34 42.64 10.20 -19.75
N SER F 35 40.31 9.23 -32.92
N SER F 35 42.96 11.42 -20.21
CA SER F 35 39.50 10.45 -32.79
CA SER F 35 41.99 12.54 -20.28
C SER F 35 38.23 10.37 -33.63
C SER F 35 40.96 12.29 -21.40
N LEU F 36 38.31 9.74 -34.82
N LEU F 36 41.44 11.84 -22.57
CA LEU F 36 37.18 9.57 -35.75
CA LEU F 36 40.62 11.56 -23.77
C LEU F 36 36.25 8.41 -35.34
C LEU F 36 39.69 10.35 -23.58
N ILE F 37 36.78 7.44 -34.57
N ILE F 37 40.09 9.39 -22.74
CA ILE F 37 36.03 6.27 -34.10
CA ILE F 37 39.34 8.16 -22.44
C ILE F 37 35.39 6.51 -32.71
C ILE F 37 38.38 8.35 -21.25
N SER F 38 35.76 7.60 -32.02
N SER F 38 38.59 9.37 -20.40
CA SER F 38 35.23 7.93 -30.69
CA SER F 38 37.73 9.66 -19.24
C SER F 38 34.14 9.02 -30.77
C SER F 38 36.73 10.79 -19.50
N GLU F 39 34.05 9.74 -31.90
N GLU F 39 36.92 11.54 -20.61
CA GLU F 39 33.06 10.81 -32.14
CA GLU F 39 36.03 12.63 -21.02
C GLU F 39 31.64 10.24 -32.19
C GLU F 39 34.69 12.06 -21.52
N LYS F 40 30.66 11.05 -31.76
N LYS F 40 33.64 12.90 -21.57
CA LYS F 40 29.25 10.65 -31.75
CA LYS F 40 32.33 12.44 -22.00
C LYS F 40 28.50 11.23 -32.96
C LYS F 40 31.79 13.21 -23.21
N THR F 41 27.67 10.39 -33.60
N THR F 41 31.24 12.47 -24.17
CA THR F 41 26.84 10.78 -34.74
CA THR F 41 30.62 13.00 -25.39
C THR F 41 25.41 10.34 -34.44
C THR F 41 29.16 12.54 -25.38
N ASN F 42 24.48 11.32 -34.39
N ASN F 42 28.22 13.52 -25.36
CA ASN F 42 23.06 11.16 -34.04
CA ASN F 42 26.77 13.33 -25.31
C ASN F 42 22.92 10.59 -32.61
C ASN F 42 26.38 12.48 -24.07
N GLY F 43 23.80 11.03 -31.72
N GLY F 43 26.93 12.87 -22.92
CA GLY F 43 23.85 10.63 -30.32
CA GLY F 43 26.70 12.23 -21.62
C GLY F 43 24.47 9.28 -30.03
C GLY F 43 27.32 10.87 -21.40
N ALA F 44 25.08 8.63 -31.04
N ALA F 44 28.07 10.33 -22.39
CA ALA F 44 25.69 7.32 -30.87
CA ALA F 44 28.68 9.01 -22.25
C ALA F 44 27.08 7.22 -31.51
C ALA F 44 30.20 9.00 -22.47
N THR F 45 27.97 6.41 -30.91
N THR F 45 30.87 8.03 -21.83
CA THR F 45 29.32 6.17 -31.40
CA THR F 45 32.34 7.86 -21.92
C THR F 45 29.31 5.03 -32.44
C THR F 45 32.70 6.80 -22.97
N PRO F 46 30.32 4.93 -33.35
N PRO F 46 33.94 6.80 -23.53
CA PRO F 46 30.35 3.82 -34.32
CA PRO F 46 34.31 5.76 -24.52
C PRO F 46 30.29 2.42 -33.67
C PRO F 46 34.21 4.32 -23.99
N LEU F 47 31.00 2.23 -32.53
N LEU F 47 34.47 4.11 -22.68
CA LEU F 47 31.08 0.97 -31.77
CA LEU F 47 34.40 2.82 -22.02
C LEU F 47 29.71 0.48 -31.29
C LEU F 47 32.95 2.33 -21.96
N LEU F 48 28.87 1.42 -30.80
N LEU F 48 32.01 3.23 -21.64
CA LEU F 48 27.52 1.13 -30.32
CA LEU F 48 30.59 2.94 -21.57
C LEU F 48 26.63 0.63 -31.48
C LEU F 48 30.02 2.49 -22.92
N MET F 49 26.68 1.30 -32.64
N MET F 49 30.36 3.20 -24.01
CA MET F 49 25.91 0.89 -33.81
CA MET F 49 29.92 2.86 -25.37
C MET F 49 26.40 -0.46 -34.35
C MET F 49 30.47 1.51 -25.82
N ALA F 50 27.73 -0.72 -34.24
N ALA F 50 31.73 1.21 -25.46
CA ALA F 50 28.35 -1.98 -34.65
CA ALA F 50 32.42 -0.05 -25.77
C ALA F 50 27.84 -3.14 -33.78
C ALA F 50 31.78 -1.22 -25.02
N ALA F 51 27.76 -2.93 -32.44
N ALA F 51 31.25 -0.95 -23.81
CA ALA F 51 27.27 -3.91 -31.46
CA ALA F 51 30.57 -1.93 -22.98
C ALA F 51 25.74 -4.08 -31.49
C ALA F 51 29.17 -2.16 -23.51
N ARG F 52 24.98 -2.98 -31.76
N ARG F 52 28.47 -1.06 -23.86
CA ARG F 52 23.51 -2.95 -31.82
CA ARG F 52 27.11 -1.03 -24.39
C ARG F 52 22.97 -3.85 -32.95
C ARG F 52 26.99 -1.76 -25.74
N TYR F 53 23.58 -3.82 -34.14
N TYR F 53 28.00 -1.63 -26.62
CA TYR F 53 23.13 -4.61 -35.30
CA TYR F 53 27.94 -2.24 -27.95
C TYR F 53 23.96 -5.91 -35.46
C TYR F 53 28.87 -3.47 -28.08
N GLY F 54 24.75 -6.21 -34.42
N GLY F 54 29.19 -4.08 -26.95
CA GLY F 54 25.55 -7.43 -34.29
CA GLY F 54 29.96 -5.31 -26.80
C GLY F 54 26.59 -7.72 -35.34
C GLY F 54 31.27 -5.46 -27.53
N HIS F 55 27.47 -6.76 -35.62
N HIS F 55 32.16 -4.49 -27.37
CA HIS F 55 28.55 -6.93 -36.59
CA HIS F 55 33.48 -4.54 -28.00
C HIS F 55 29.82 -7.27 -35.79
C HIS F 55 34.49 -4.96 -26.95
N LEU F 56 30.00 -8.57 -35.47
N LEU F 56 34.70 -6.29 -26.85
CA LEU F 56 31.09 -9.12 -34.66
CA LEU F 56 35.58 -6.92 -25.86
C LEU F 56 32.47 -8.70 -35.14
C LEU F 56 37.03 -6.43 -25.96
N ASP F 57 32.77 -8.91 -36.45
N ASP F 57 37.60 -6.38 -27.18
CA ASP F 57 34.06 -8.55 -37.04
CA ASP F 57 38.97 -5.94 -27.45
C ASP F 57 34.32 -7.04 -36.94
C ASP F 57 39.16 -4.46 -27.08
N MET F 58 33.25 -6.22 -37.09
N MET F 58 38.17 -3.63 -27.42
CA MET F 58 33.30 -4.77 -37.00
CA MET F 58 38.15 -2.19 -27.15
C MET F 58 33.56 -4.32 -35.55
C MET F 58 38.09 -1.94 -25.64
N VAL F 59 32.91 -4.98 -34.56
N VAL F 59 37.21 -2.69 -24.93
CA VAL F 59 33.07 -4.66 -33.14
CA VAL F 59 37.03 -2.60 -23.48
C VAL F 59 34.51 -4.92 -32.68
C VAL F 59 38.34 -2.94 -22.76
N GLU F 60 35.05 -6.13 -32.98
N GLU F 60 39.05 -4.02 -23.20
CA GLU F 60 36.39 -6.56 -32.61
CA GLU F 60 40.33 -4.43 -22.64
C GLU F 60 37.48 -5.68 -33.24
C GLU F 60 41.38 -3.32 -22.77
N PHE F 61 37.23 -5.15 -34.46
N PHE F 61 41.51 -2.75 -23.98
CA PHE F 61 38.14 -4.25 -35.17
CA PHE F 61 42.47 -1.68 -24.28
C PHE F 61 38.21 -2.89 -34.47
C PHE F 61 42.24 -0.42 -23.43
N LEU F 62 37.03 -2.32 -34.10
N LEU F 62 40.97 0.03 -23.28
CA LEU F 62 36.90 -1.03 -33.42
CA LEU F 62 40.63 1.23 -22.50
C LEU F 62 37.44 -1.08 -31.98
C LEU F 62 40.98 1.05 -21.03
N LEU F 63 37.42 -2.27 -31.35
N LEU F 63 40.75 -0.15 -20.47
CA LEU F 63 37.95 -2.48 -30.01
CA LEU F 63 41.03 -0.49 -19.07
C LEU F 63 39.49 -2.47 -30.03
C LEU F 63 42.53 -0.64 -18.79
N GLU F 64 40.09 -2.83 -31.19
N GLU F 64 43.31 -1.10 -19.80
CA GLU F 64 41.55 -2.85 -31.38
CA GLU F 64 44.78 -1.24 -19.67
C GLU F 64 42.07 -1.41 -31.60
C GLU F 64 45.45 0.14 -19.68
N GLN F 65 41.34 -0.60 -32.40
N GLN F 65 44.81 1.13 -20.34
CA GLN F 65 41.67 0.79 -32.72
CA GLN F 65 45.29 2.51 -20.44
C GLN F 65 41.64 1.68 -31.47
C GLN F 65 44.91 3.33 -19.20
N CYS F 66 40.71 1.39 -30.54
N CYS F 66 43.63 3.22 -18.75
CA CYS F 66 40.51 2.08 -29.25
CA CYS F 66 43.08 3.90 -17.58
C CYS F 66 39.62 1.22 -28.34
C CYS F 66 41.85 3.16 -17.03
N SER F 67 40.11 0.92 -27.13
N SER F 67 41.86 2.85 -15.73
CA SER F 67 39.40 0.09 -26.15
CA SER F 67 40.78 2.12 -15.04
C SER F 67 38.69 0.95 -25.08
C SER F 67 39.76 3.04 -14.33
N ALA F 68 38.62 2.29 -25.29
N ALA F 68 40.03 4.36 -14.28
CA ALA F 68 38.00 3.24 -24.36
CA ALA F 68 39.19 5.38 -13.62
C ALA F 68 36.50 3.44 -24.62
C ALA F 68 37.71 5.37 -14.06
N SER F 69 36.04 3.27 -25.88
N SER F 69 37.44 5.16 -15.36
CA SER F 69 34.65 3.45 -26.29
CA SER F 69 36.08 5.19 -15.93
C SER F 69 33.72 2.31 -25.80
C SER F 69 35.27 3.87 -15.75
N ILE F 70 34.28 1.22 -25.23
N ILE F 70 35.75 2.92 -14.92
CA ILE F 70 33.57 0.03 -24.73
CA ILE F 70 35.08 1.62 -14.71
C ILE F 70 32.46 0.38 -23.69
C ILE F 70 33.72 1.77 -13.96
N GLU F 71 32.68 1.40 -22.84
N GLU F 71 33.56 2.81 -13.11
CA GLU F 71 31.70 1.78 -21.82
CA GLU F 71 32.32 3.01 -12.34
C GLU F 71 30.94 3.09 -22.16
C GLU F 71 31.59 4.30 -12.74
N VAL F 72 31.18 3.67 -23.35
N VAL F 72 32.09 5.02 -13.77
CA VAL F 72 30.51 4.90 -23.77
CA VAL F 72 31.49 6.27 -14.23
C VAL F 72 29.11 4.59 -24.31
C VAL F 72 30.21 5.98 -15.02
N GLY F 73 28.11 5.21 -23.70
N GLY F 73 29.10 6.51 -14.52
CA GLY F 73 26.70 5.03 -24.05
CA GLY F 73 27.78 6.37 -15.13
C GLY F 73 26.13 6.09 -24.96
C GLY F 73 27.53 7.37 -16.23
N GLY F 74 25.15 5.70 -25.77
N GLY F 74 26.77 6.96 -17.24
CA GLY F 74 24.48 6.60 -26.70
CA GLY F 74 26.44 7.80 -18.37
C GLY F 74 23.07 6.21 -27.07
C GLY F 74 25.16 7.46 -19.12
N SER F 75 22.56 6.81 -28.18
N SER F 75 24.89 8.24 -20.17
CA SER F 75 21.20 6.62 -28.67
CA SER F 75 23.70 8.09 -21.01
C SER F 75 21.05 5.40 -29.59
C SER F 75 23.86 6.98 -22.04
N VAL F 76 20.05 4.55 -29.32
N VAL F 76 22.88 6.07 -22.09
CA VAL F 76 19.71 3.33 -30.09
CA VAL F 76 22.83 4.93 -23.02
C VAL F 76 18.18 3.21 -30.27
C VAL F 76 21.42 4.82 -23.61
N ASN F 77 17.75 2.71 -31.43
N ASN F 77 21.32 4.39 -24.88
CA ASN F 77 16.33 2.55 -31.78
CA ASN F 77 20.01 4.28 -25.55
C ASN F 77 15.87 1.10 -31.69
C ASN F 77 19.58 2.83 -25.76
N PHE F 78 14.73 0.89 -31.01
N PHE F 78 18.32 2.53 -25.38
CA PHE F 78 14.09 -0.41 -30.81
CA PHE F 78 17.65 1.24 -25.49
C PHE F 78 12.57 -0.28 -30.85
C PHE F 78 16.20 1.49 -25.97
N ASP F 79 11.95 -0.91 -31.88
N ASP F 79 15.87 1.04 -27.20
CA ASP F 79 10.51 -0.91 -32.13
CA ASP F 79 14.57 1.19 -27.88
C ASP F 79 9.88 0.53 -32.07
C ASP F 79 14.05 2.65 -27.87
N GLY F 80 10.50 1.45 -32.80
N GLY F 80 14.90 3.57 -28.29
CA GLY F 80 10.07 2.85 -32.92
CA GLY F 80 14.59 4.99 -28.37
C GLY F 80 10.17 3.70 -31.67
C GLY F 80 14.49 5.73 -27.04
N GLU F 81 11.25 3.52 -30.88
N GLU F 81 14.71 5.01 -25.91
CA GLU F 81 11.51 4.28 -29.65
CA GLU F 81 14.66 5.58 -24.57
C GLU F 81 13.02 4.40 -29.44
C GLU F 81 16.08 5.80 -24.05
N THR F 82 13.48 5.54 -28.88
N THR F 82 16.36 7.00 -23.52
CA THR F 82 14.91 5.77 -28.65
CA THR F 82 17.67 7.37 -22.99
C THR F 82 15.24 5.59 -27.16
C THR F 82 17.72 7.08 -21.49
N ILE F 83 16.27 4.77 -26.88
N ILE F 83 18.72 6.29 -21.07
CA ILE F 83 16.81 4.49 -25.56
CA ILE F 83 18.90 5.91 -19.67
C ILE F 83 18.10 5.31 -25.44
C ILE F 83 20.16 6.59 -19.14
N GLU F 84 18.16 6.19 -24.43
N GLU F 84 19.97 7.43 -18.11
CA GLU F 84 19.30 7.08 -24.18
CA GLU F 84 21.02 8.23 -17.47
C GLU F 84 20.37 6.44 -23.29
C GLU F 84 21.71 7.49 -16.31
N GLY F 85 21.63 6.82 -23.55
N GLY F 85 22.97 7.84 -16.07
CA GLY F 85 22.82 6.39 -22.82
CA GLY F 85 23.78 7.31 -14.97
C GLY F 85 23.06 4.90 -22.74
C GLY F 85 24.12 5.84 -15.01
N ALA F 86 22.70 4.17 -23.81
N ALA F 86 23.84 5.16 -16.13
CA ALA F 86 22.86 2.72 -23.86
CA ALA F 86 24.15 3.74 -16.29
C ALA F 86 24.29 2.35 -24.26
C ALA F 86 25.66 3.51 -16.46
N PRO F 87 25.04 1.61 -23.40
N PRO F 87 26.32 2.73 -15.57
CA PRO F 87 26.40 1.19 -23.79
CA PRO F 87 27.77 2.49 -15.71
C PRO F 87 26.36 0.05 -24.82
C PRO F 87 28.09 1.39 -16.75
N PRO F 88 27.46 -0.24 -25.58
N PRO F 88 29.38 1.06 -17.05
CA PRO F 88 27.42 -1.32 -26.57
CA PRO F 88 29.66 0.05 -18.11
C PRO F 88 26.95 -2.67 -26.05
C PRO F 88 29.11 -1.37 -17.84
N LEU F 89 27.34 -3.07 -24.80
N LEU F 89 29.15 -1.85 -16.57
CA LEU F 89 26.90 -4.33 -24.18
CA LEU F 89 28.70 -3.20 -16.22
C LEU F 89 25.38 -4.39 -24.02
C LEU F 89 27.20 -3.38 -16.46
N TRP F 90 24.73 -3.26 -23.63
N TRP F 90 26.38 -2.37 -16.12
CA TRP F 90 23.28 -3.21 -23.46
CA TRP F 90 24.93 -2.40 -16.33
C TRP F 90 22.56 -3.46 -24.79
C TRP F 90 24.59 -2.43 -17.82
N ALA F 91 22.98 -2.78 -25.87
N ALA F 91 25.22 -1.53 -18.62
CA ALA F 91 22.37 -2.85 -27.20
CA ALA F 91 25.00 -1.42 -20.07
C ALA F 91 22.49 -4.25 -27.81
C ALA F 91 25.26 -2.74 -20.79
N ALA F 92 23.63 -4.93 -27.61
N ALA F 92 26.43 -3.37 -20.52
CA ALA F 92 23.89 -6.30 -28.11
CA ALA F 92 26.80 -4.68 -21.08
C ALA F 92 23.03 -7.37 -27.40
C ALA F 92 25.82 -5.80 -20.69
N SER F 93 22.86 -7.24 -26.06
N SER F 93 25.29 -5.75 -19.45
CA SER F 93 22.01 -8.15 -25.27
CA SER F 93 24.31 -6.71 -18.91
C SER F 93 20.53 -7.98 -25.67
C SER F 93 22.98 -6.52 -19.61
N ALA F 94 20.06 -6.71 -25.79
N ALA F 94 22.52 -5.26 -19.74
CA ALA F 94 18.70 -6.32 -26.19
CA ALA F 94 21.26 -4.90 -20.39
C ALA F 94 18.32 -6.82 -27.59
C ALA F 94 21.23 -5.29 -21.88
N ALA F 95 19.26 -6.75 -28.55
N ALA F 95 22.36 -5.11 -22.57
CA ALA F 95 19.05 -7.16 -29.95
CA ALA F 95 22.51 -5.41 -24.00
C ALA F 95 19.32 -8.67 -30.18
C ALA F 95 22.73 -6.90 -24.29
N GLY F 96 19.84 -9.34 -29.15
N GLY F 96 23.35 -7.62 -23.38
CA GLY F 96 20.09 -10.78 -29.18
CA GLY F 96 23.59 -9.05 -23.54
C GLY F 96 21.33 -11.26 -29.88
C GLY F 96 24.97 -9.43 -24.05
N HIS F 97 22.43 -10.49 -29.79
N HIS F 97 26.00 -8.71 -23.57
CA HIS F 97 23.70 -10.85 -30.42
CA HIS F 97 27.38 -9.00 -23.95
C HIS F 97 24.64 -11.47 -29.38
C HIS F 97 28.08 -9.66 -22.77
N LEU F 98 24.49 -12.79 -29.19
N LEU F 98 27.87 -10.99 -22.65
CA LEU F 98 25.23 -13.60 -28.23
CA LEU F 98 28.44 -11.84 -21.59
C LEU F 98 26.75 -13.50 -28.42
C LEU F 98 29.96 -11.66 -21.47
N LYS F 99 27.25 -13.76 -29.65
N LYS F 99 30.67 -11.64 -22.62
CA LYS F 99 28.69 -13.74 -29.96
CA LYS F 99 32.12 -11.46 -22.73
C LYS F 99 29.32 -12.35 -29.72
C LYS F 99 32.61 -10.18 -22.04
N VAL F 100 28.56 -11.26 -29.97
N VAL F 100 31.89 -9.05 -22.24
CA VAL F 100 29.04 -9.89 -29.74
CA VAL F 100 32.25 -7.74 -21.68
C VAL F 100 29.09 -9.63 -28.23
C VAL F 100 31.92 -7.71 -20.17
N VAL F 101 28.09 -10.14 -27.46
N VAL F 101 30.82 -8.37 -19.76
CA VAL F 101 28.02 -10.04 -26.00
CA VAL F 101 30.40 -8.46 -18.35
C VAL F 101 29.24 -10.74 -25.39
C VAL F 101 31.49 -9.16 -17.53
N GLN F 102 29.53 -11.97 -25.88
N GLN F 102 32.00 -10.30 -18.05
CA GLN F 102 30.67 -12.81 -25.47
CA GLN F 102 33.06 -11.11 -17.47
C GLN F 102 32.02 -12.11 -25.75
C GLN F 102 34.37 -10.33 -17.37
N SER F 103 32.10 -11.32 -26.85
N SER F 103 34.67 -9.49 -18.39
CA SER F 103 33.29 -10.58 -27.24
CA SER F 103 35.89 -8.70 -18.46
C SER F 103 33.44 -9.29 -26.42
C SER F 103 35.91 -7.57 -17.44
N LEU F 104 32.34 -8.53 -26.20
N LEU F 104 34.79 -6.84 -17.29
CA LEU F 104 32.36 -7.30 -25.40
CA LEU F 104 34.67 -5.72 -16.35
C LEU F 104 32.81 -7.59 -23.96
C LEU F 104 34.79 -6.21 -14.91
N LEU F 105 32.29 -8.68 -23.36
N LEU F 105 34.12 -7.34 -14.57
CA LEU F 105 32.67 -9.09 -22.00
CA LEU F 105 34.20 -7.96 -13.25
C LEU F 105 34.13 -9.58 -21.93
C LEU F 105 35.63 -8.41 -12.95
N ASN F 106 34.63 -10.22 -23.00
N ASN F 106 36.34 -8.89 -13.99
CA ASN F 106 36.02 -10.70 -23.12
CA ASN F 106 37.76 -9.28 -13.91
C ASN F 106 37.00 -9.52 -23.21
C ASN F 106 38.63 -8.06 -13.63
N HIS F 107 36.52 -8.39 -23.77
N HIS F 107 38.19 -6.85 -14.03
CA HIS F 107 37.32 -7.17 -23.96
CA HIS F 107 38.92 -5.62 -13.80
C HIS F 107 37.19 -6.20 -22.77
C HIS F 107 38.41 -4.88 -12.54
N GLY F 108 36.66 -6.70 -21.65
N GLY F 108 37.71 -5.61 -11.68
CA GLY F 108 36.50 -5.94 -20.42
CA GLY F 108 37.19 -5.14 -10.40
C GLY F 108 35.41 -4.89 -20.47
C GLY F 108 35.98 -4.22 -10.44
N ALA F 109 34.14 -5.35 -20.48
N ALA F 109 35.07 -4.42 -11.41
CA ALA F 109 32.96 -4.49 -20.46
CA ALA F 109 33.86 -3.59 -11.49
C ALA F 109 32.27 -4.65 -19.12
C ALA F 109 32.90 -3.94 -10.37
N SER F 110 31.69 -3.55 -18.59
N SER F 110 32.21 -2.91 -9.84
CA SER F 110 30.99 -3.57 -17.32
CA SER F 110 31.24 -3.04 -8.76
C SER F 110 29.65 -4.30 -17.48
C SER F 110 29.98 -3.75 -9.29
N VAL F 111 29.56 -5.50 -16.88
N VAL F 111 29.75 -4.98 -8.81
CA VAL F 111 28.42 -6.41 -16.91
CA VAL F 111 28.64 -5.84 -9.25
C VAL F 111 27.12 -5.74 -16.36
C VAL F 111 27.26 -5.25 -8.83
N ASN F 112 27.25 -4.78 -15.42
N ASN F 112 27.18 -4.47 -7.72
CA ASN F 112 26.09 -4.10 -14.82
CA ASN F 112 25.92 -3.89 -7.27
C ASN F 112 25.95 -2.64 -15.28
C ASN F 112 25.80 -2.39 -7.64
N ASN F 113 26.66 -2.24 -16.36
N ASN F 113 26.67 -1.89 -8.55
CA ASN F 113 26.56 -0.88 -16.92
CA ASN F 113 26.61 -0.50 -9.01
C ASN F 113 25.20 -0.71 -17.56
C ASN F 113 25.38 -0.31 -9.90
N THR F 114 24.42 0.22 -17.02
N THR F 114 24.54 0.67 -9.55
CA THR F 114 23.03 0.50 -17.36
CA THR F 114 23.29 0.90 -10.26
C THR F 114 22.81 1.66 -18.35
C THR F 114 23.30 2.18 -11.14
N THR F 115 21.55 1.80 -18.83
N THR F 115 22.24 2.32 -11.93
CA THR F 115 21.09 2.90 -19.66
CA THR F 115 21.89 3.49 -12.73
C THR F 115 20.83 4.07 -18.70
C THR F 115 21.25 4.45 -11.71
N LEU F 116 20.29 5.20 -19.20
N LEU F 116 20.98 5.72 -12.09
CA LEU F 116 19.99 6.34 -18.35
CA LEU F 116 20.36 6.68 -11.17
C LEU F 116 18.73 6.07 -17.49
C LEU F 116 18.94 6.25 -10.73
N THR F 117 17.91 5.09 -17.90
N THR F 117 18.32 5.28 -11.46
CA THR F 117 16.70 4.66 -17.19
CA THR F 117 16.98 4.73 -11.14
C THR F 117 17.02 3.45 -16.28
C THR F 117 17.07 3.48 -10.24
N ASN F 118 18.31 3.29 -15.90
N ASN F 118 18.30 3.15 -9.74
CA ASN F 118 18.88 2.27 -15.02
CA ASN F 118 18.62 2.03 -8.84
C ASN F 118 18.59 0.80 -15.49
C ASN F 118 18.42 0.65 -9.50
N SER F 119 18.47 0.59 -16.81
N SER F 119 18.61 0.59 -10.84
CA SER F 119 18.23 -0.75 -17.37
CA SER F 119 18.55 -0.69 -11.58
C SER F 119 19.57 -1.45 -17.59
C SER F 119 19.95 -1.29 -11.53
N THR F 120 19.75 -2.61 -16.94
N THR F 120 20.09 -2.52 -11.04
CA THR F 120 20.97 -3.39 -17.03
CA THR F 120 21.37 -3.23 -10.93
C THR F 120 20.95 -4.28 -18.32
C THR F 120 21.72 -3.95 -12.25
N PRO F 121 22.11 -4.73 -18.88
N PRO F 121 23.00 -4.38 -12.45
CA PRO F 121 22.05 -5.62 -20.07
CA PRO F 121 23.32 -5.16 -13.67
C PRO F 121 21.28 -6.93 -19.81
C PRO F 121 22.48 -6.44 -13.74
N LEU F 122 21.24 -7.38 -18.54
N LEU F 122 22.10 -7.01 -12.59
CA LEU F 122 20.51 -8.56 -18.11
CA LEU F 122 21.26 -8.20 -12.53
C LEU F 122 19.01 -8.37 -18.36
C LEU F 122 19.86 -7.89 -13.04
N ARG F 123 18.48 -7.20 -17.95
N ARG F 123 19.30 -6.72 -12.65
CA ARG F 123 17.08 -6.83 -18.17
CA ARG F 123 17.97 -6.33 -13.08
C ARG F 123 16.80 -6.65 -19.67
C ARG F 123 17.97 -6.02 -14.57
N ALA F 124 17.81 -6.18 -20.44
N ALA F 124 19.11 -5.50 -15.05
CA ALA F 124 17.73 -5.97 -21.88
CA ALA F 124 19.37 -5.16 -16.45
C ALA F 124 17.52 -7.28 -22.63
C ALA F 124 19.30 -6.42 -17.31
N ALA F 125 18.17 -8.36 -22.16
N ALA F 125 20.01 -7.49 -16.88
CA ALA F 125 18.05 -9.69 -22.75
CA ALA F 125 20.06 -8.78 -17.55
C ALA F 125 16.72 -10.33 -22.35
C ALA F 125 18.72 -9.54 -17.53
N CYS F 126 16.23 -9.99 -21.15
N CYS F 126 17.93 -9.35 -16.45
CA CYS F 126 14.98 -10.52 -20.59
CA CYS F 126 16.63 -10.00 -16.26
C CYS F 126 13.74 -10.05 -21.36
C CYS F 126 15.57 -9.48 -17.24
N PHE F 127 13.78 -8.87 -22.00
N PHE F 127 15.64 -8.18 -17.61
CA PHE F 127 12.66 -8.30 -22.76
CA PHE F 127 14.69 -7.50 -18.52
C PHE F 127 12.26 -9.21 -23.94
C PHE F 127 14.54 -8.25 -19.86
N ASP F 128 13.15 -9.37 -24.94
N ASP F 128 15.62 -8.36 -20.68
CA ASP F 128 12.85 -10.18 -26.13
CA ASP F 128 15.56 -9.07 -21.96
C ASP F 128 13.06 -11.68 -25.89
C ASP F 128 15.85 -10.57 -21.80
N GLY F 129 13.65 -12.03 -24.76
N GLY F 129 16.12 -10.99 -20.56
CA GLY F 129 13.85 -13.42 -24.35
CA GLY F 129 16.33 -12.38 -20.20
C GLY F 129 15.07 -14.13 -24.92
C GLY F 129 17.61 -13.02 -20.69
N HIS F 130 16.26 -13.56 -24.72
N HIS F 130 18.76 -12.44 -20.31
CA HIS F 130 17.49 -14.20 -25.20
CA HIS F 130 20.07 -13.00 -20.65
C HIS F 130 18.09 -14.99 -24.03
C HIS F 130 20.46 -13.88 -19.46
N LEU F 131 17.63 -16.25 -23.89
N LEU F 131 20.05 -15.19 -19.50
CA LEU F 131 17.97 -17.20 -22.83
CA LEU F 131 20.27 -16.20 -18.46
C LEU F 131 19.48 -17.46 -22.70
C LEU F 131 21.74 -16.39 -18.08
N GLU F 132 20.17 -17.73 -23.82
N GLU F 132 22.63 -16.50 -19.07
CA GLU F 132 21.61 -18.01 -23.83
CA GLU F 132 24.06 -16.69 -18.84
C GLU F 132 22.41 -16.77 -23.40
C GLU F 132 24.66 -15.50 -18.09
N ILE F 133 21.89 -15.55 -23.63
N ILE F 133 24.16 -14.29 -18.33
CA ILE F 133 22.53 -14.30 -23.22
CA ILE F 133 24.62 -13.09 -17.63
C ILE F 133 22.29 -14.09 -21.71
C ILE F 133 24.04 -13.08 -16.21
N VAL F 134 21.02 -14.32 -21.24
N VAL F 134 22.77 -13.51 -16.05
CA VAL F 134 20.62 -14.26 -19.83
CA VAL F 134 22.10 -13.59 -14.74
C VAL F 134 21.57 -15.15 -19.00
C VAL F 134 22.90 -14.52 -13.82
N LYS F 135 21.77 -16.41 -19.45
N LYS F 135 23.29 -15.71 -14.35
CA LYS F 135 22.66 -17.38 -18.80
CA LYS F 135 24.05 -16.73 -13.63
C LYS F 135 24.08 -16.84 -18.74
C LYS F 135 25.42 -16.22 -13.18
N TYR F 136 24.66 -16.43 -19.91
N TYR F 136 26.18 -15.57 -14.10
CA TYR F 136 26.01 -15.87 -20.05
CA TYR F 136 27.52 -15.05 -13.82
C TYR F 136 26.24 -14.64 -19.15
C TYR F 136 27.49 -13.97 -12.73
N LEU F 137 25.27 -13.70 -19.11
N LEU F 137 26.53 -13.02 -12.81
CA LEU F 137 25.35 -12.49 -18.29
CA LEU F 137 26.36 -11.94 -11.83
C LEU F 137 25.36 -12.83 -16.78
C LEU F 137 26.01 -12.51 -10.46
N VAL F 138 24.45 -13.72 -16.33
N VAL F 138 25.02 -13.43 -10.39
CA VAL F 138 24.37 -14.18 -14.93
CA VAL F 138 24.63 -14.10 -9.14
C VAL F 138 25.67 -14.94 -14.57
C VAL F 138 25.86 -14.88 -8.58
N GLU F 139 26.20 -15.74 -15.53
N GLU F 139 26.65 -15.53 -9.47
CA GLU F 139 27.45 -16.51 -15.41
CA GLU F 139 27.86 -16.25 -9.07
C GLU F 139 28.67 -15.60 -15.24
C GLU F 139 28.96 -15.30 -8.54
N HIS F 140 28.59 -14.36 -15.76
N HIS F 140 28.91 -14.01 -8.95
CA HIS F 140 29.66 -13.37 -15.69
CA HIS F 140 29.89 -13.01 -8.56
C HIS F 140 29.32 -12.26 -14.67
C HIS F 140 29.30 -11.97 -7.57
N LYS F 141 28.58 -12.65 -13.60
N LYS F 141 28.61 -12.49 -6.54
CA LYS F 141 28.16 -11.92 -12.40
CA LYS F 141 28.03 -11.83 -5.36
C LYS F 141 27.23 -10.71 -12.67
C LYS F 141 26.98 -10.72 -5.65
N ALA F 142 26.15 -10.91 -13.45
N ALA F 142 26.28 -10.75 -6.81
CA ALA F 142 25.15 -9.84 -13.61
CA ALA F 142 25.23 -9.75 -7.08
C ALA F 142 24.35 -9.77 -12.31
C ALA F 142 24.05 -9.96 -6.15
N ASP F 143 24.15 -8.55 -11.77
N ASP F 143 23.50 -8.87 -5.60
CA ASP F 143 23.38 -8.34 -10.54
CA ASP F 143 22.38 -8.92 -4.66
C ASP F 143 21.89 -8.50 -10.90
C ASP F 143 21.06 -9.07 -5.40
N LEU F 144 21.29 -9.61 -10.43
N LEU F 144 20.33 -10.15 -5.07
CA LEU F 144 19.90 -10.00 -10.67
CA LEU F 144 19.04 -10.51 -5.67
C LEU F 144 18.85 -9.02 -10.13
C LEU F 144 17.92 -9.54 -5.27
N GLU F 145 19.24 -8.18 -9.15
N GLU F 145 17.98 -8.98 -4.05
CA GLU F 145 18.38 -7.25 -8.43
CA GLU F 145 16.89 -8.16 -3.49
C GLU F 145 18.36 -5.82 -8.98
C GLU F 145 17.06 -6.63 -3.69
N VAL F 146 19.21 -5.51 -9.98
N VAL F 146 18.10 -6.15 -4.37
CA VAL F 146 19.20 -4.17 -10.56
CA VAL F 146 18.22 -4.70 -4.63
C VAL F 146 17.93 -4.02 -11.40
C VAL F 146 17.27 -4.35 -5.79
N SER F 147 17.07 -3.08 -10.99
N SER F 147 16.20 -3.61 -5.45
CA SER F 147 15.81 -2.77 -11.66
CA SER F 147 15.13 -3.19 -6.38
C SER F 147 15.91 -1.42 -12.35
C SER F 147 15.37 -1.78 -6.93
N ASN F 148 15.06 -1.17 -13.36
N ASN F 148 14.69 -1.40 -8.03
CA ASN F 148 15.05 0.09 -14.10
CA ASN F 148 14.78 -0.09 -8.66
C ASN F 148 14.45 1.24 -13.24
C ASN F 148 13.97 0.97 -7.87
N ARG F 149 14.33 2.44 -13.81
N ARG F 149 13.81 2.20 -8.42
CA ARG F 149 13.78 3.62 -13.11
CA ARG F 149 13.08 3.28 -7.72
C ARG F 149 12.38 3.41 -12.54
C ARG F 149 11.59 2.95 -7.47
N HIS F 150 11.57 2.55 -13.18
N HIS F 150 11.03 2.01 -8.24
CA HIS F 150 10.21 2.23 -12.69
CA HIS F 150 9.63 1.59 -8.09
C HIS F 150 10.24 1.19 -11.55
C HIS F 150 9.50 0.37 -7.18
N GLY F 151 11.42 0.62 -11.29
N GLY F 151 10.62 -0.18 -6.73
CA GLY F 151 11.58 -0.41 -10.26
CA GLY F 151 10.61 -1.36 -5.88
C GLY F 151 11.16 -1.78 -10.75
C GLY F 151 10.32 -2.62 -6.67
N HIS F 152 10.94 -1.93 -12.07
N HIS F 152 10.48 -2.54 -8.00
CA HIS F 152 10.57 -3.20 -12.73
CA HIS F 152 10.29 -3.68 -8.90
C HIS F 152 11.82 -4.05 -12.91
C HIS F 152 11.63 -4.43 -8.89
N THR F 153 11.84 -5.24 -12.28
N THR F 153 11.61 -5.68 -8.40
CA THR F 153 13.00 -6.13 -12.30
CA THR F 153 12.81 -6.51 -8.22
C THR F 153 13.00 -7.06 -13.53
C THR F 153 13.14 -7.34 -9.50
N CYS F 154 14.10 -7.82 -13.69
N CYS F 154 14.28 -8.07 -9.49
CA CYS F 154 14.32 -8.82 -14.75
CA CYS F 154 14.75 -8.94 -10.57
C CYS F 154 13.27 -9.92 -14.66
C CYS F 154 13.75 -10.06 -10.82
N LEU F 155 12.97 -10.39 -13.43
N LEU F 155 13.15 -10.59 -9.72
CA LEU F 155 11.96 -11.43 -13.19
CA LEU F 155 12.14 -11.64 -9.80
C LEU F 155 10.59 -10.93 -13.67
C LEU F 155 10.85 -11.13 -10.45
N MET F 156 10.19 -9.72 -13.22
N MET F 156 10.39 -9.92 -10.04
CA MET F 156 8.93 -9.05 -13.58
CA MET F 156 9.18 -9.31 -10.59
C MET F 156 8.71 -8.98 -15.11
C MET F 156 9.28 -9.05 -12.11
N ILE F 157 9.71 -8.52 -15.88
N ILE F 157 10.43 -8.52 -12.59
CA ILE F 157 9.61 -8.36 -17.34
CA ILE F 157 10.61 -8.20 -14.02
C ILE F 157 9.59 -9.74 -18.03
C ILE F 157 10.83 -9.51 -14.85
N SER F 158 10.26 -10.75 -17.47
N SER F 158 11.41 -10.56 -14.24
CA SER F 158 10.23 -12.11 -18.01
CA SER F 158 11.62 -11.86 -14.91
C SER F 158 8.83 -12.70 -17.85
C SER F 158 10.28 -12.52 -15.24
N CYS F 159 8.19 -12.46 -16.69
N CYS F 159 9.30 -12.46 -14.31
CA CYS F 159 6.83 -12.92 -16.39
CA CYS F 159 7.93 -12.97 -14.48
C CYS F 159 5.80 -12.21 -17.27
C CYS F 159 7.18 -12.07 -15.49
N TYR F 160 6.01 -10.90 -17.54
N TYR F 160 7.52 -10.77 -15.53
CA TYR F 160 5.11 -10.09 -18.36
CA TYR F 160 6.91 -9.74 -16.39
C TYR F 160 5.19 -10.46 -19.86
C TYR F 160 7.06 -10.01 -17.87
N LYS F 161 6.35 -10.94 -20.33
N LYS F 161 8.27 -10.37 -18.29
CA LYS F 161 6.56 -11.31 -21.73
CA LYS F 161 8.63 -10.57 -19.68
C LYS F 161 6.42 -12.82 -21.95
C LYS F 161 8.51 -12.03 -20.09
N GLY F 162 5.99 -13.55 -20.93
N GLY F 162 8.16 -12.89 -19.12
CA GLY F 162 5.76 -14.99 -20.94
CA GLY F 162 7.95 -14.32 -19.36
C GLY F 162 6.96 -15.90 -21.17
C GLY F 162 9.20 -15.18 -19.37
N HIS F 163 8.18 -15.42 -20.84
N HIS F 163 10.26 -14.75 -18.66
CA HIS F 163 9.38 -16.26 -21.06
CA HIS F 163 11.51 -15.52 -18.61
C HIS F 163 9.61 -17.16 -19.84
C HIS F 163 11.41 -16.60 -17.53
N LYS F 164 8.92 -18.32 -19.85
N LYS F 164 10.83 -17.76 -17.91
CA LYS F 164 8.91 -19.34 -18.80
CA LYS F 164 10.57 -18.89 -17.01
C LYS F 164 10.30 -19.86 -18.45
C LYS F 164 11.84 -19.49 -16.41
N GLU F 165 11.16 -20.05 -19.46
N GLU F 165 12.89 -19.73 -17.24
CA GLU F 165 12.53 -20.57 -19.30
CA GLU F 165 14.17 -20.32 -16.82
C GLU F 165 13.43 -19.57 -18.57
C GLU F 165 14.98 -19.40 -15.89
N ILE F 166 13.40 -18.30 -18.98
N ILE F 166 14.90 -18.07 -16.11
CA ILE F 166 14.22 -17.24 -18.36
CA ILE F 166 15.59 -17.06 -15.30
C ILE F 166 13.76 -17.02 -16.91
C ILE F 166 14.89 -16.96 -13.94
N ALA F 167 12.44 -17.01 -16.65
N ALA F 167 13.55 -16.95 -13.95
CA ALA F 167 11.88 -16.82 -15.30
CA ALA F 167 12.71 -16.90 -12.75
C ALA F 167 12.31 -17.93 -14.35
C ALA F 167 12.96 -18.14 -11.88
N GLN F 168 12.29 -19.20 -14.82
N GLN F 168 13.09 -19.34 -12.50
CA GLN F 168 12.71 -20.39 -14.09
CA GLN F 168 13.36 -20.60 -11.79
C GLN F 168 14.16 -20.28 -13.67
C GLN F 168 14.72 -20.54 -11.09
N TYR F 169 15.03 -19.92 -14.65
N TYR F 169 15.74 -20.00 -11.78
CA TYR F 169 16.47 -19.74 -14.47
CA TYR F 169 17.10 -19.84 -11.26
C TYR F 169 16.78 -18.67 -13.41
C TYR F 169 17.13 -18.92 -10.04
N LEU F 170 16.10 -17.50 -13.47
N LEU F 170 16.48 -17.73 -10.14
CA LEU F 170 16.28 -16.40 -12.51
CA LEU F 170 16.42 -16.73 -9.06
C LEU F 170 15.83 -16.81 -11.11
C LEU F 170 15.80 -17.32 -7.78
N LEU F 171 14.77 -17.65 -10.99
N LEU F 171 14.64 -17.97 -7.90
CA LEU F 171 14.28 -18.17 -9.71
CA LEU F 171 13.91 -18.63 -6.82
C LEU F 171 15.35 -19.07 -9.10
C LEU F 171 14.74 -19.73 -6.15
N GLU F 172 15.90 -19.99 -9.92
N GLU F 172 15.53 -20.48 -6.96
CA GLU F 172 16.98 -20.92 -9.56
CA GLU F 172 16.42 -21.55 -6.50
C GLU F 172 18.24 -20.19 -9.13
C GLU F 172 17.57 -20.93 -5.69
N LYS F 173 18.55 -19.04 -9.77
N LYS F 173 18.01 -19.72 -6.08
CA LYS F 173 19.74 -18.24 -9.49
CA LYS F 173 19.07 -18.99 -5.42
C LYS F 173 19.53 -17.27 -8.28
C LYS F 173 18.56 -18.19 -4.20
N GLY F 174 18.34 -17.29 -7.70
N GLY F 174 17.29 -18.40 -3.86
CA GLY F 174 18.03 -16.51 -6.50
CA GLY F 174 16.66 -17.81 -2.67
C GLY F 174 17.43 -15.14 -6.67
C GLY F 174 16.11 -16.41 -2.81
N ALA F 175 16.56 -14.95 -7.69
N ALA F 175 15.59 -16.04 -3.99
CA ALA F 175 15.86 -13.68 -7.90
CA ALA F 175 14.96 -14.73 -4.21
C ALA F 175 14.80 -13.53 -6.81
C ALA F 175 13.66 -14.66 -3.40
N ASP F 176 14.58 -12.29 -6.35
N ASP F 176 13.44 -13.54 -2.70
CA ASP F 176 13.63 -11.97 -5.31
CA ASP F 176 12.25 -13.32 -1.86
C ASP F 176 12.22 -11.93 -5.91
C ASP F 176 11.03 -13.05 -2.74
N VAL F 177 11.35 -12.87 -5.50
N VAL F 177 10.11 -14.02 -2.75
CA VAL F 177 9.96 -12.93 -5.99
CA VAL F 177 8.86 -13.98 -3.52
C VAL F 177 9.09 -11.85 -5.35
C VAL F 177 7.79 -13.14 -2.81
N ASN F 178 9.44 -11.43 -4.12
N ASN F 178 7.92 -12.92 -1.51
CA ASN F 178 8.65 -10.47 -3.33
CA ASN F 178 6.91 -12.19 -0.73
C ASN F 178 8.95 -9.01 -3.67
C ASN F 178 7.01 -10.66 -0.85
N ARG F 179 9.94 -8.74 -4.56
N ARG F 179 8.13 -10.15 -1.42
CA ARG F 179 10.26 -7.35 -4.94
CA ARG F 179 8.42 -8.73 -1.55
C ARG F 179 9.04 -6.61 -5.49
C ARG F 179 7.28 -7.95 -2.24
N LYS F 180 8.89 -5.34 -5.09
N LYS F 180 7.09 -6.70 -1.82
CA LYS F 180 7.81 -4.46 -5.54
CA LYS F 180 6.08 -5.83 -2.39
C LYS F 180 8.42 -3.28 -6.32
C LYS F 180 6.75 -4.59 -2.94
N SER F 181 7.74 -2.88 -7.41
N SER F 181 6.32 -4.11 -4.11
CA SER F 181 8.17 -1.75 -8.24
CA SER F 181 6.88 -2.91 -4.73
C SER F 181 7.75 -0.44 -7.56
C SER F 181 6.36 -1.65 -4.00
N VAL F 182 8.11 0.73 -8.16
N VAL F 182 6.83 -0.45 -4.39
CA VAL F 182 7.73 2.07 -7.68
CA VAL F 182 6.40 0.84 -3.80
C VAL F 182 6.19 2.19 -7.64
C VAL F 182 4.87 0.89 -3.79
N LYS F 183 5.48 1.42 -8.50
N LYS F 183 4.27 0.59 -4.95
CA LYS F 183 4.02 1.42 -8.60
CA LYS F 183 2.83 0.53 -5.16
C LYS F 183 3.39 0.28 -7.79
C LYS F 183 2.22 -0.64 -4.35
N GLY F 184 4.22 -0.48 -7.07
N GLY F 184 2.91 -1.78 -4.34
CA GLY F 184 3.79 -1.60 -6.24
CA GLY F 184 2.51 -2.99 -3.64
C GLY F 184 3.55 -2.90 -6.98
C GLY F 184 2.37 -4.18 -4.57
N ASN F 185 3.97 -2.97 -8.26
N ASN F 185 3.08 -4.15 -5.72
CA ASN F 185 3.82 -4.16 -9.09
CA ASN F 185 3.05 -5.23 -6.69
C ASN F 185 4.84 -5.22 -8.67
C ASN F 185 3.90 -6.39 -6.17
N THR F 186 4.41 -6.49 -8.67
N THR F 186 3.46 -7.63 -6.46
CA THR F 186 5.23 -7.66 -8.35
CA THR F 186 4.18 -8.88 -6.16
C THR F 186 5.16 -8.58 -9.58
C THR F 186 4.48 -9.55 -7.50
N ALA F 187 6.00 -9.62 -9.64
N ALA F 187 5.49 -10.46 -7.54
CA ALA F 187 6.02 -10.62 -10.70
CA ALA F 187 5.92 -11.15 -8.76
C ALA F 187 4.73 -11.45 -10.76
C ALA F 187 4.74 -11.74 -9.59
N LEU F 188 4.08 -11.71 -9.59
N LEU F 188 3.66 -12.14 -8.90
CA LEU F 188 2.81 -12.46 -9.50
CA LEU F 188 2.47 -12.74 -9.51
C LEU F 188 1.73 -11.74 -10.30
C LEU F 188 1.60 -11.76 -10.35
N HIS F 189 1.78 -10.41 -10.28
CA HIS F 189 0.91 -9.49 -11.06
C HIS F 189 1.31 -9.53 -12.52
N ASP F 190 2.62 -9.57 -12.79
CA ASP F 190 3.14 -9.64 -14.16
C ASP F 190 2.70 -10.93 -14.81
N CYS F 191 2.71 -12.03 -14.03
CA CYS F 191 2.26 -13.36 -14.42
C CYS F 191 0.81 -13.23 -14.81
N ALA F 192 0.02 -12.59 -13.93
CA ALA F 192 -1.43 -12.36 -14.10
C ALA F 192 -1.74 -11.46 -15.30
N GLU F 193 -0.93 -10.43 -15.55
CA GLU F 193 -1.14 -9.47 -16.65
C GLU F 193 -0.76 -10.08 -18.01
N SER F 194 0.07 -11.14 -18.00
CA SER F 194 0.53 -11.87 -19.18
C SER F 194 -0.32 -13.11 -19.53
N GLY F 195 -0.88 -13.74 -18.51
CA GLY F 195 -1.64 -14.98 -18.66
C GLY F 195 -0.72 -16.17 -18.49
N SER F 196 0.49 -15.91 -17.93
CA SER F 196 1.57 -16.86 -17.66
C SER F 196 1.28 -17.69 -16.40
N LEU F 197 0.35 -18.65 -16.51
CA LEU F 197 -0.06 -19.52 -15.40
C LEU F 197 1.09 -20.42 -14.94
N ASP F 198 1.86 -20.97 -15.89
CA ASP F 198 2.97 -21.87 -15.60
C ASP F 198 4.06 -21.18 -14.77
N ILE F 199 4.36 -19.89 -15.07
CA ILE F 199 5.33 -19.13 -14.27
C ILE F 199 4.71 -18.82 -12.90
N MET F 200 3.40 -18.47 -12.84
CA MET F 200 2.67 -18.23 -11.59
C MET F 200 2.73 -19.46 -10.67
N LYS F 201 2.51 -20.65 -11.24
CA LYS F 201 2.57 -21.93 -10.53
C LYS F 201 3.96 -22.09 -9.89
N MET F 202 5.03 -21.78 -10.66
CA MET F 202 6.42 -21.82 -10.20
C MET F 202 6.61 -20.92 -8.97
N LEU F 203 6.16 -19.64 -9.07
CA LEU F 203 6.23 -18.67 -7.96
C LEU F 203 5.52 -19.19 -6.73
N LEU F 204 4.33 -19.83 -6.91
CA LEU F 204 3.56 -20.39 -5.82
C LEU F 204 4.18 -21.69 -5.26
N MET F 205 5.03 -22.39 -6.06
CA MET F 205 5.72 -23.61 -5.64
C MET F 205 6.82 -23.23 -4.64
N TYR F 206 7.29 -21.96 -4.72
CA TYR F 206 8.27 -21.34 -3.83
C TYR F 206 7.54 -20.41 -2.83
N CYS F 207 6.25 -20.70 -2.54
CA CYS F 207 5.35 -20.00 -1.62
C CYS F 207 5.34 -18.48 -1.90
N ALA F 208 4.51 -18.04 -2.88
CA ALA F 208 4.44 -16.64 -3.27
C ALA F 208 3.34 -15.89 -2.54
N LYS F 209 3.63 -14.63 -2.14
CA LYS F 209 2.67 -13.80 -1.40
C LYS F 209 1.85 -12.93 -2.35
N MET F 210 0.52 -12.93 -2.17
CA MET F 210 -0.46 -12.13 -2.93
C MET F 210 -0.65 -10.77 -2.24
N GLU F 211 -0.31 -9.66 -2.92
CA GLU F 211 -0.50 -8.32 -2.34
C GLU F 211 -1.13 -7.35 -3.35
N LYS F 212 -1.90 -6.35 -2.85
CA LYS F 212 -2.54 -5.34 -3.69
C LYS F 212 -1.49 -4.30 -4.10
N ASP F 213 -1.50 -3.86 -5.36
CA ASP F 213 -0.55 -2.83 -5.83
C ASP F 213 -1.09 -1.42 -5.50
N GLY F 214 -0.53 -0.40 -6.15
CA GLY F 214 -0.91 1.01 -5.98
C GLY F 214 -2.21 1.39 -6.65
N TYR F 215 -2.93 0.39 -7.18
CA TYR F 215 -4.22 0.50 -7.86
C TYR F 215 -5.23 -0.36 -7.08
N GLY F 216 -4.78 -0.91 -5.95
CA GLY F 216 -5.57 -1.79 -5.08
C GLY F 216 -5.94 -3.10 -5.76
N MET F 217 -5.07 -3.53 -6.69
CA MET F 217 -5.26 -4.70 -7.53
C MET F 217 -4.36 -5.84 -7.07
N THR F 218 -4.95 -7.02 -6.86
CA THR F 218 -4.26 -8.25 -6.52
C THR F 218 -4.05 -9.02 -7.84
N PRO F 219 -3.18 -10.08 -7.93
CA PRO F 219 -3.00 -10.79 -9.22
C PRO F 219 -4.31 -11.32 -9.82
N LEU F 220 -5.23 -11.82 -8.97
CA LEU F 220 -6.55 -12.31 -9.37
C LEU F 220 -7.37 -11.21 -10.07
N LEU F 221 -7.41 -10.00 -9.48
CA LEU F 221 -8.13 -8.85 -10.05
C LEU F 221 -7.46 -8.40 -11.33
N SER F 222 -6.10 -8.38 -11.34
CA SER F 222 -5.30 -8.01 -12.51
C SER F 222 -5.63 -8.94 -13.68
N ALA F 223 -5.69 -10.27 -13.42
CA ALA F 223 -6.02 -11.29 -14.41
C ALA F 223 -7.46 -11.14 -14.91
N SER F 224 -8.39 -10.73 -14.02
CA SER F 224 -9.80 -10.57 -14.35
C SER F 224 -10.03 -9.40 -15.30
N VAL F 225 -9.38 -8.24 -15.08
CA VAL F 225 -9.54 -7.06 -15.95
C VAL F 225 -8.74 -7.22 -17.28
N THR F 226 -7.72 -8.09 -17.32
CA THR F 226 -6.93 -8.31 -18.55
C THR F 226 -7.51 -9.52 -19.34
N GLY F 227 -8.60 -10.09 -18.84
CA GLY F 227 -9.32 -11.21 -19.45
C GLY F 227 -8.63 -12.56 -19.43
N HIS F 228 -7.65 -12.77 -18.52
CA HIS F 228 -6.94 -14.05 -18.43
C HIS F 228 -7.68 -14.93 -17.43
N THR F 229 -8.80 -15.54 -17.88
CA THR F 229 -9.70 -16.38 -17.08
C THR F 229 -8.98 -17.65 -16.55
N ASN F 230 -7.96 -18.16 -17.29
CA ASN F 230 -7.21 -19.34 -16.83
C ASN F 230 -6.57 -19.09 -15.46
N ILE F 231 -6.07 -17.86 -15.23
CA ILE F 231 -5.46 -17.46 -13.97
C ILE F 231 -6.56 -17.14 -12.94
N VAL F 232 -7.66 -16.49 -13.40
CA VAL F 232 -8.80 -16.13 -12.55
C VAL F 232 -9.38 -17.39 -11.89
N ASP F 233 -9.69 -18.42 -12.71
CA ASP F 233 -10.26 -19.69 -12.25
C ASP F 233 -9.35 -20.38 -11.26
N PHE F 234 -8.04 -20.28 -11.51
CA PHE F 234 -7.03 -20.88 -10.67
C PHE F 234 -6.96 -20.19 -9.28
N LEU F 235 -6.93 -18.85 -9.25
CA LEU F 235 -6.80 -18.12 -7.99
C LEU F 235 -8.11 -18.07 -7.15
N THR F 236 -9.31 -18.12 -7.79
CA THR F 236 -10.59 -18.13 -7.06
C THR F 236 -10.70 -19.43 -6.27
N HIS F 237 -10.34 -20.56 -6.93
CA HIS F 237 -10.35 -21.91 -6.35
C HIS F 237 -9.36 -22.01 -5.18
N HIS F 238 -8.17 -21.43 -5.36
CA HIS F 238 -7.10 -21.37 -4.37
C HIS F 238 -7.51 -20.53 -3.15
N ALA F 239 -8.12 -19.34 -3.37
CA ALA F 239 -8.56 -18.44 -2.28
C ALA F 239 -9.62 -19.09 -1.36
N GLN F 240 -10.49 -19.94 -1.94
CA GLN F 240 -11.61 -20.60 -1.28
C GLN F 240 -11.32 -21.98 -0.66
N THR F 241 -10.07 -22.48 -0.72
CA THR F 241 -9.69 -23.81 -0.24
C THR F 241 -10.07 -24.04 1.25
N SER F 242 -9.84 -23.06 2.16
CA SER F 242 -10.14 -23.27 3.58
C SER F 242 -11.66 -23.43 3.86
N LYS F 243 -12.53 -22.99 2.91
CA LYS F 243 -13.99 -23.11 3.06
C LYS F 243 -14.50 -24.56 2.85
N THR F 244 -13.63 -25.48 2.37
CA THR F 244 -13.97 -26.89 2.20
C THR F 244 -13.76 -27.66 3.53
N GLU F 245 -13.18 -27.00 4.54
CA GLU F 245 -12.89 -27.59 5.84
C GLU F 245 -14.17 -27.68 6.68
N ARG F 246 -14.51 -28.90 7.10
CA ARG F 246 -15.69 -29.17 7.91
C ARG F 246 -15.54 -28.61 9.33
#